data_4ORG
#
_entry.id   4ORG
#
_cell.length_a   68.023
_cell.length_b   85.471
_cell.length_c   103.274
_cell.angle_alpha   97.90
_cell.angle_beta   107.72
_cell.angle_gamma   91.67
#
_symmetry.space_group_name_H-M   'P 1'
#
loop_
_entity.id
_entity.type
_entity.pdbx_description
1 polymer 'CAP256-VRC26.04 light chain'
2 polymer 'CAP256-VRC26.04 heavy chain'
#
loop_
_entity_poly.entity_id
_entity_poly.type
_entity_poly.pdbx_seq_one_letter_code
_entity_poly.pdbx_strand_id
1 'polypeptide(L)'
;PVLTQPPSVSAAPGQKVTISCSGSSSNIGNNFVSWYQQRPGTAPSLLIYETNKRPSGIPDRFSGSKSATSATLAITGLQT
GDEADYYCATWAASLTSARVFGTGTKVIVSGQPKANPTVTLFPPSSEELQANKATLVCLISDFYPGAVTVAWKADSSPVK
AGVETTTPSKQSNNKYAASSYLSLTPEQWKSHRSYSCQVTHEGSTVEKTVAPTECS
;
L,B,D,F
2 'polypeptide(L)'
;EVQLVESGGGVVQPGKSLRLSCAASQFSFNRYGMHWVRQAPGKGLEWVAAISYDGTDKYHADKVWGRFTISRDNSKNTLY
LQMNSLRAEDTALYYCAKDLREDECEEWWSD(TYS)(TYS)DFGKQLPCRKSRGVAGIFDKWGQGTMVIVSSASTKGPSV
FPLAPSSKSTSGGTAALGCLVKDYFPEPVTVSWNSGALTSGVHTFPAVLQSSGLYSLSSVVTVPSSSLGTQTYICNVNHK
PSNTKVDKRVEPKSCDKGLEVLFQ
;
H,A,C,E
#
# COMPACT_ATOMS: atom_id res chain seq x y z
N VAL A 2 -23.23 -16.20 -18.62
CA VAL A 2 -22.68 -17.44 -19.17
C VAL A 2 -21.88 -17.16 -20.44
N LEU A 3 -20.58 -16.92 -20.28
CA LEU A 3 -19.71 -16.64 -21.41
C LEU A 3 -19.30 -17.95 -22.10
N THR A 4 -19.56 -18.02 -23.40
CA THR A 4 -19.28 -19.24 -24.17
C THR A 4 -18.16 -19.00 -25.17
N GLN A 5 -17.31 -20.02 -25.33
CA GLN A 5 -16.21 -19.96 -26.28
C GLN A 5 -16.22 -21.20 -27.19
N PRO A 6 -15.49 -21.14 -28.31
CA PRO A 6 -15.37 -22.32 -29.17
C PRO A 6 -14.71 -23.49 -28.46
N PRO A 7 -15.25 -24.71 -28.59
CA PRO A 7 -14.61 -25.86 -27.94
C PRO A 7 -13.15 -26.04 -28.33
N SER A 8 -12.87 -26.09 -29.63
CA SER A 8 -11.53 -26.43 -30.13
C SER A 8 -11.03 -25.46 -31.19
N VAL A 9 -9.72 -25.28 -31.23
CA VAL A 9 -9.05 -24.47 -32.24
C VAL A 9 -7.72 -25.13 -32.61
N SER A 10 -7.34 -25.04 -33.88
CA SER A 10 -6.12 -25.68 -34.34
C SER A 10 -5.55 -24.99 -35.56
N ALA A 11 -4.23 -25.02 -35.68
CA ALA A 11 -3.53 -24.36 -36.78
C ALA A 11 -2.08 -24.80 -36.84
N ALA A 12 -1.54 -24.90 -38.04
CA ALA A 12 -0.14 -25.26 -38.23
C ALA A 12 0.76 -24.11 -37.74
N PRO A 13 2.03 -24.42 -37.42
CA PRO A 13 2.96 -23.38 -36.96
C PRO A 13 3.12 -22.23 -37.95
N GLY A 14 2.81 -21.02 -37.51
CA GLY A 14 3.00 -19.83 -38.33
C GLY A 14 1.76 -18.97 -38.46
N GLN A 15 0.70 -19.54 -39.03
CA GLN A 15 -0.51 -18.78 -39.32
C GLN A 15 -1.17 -18.28 -38.04
N LYS A 16 -2.05 -17.29 -38.18
CA LYS A 16 -2.66 -16.62 -37.04
C LYS A 16 -3.93 -17.34 -36.58
N VAL A 17 -4.24 -17.19 -35.29
CA VAL A 17 -5.36 -17.86 -34.66
C VAL A 17 -6.34 -16.83 -34.09
N THR A 18 -7.61 -17.21 -33.98
CA THR A 18 -8.64 -16.33 -33.45
C THR A 18 -9.52 -17.05 -32.45
N ILE A 19 -9.60 -16.51 -31.23
CA ILE A 19 -10.46 -17.04 -30.18
C ILE A 19 -11.36 -15.92 -29.66
N SER A 20 -12.66 -16.22 -29.56
CA SER A 20 -13.64 -15.20 -29.20
C SER A 20 -14.55 -15.64 -28.06
N CYS A 21 -14.85 -14.69 -27.18
CA CYS A 21 -15.88 -14.87 -26.15
C CYS A 21 -17.21 -14.36 -26.69
N SER A 22 -18.23 -14.34 -25.83
CA SER A 22 -19.54 -13.82 -26.21
C SER A 22 -20.47 -13.82 -25.02
N GLY A 23 -21.42 -12.89 -25.02
CA GLY A 23 -22.38 -12.77 -23.95
C GLY A 23 -23.09 -11.43 -23.97
N SER A 24 -23.98 -11.22 -23.00
CA SER A 24 -24.74 -9.98 -22.91
C SER A 24 -23.82 -8.78 -22.70
N SER A 25 -24.34 -7.60 -22.95
CA SER A 25 -23.59 -6.37 -22.75
C SER A 25 -23.34 -6.11 -21.26
N SER A 26 -24.10 -6.80 -20.42
CA SER A 26 -23.97 -6.68 -18.97
C SER A 26 -22.62 -7.22 -18.48
N ASN A 27 -22.18 -8.33 -19.07
CA ASN A 27 -20.94 -8.97 -18.69
C ASN A 27 -19.89 -8.89 -19.80
N ILE A 28 -20.05 -7.93 -20.70
CA ILE A 28 -19.10 -7.71 -21.79
C ILE A 28 -18.86 -6.23 -22.01
N GLY A 29 -19.91 -5.51 -22.39
CA GLY A 29 -19.82 -4.10 -22.70
C GLY A 29 -19.40 -3.25 -21.51
N ASN A 30 -20.14 -3.36 -20.41
CA ASN A 30 -19.90 -2.54 -19.24
C ASN A 30 -18.58 -2.84 -18.54
N ASN A 31 -18.03 -4.03 -18.80
CA ASN A 31 -16.85 -4.52 -18.10
C ASN A 31 -15.63 -4.68 -19.00
N PHE A 32 -14.51 -5.07 -18.41
CA PHE A 32 -13.29 -5.35 -19.14
C PHE A 32 -13.14 -6.84 -19.37
N VAL A 33 -12.11 -7.24 -20.12
CA VAL A 33 -11.91 -8.63 -20.48
C VAL A 33 -10.52 -9.12 -20.07
N SER A 34 -10.49 -10.20 -19.29
CA SER A 34 -9.24 -10.82 -18.89
C SER A 34 -9.04 -12.11 -19.67
N TRP A 35 -7.80 -12.42 -20.01
CA TRP A 35 -7.47 -13.66 -20.71
C TRP A 35 -6.39 -14.42 -19.94
N TYR A 36 -6.48 -15.76 -19.97
CA TYR A 36 -5.56 -16.61 -19.23
C TYR A 36 -5.17 -17.85 -20.03
N GLN A 37 -3.88 -18.17 -20.01
CA GLN A 37 -3.36 -19.37 -20.66
C GLN A 37 -3.09 -20.46 -19.62
N GLN A 38 -3.39 -21.70 -19.99
CA GLN A 38 -3.11 -22.85 -19.13
C GLN A 38 -2.54 -24.00 -19.95
N ARG A 39 -1.22 -24.11 -19.96
CA ARG A 39 -0.56 -25.23 -20.62
C ARG A 39 -0.92 -26.52 -19.89
N PRO A 40 -0.80 -27.67 -20.57
CA PRO A 40 -1.19 -28.94 -19.96
C PRO A 40 -0.43 -29.28 -18.68
N GLY A 41 -1.15 -29.77 -17.69
CA GLY A 41 -0.56 -30.27 -16.46
C GLY A 41 0.15 -29.21 -15.64
N THR A 42 -0.23 -27.95 -15.84
CA THR A 42 0.35 -26.85 -15.07
C THR A 42 -0.68 -25.77 -14.81
N ALA A 43 -0.42 -24.96 -13.79
CA ALA A 43 -1.37 -23.94 -13.35
C ALA A 43 -1.56 -22.86 -14.41
N PRO A 44 -2.69 -22.15 -14.35
CA PRO A 44 -2.95 -21.08 -15.32
C PRO A 44 -1.99 -19.90 -15.18
N SER A 45 -2.09 -18.94 -16.09
CA SER A 45 -1.27 -17.75 -16.05
C SER A 45 -1.95 -16.59 -16.76
N LEU A 46 -1.75 -15.39 -16.26
CA LEU A 46 -2.37 -14.20 -16.85
C LEU A 46 -1.74 -13.86 -18.20
N LEU A 47 -2.58 -13.82 -19.23
CA LEU A 47 -2.13 -13.42 -20.56
C LEU A 47 -2.43 -11.96 -20.82
N ILE A 48 -3.69 -11.57 -20.62
CA ILE A 48 -4.12 -10.20 -20.90
C ILE A 48 -5.17 -9.76 -19.89
N TYR A 49 -4.97 -8.56 -19.35
CA TYR A 49 -5.92 -7.93 -18.44
C TYR A 49 -6.36 -6.59 -19.02
N GLU A 50 -7.46 -6.05 -18.51
CA GLU A 50 -8.02 -4.80 -19.01
C GLU A 50 -8.16 -4.83 -20.53
N THR A 51 -8.67 -5.96 -21.03
CA THR A 51 -8.99 -6.10 -22.45
C THR A 51 -7.75 -6.13 -23.36
N ASN A 52 -6.90 -5.11 -23.26
CA ASN A 52 -5.77 -4.96 -24.18
C ASN A 52 -4.39 -5.16 -23.55
N LYS A 53 -4.18 -4.58 -22.38
CA LYS A 53 -2.85 -4.53 -21.78
C LYS A 53 -2.29 -5.91 -21.40
N ARG A 54 -1.04 -6.14 -21.75
CA ARG A 54 -0.35 -7.40 -21.49
C ARG A 54 0.74 -7.21 -20.44
N PRO A 55 0.80 -8.11 -19.44
CA PRO A 55 1.87 -7.98 -18.45
C PRO A 55 3.23 -8.39 -19.02
N SER A 56 4.30 -8.13 -18.27
CA SER A 56 5.64 -8.42 -18.75
C SER A 56 5.86 -9.92 -18.91
N GLY A 57 6.66 -10.29 -19.91
CA GLY A 57 6.94 -11.68 -20.21
C GLY A 57 6.07 -12.23 -21.32
N ILE A 58 4.97 -11.54 -21.60
CA ILE A 58 4.03 -11.94 -22.65
C ILE A 58 4.36 -11.21 -23.96
N PRO A 59 4.69 -11.97 -25.02
CA PRO A 59 5.02 -11.34 -26.31
C PRO A 59 3.93 -10.44 -26.88
N ASP A 60 4.29 -9.63 -27.87
CA ASP A 60 3.35 -8.71 -28.51
C ASP A 60 2.46 -9.44 -29.52
N ARG A 61 2.67 -10.74 -29.67
CA ARG A 61 1.86 -11.55 -30.57
C ARG A 61 0.43 -11.65 -30.04
N PHE A 62 0.32 -11.83 -28.73
CA PHE A 62 -0.97 -12.01 -28.07
C PHE A 62 -1.75 -10.71 -28.01
N SER A 63 -2.53 -10.44 -29.04
CA SER A 63 -3.32 -9.22 -29.13
C SER A 63 -4.75 -9.44 -28.64
N GLY A 64 -5.23 -8.53 -27.79
CA GLY A 64 -6.58 -8.60 -27.27
C GLY A 64 -7.52 -7.71 -28.06
N SER A 65 -8.81 -7.76 -27.73
CA SER A 65 -9.81 -6.94 -28.41
C SER A 65 -11.14 -6.99 -27.68
N LYS A 66 -12.10 -6.21 -28.15
CA LYS A 66 -13.42 -6.13 -27.52
C LYS A 66 -14.42 -5.49 -28.47
N SER A 67 -15.69 -5.83 -28.29
CA SER A 67 -16.77 -5.24 -29.09
C SER A 67 -18.00 -5.04 -28.21
N ALA A 68 -19.16 -4.92 -28.85
CA ALA A 68 -20.40 -4.70 -28.12
C ALA A 68 -20.75 -5.90 -27.24
N THR A 69 -20.83 -7.07 -27.86
CA THR A 69 -21.26 -8.29 -27.19
C THR A 69 -20.27 -9.44 -27.36
N SER A 70 -19.00 -9.10 -27.58
CA SER A 70 -17.96 -10.12 -27.74
C SER A 70 -16.59 -9.60 -27.33
N ALA A 71 -15.59 -10.47 -27.40
CA ALA A 71 -14.21 -10.11 -27.06
C ALA A 71 -13.27 -11.17 -27.63
N THR A 72 -12.31 -10.74 -28.43
CA THR A 72 -11.47 -11.66 -29.19
C THR A 72 -10.00 -11.64 -28.79
N LEU A 73 -9.44 -12.83 -28.60
CA LEU A 73 -8.02 -13.01 -28.40
C LEU A 73 -7.38 -13.45 -29.72
N ALA A 74 -6.10 -13.13 -29.91
CA ALA A 74 -5.43 -13.46 -31.16
C ALA A 74 -3.96 -13.77 -30.94
N ILE A 75 -3.47 -14.81 -31.60
CA ILE A 75 -2.07 -15.22 -31.51
C ILE A 75 -1.49 -15.34 -32.92
N THR A 76 -0.49 -14.52 -33.22
CA THR A 76 0.03 -14.44 -34.58
C THR A 76 0.83 -15.69 -34.97
N GLY A 77 2.08 -15.77 -34.54
CA GLY A 77 2.93 -16.89 -34.88
C GLY A 77 2.92 -17.96 -33.81
N LEU A 78 2.49 -19.16 -34.16
CA LEU A 78 2.30 -20.21 -33.16
C LEU A 78 3.50 -21.13 -33.01
N GLN A 79 3.93 -21.30 -31.77
CA GLN A 79 4.98 -22.22 -31.38
C GLN A 79 4.36 -23.46 -30.75
N THR A 80 5.16 -24.50 -30.56
CA THR A 80 4.69 -25.71 -29.90
C THR A 80 4.30 -25.43 -28.45
N GLY A 81 4.83 -24.33 -27.91
CA GLY A 81 4.58 -23.97 -26.52
C GLY A 81 3.25 -23.30 -26.30
N ASP A 82 2.76 -22.59 -27.32
CA ASP A 82 1.48 -21.90 -27.21
C ASP A 82 0.33 -22.88 -27.06
N GLU A 83 0.58 -24.13 -27.44
CA GLU A 83 -0.41 -25.19 -27.29
C GLU A 83 -0.87 -25.26 -25.84
N ALA A 84 -2.07 -24.75 -25.58
CA ALA A 84 -2.60 -24.66 -24.23
C ALA A 84 -4.09 -24.32 -24.23
N ASP A 85 -4.68 -24.33 -23.04
CA ASP A 85 -6.07 -23.92 -22.86
C ASP A 85 -6.15 -22.42 -22.68
N TYR A 86 -7.15 -21.78 -23.28
CA TYR A 86 -7.29 -20.33 -23.22
C TYR A 86 -8.70 -19.93 -22.74
N TYR A 87 -8.77 -19.43 -21.52
CA TYR A 87 -10.02 -18.96 -20.93
C TYR A 87 -10.10 -17.43 -20.90
N CYS A 88 -11.32 -16.90 -21.04
CA CYS A 88 -11.56 -15.47 -20.85
C CYS A 88 -12.32 -15.26 -19.53
N ALA A 89 -12.28 -14.05 -19.00
CA ALA A 89 -12.95 -13.75 -17.74
C ALA A 89 -13.40 -12.29 -17.65
N THR A 90 -14.38 -12.05 -16.80
CA THR A 90 -14.91 -10.70 -16.58
C THR A 90 -15.35 -10.57 -15.12
N TRP A 91 -15.29 -9.35 -14.60
CA TRP A 91 -15.56 -9.13 -13.18
C TRP A 91 -16.12 -7.74 -12.89
N ALA A 92 -17.45 -7.63 -12.93
CA ALA A 92 -18.18 -6.38 -12.66
C ALA A 92 -19.66 -6.63 -12.96
N ALA A 93 -20.59 -5.78 -12.51
CA ALA A 93 -20.32 -4.55 -11.77
C ALA A 93 -21.28 -4.42 -10.58
N SER A 94 -21.01 -5.08 -9.46
CA SER A 94 -19.84 -5.93 -9.24
C SER A 94 -20.05 -7.32 -9.83
N LEU A 95 -21.27 -7.82 -9.75
CA LEU A 95 -21.59 -9.15 -10.29
C LEU A 95 -23.08 -9.43 -10.18
N THR A 96 -23.48 -10.60 -10.67
CA THR A 96 -24.85 -11.08 -10.53
C THR A 96 -24.79 -12.60 -10.32
N SER A 97 -25.84 -13.31 -10.70
CA SER A 97 -25.83 -14.77 -10.67
C SER A 97 -25.19 -15.33 -11.94
N ALA A 98 -24.55 -14.46 -12.71
CA ALA A 98 -23.88 -14.86 -13.95
C ALA A 98 -22.57 -15.60 -13.65
N ARG A 99 -22.00 -16.22 -14.68
CA ARG A 99 -20.76 -16.96 -14.55
C ARG A 99 -19.57 -16.00 -14.41
N VAL A 100 -18.37 -16.55 -14.54
CA VAL A 100 -17.14 -15.79 -14.29
C VAL A 100 -16.07 -16.09 -15.35
N PHE A 101 -15.85 -17.37 -15.62
CA PHE A 101 -14.90 -17.81 -16.63
C PHE A 101 -15.61 -18.38 -17.85
N GLY A 102 -14.90 -18.44 -18.97
CA GLY A 102 -15.44 -19.02 -20.18
C GLY A 102 -15.41 -20.53 -20.11
N THR A 103 -16.02 -21.18 -21.10
CA THR A 103 -16.10 -22.64 -21.14
C THR A 103 -14.74 -23.25 -21.44
N GLY A 104 -13.92 -22.50 -22.17
CA GLY A 104 -12.58 -22.96 -22.54
C GLY A 104 -12.41 -22.98 -24.05
N THR A 105 -11.15 -23.08 -24.47
CA THR A 105 -10.82 -23.15 -25.90
C THR A 105 -9.43 -23.73 -26.07
N LYS A 106 -9.37 -24.98 -26.52
CA LYS A 106 -8.11 -25.70 -26.60
C LYS A 106 -7.40 -25.42 -27.93
N VAL A 107 -6.23 -24.80 -27.86
CA VAL A 107 -5.42 -24.51 -29.04
C VAL A 107 -4.39 -25.62 -29.24
N ILE A 108 -4.50 -26.32 -30.37
CA ILE A 108 -3.54 -27.37 -30.71
C ILE A 108 -2.63 -26.92 -31.85
N VAL A 109 -1.32 -26.98 -31.61
CA VAL A 109 -0.33 -26.57 -32.59
C VAL A 109 0.26 -27.79 -33.28
N SER A 110 -0.22 -28.08 -34.49
CA SER A 110 0.19 -29.27 -35.21
C SER A 110 0.03 -29.08 -36.72
N GLY A 111 1.15 -29.13 -37.43
CA GLY A 111 1.14 -29.04 -38.88
C GLY A 111 0.86 -30.38 -39.52
N GLN A 112 0.93 -31.44 -38.72
CA GLN A 112 0.72 -32.80 -39.22
C GLN A 112 -0.71 -32.99 -39.71
N PRO A 113 -0.91 -33.91 -40.67
CA PRO A 113 -2.22 -34.11 -41.30
C PRO A 113 -3.27 -34.68 -40.36
N LYS A 114 -4.51 -34.23 -40.52
CA LYS A 114 -5.60 -34.66 -39.65
C LYS A 114 -6.13 -36.03 -40.04
N ALA A 115 -6.79 -36.69 -39.10
CA ALA A 115 -7.40 -38.00 -39.32
C ALA A 115 -8.81 -38.02 -38.75
N ASN A 116 -9.80 -38.22 -39.60
CA ASN A 116 -11.19 -38.19 -39.15
C ASN A 116 -11.48 -39.30 -38.16
N PRO A 117 -12.46 -39.10 -37.27
CA PRO A 117 -12.80 -40.10 -36.27
C PRO A 117 -13.76 -41.17 -36.79
N THR A 118 -13.51 -42.43 -36.43
CA THR A 118 -14.42 -43.51 -36.75
C THR A 118 -15.35 -43.77 -35.57
N VAL A 119 -16.56 -43.24 -35.65
CA VAL A 119 -17.51 -43.32 -34.55
C VAL A 119 -18.24 -44.66 -34.55
N THR A 120 -18.31 -45.29 -33.39
CA THR A 120 -18.99 -46.56 -33.21
C THR A 120 -19.98 -46.48 -32.04
N LEU A 121 -21.27 -46.53 -32.35
CA LEU A 121 -22.32 -46.44 -31.34
C LEU A 121 -22.95 -47.80 -31.07
N PHE A 122 -23.22 -48.07 -29.79
CA PHE A 122 -23.87 -49.31 -29.38
C PHE A 122 -25.12 -49.02 -28.55
N PRO A 123 -26.20 -49.80 -28.74
CA PRO A 123 -27.38 -49.64 -27.88
C PRO A 123 -27.24 -50.46 -26.60
N PRO A 124 -28.09 -50.20 -25.59
CA PRO A 124 -28.03 -50.96 -24.33
C PRO A 124 -28.28 -52.45 -24.53
N SER A 125 -27.95 -53.25 -23.52
CA SER A 125 -28.12 -54.70 -23.58
C SER A 125 -29.47 -55.11 -23.01
N SER A 126 -29.95 -56.28 -23.45
CA SER A 126 -31.18 -56.85 -22.91
C SER A 126 -31.00 -57.16 -21.43
N GLU A 127 -29.78 -57.57 -21.08
CA GLU A 127 -29.45 -57.94 -19.71
C GLU A 127 -29.49 -56.73 -18.79
N GLU A 128 -29.06 -55.59 -19.32
CA GLU A 128 -28.97 -54.35 -18.54
C GLU A 128 -30.35 -53.76 -18.28
N LEU A 129 -31.20 -53.75 -19.29
CA LEU A 129 -32.55 -53.21 -19.17
C LEU A 129 -33.35 -53.93 -18.08
N GLN A 130 -33.06 -55.21 -17.88
CA GLN A 130 -33.72 -55.99 -16.84
C GLN A 130 -33.09 -55.70 -15.48
N ALA A 131 -31.86 -55.18 -15.50
CA ALA A 131 -31.19 -54.73 -14.29
C ALA A 131 -31.65 -53.32 -13.92
N ASN A 132 -32.66 -52.83 -14.65
CA ASN A 132 -33.30 -51.55 -14.35
C ASN A 132 -32.37 -50.35 -14.58
N LYS A 133 -31.64 -50.38 -15.69
CA LYS A 133 -30.74 -49.29 -16.05
C LYS A 133 -30.51 -49.27 -17.56
N ALA A 134 -29.97 -48.16 -18.08
CA ALA A 134 -29.72 -48.00 -19.50
C ALA A 134 -28.42 -47.25 -19.78
N THR A 135 -27.71 -47.67 -20.82
CA THR A 135 -26.41 -47.09 -21.15
C THR A 135 -26.11 -47.17 -22.66
N LEU A 136 -25.90 -46.00 -23.27
CA LEU A 136 -25.50 -45.90 -24.67
C LEU A 136 -24.01 -45.63 -24.75
N VAL A 137 -23.29 -46.46 -25.50
CA VAL A 137 -21.84 -46.35 -25.58
C VAL A 137 -21.38 -45.90 -26.97
N CYS A 138 -20.88 -44.67 -27.05
CA CYS A 138 -20.35 -44.12 -28.29
C CYS A 138 -18.83 -44.13 -28.24
N LEU A 139 -18.22 -45.01 -29.02
CA LEU A 139 -16.77 -45.17 -29.03
C LEU A 139 -16.14 -44.43 -30.21
N ILE A 140 -15.19 -43.55 -29.91
CA ILE A 140 -14.51 -42.75 -30.92
C ILE A 140 -13.04 -43.15 -30.98
N SER A 141 -12.56 -43.50 -32.18
CA SER A 141 -11.19 -43.99 -32.33
C SER A 141 -10.49 -43.41 -33.55
N ASP A 142 -9.17 -43.55 -33.58
CA ASP A 142 -8.35 -43.16 -34.71
C ASP A 142 -8.65 -41.75 -35.21
N PHE A 143 -8.33 -40.73 -34.41
CA PHE A 143 -8.47 -39.36 -34.89
C PHE A 143 -7.30 -38.48 -34.44
N TYR A 144 -7.20 -37.32 -35.07
CA TYR A 144 -6.07 -36.42 -34.88
C TYR A 144 -6.48 -35.06 -35.45
N PRO A 145 -6.01 -33.95 -34.86
CA PRO A 145 -5.06 -33.70 -33.76
C PRO A 145 -5.59 -34.01 -32.36
N GLY A 146 -6.70 -34.73 -32.26
CA GLY A 146 -7.19 -35.16 -30.96
C GLY A 146 -7.99 -34.10 -30.24
N ALA A 147 -8.91 -33.48 -30.97
CA ALA A 147 -9.80 -32.47 -30.42
C ALA A 147 -11.23 -32.77 -30.82
N VAL A 148 -12.00 -33.29 -29.88
CA VAL A 148 -13.38 -33.71 -30.15
C VAL A 148 -14.35 -32.97 -29.23
N THR A 149 -15.63 -33.08 -29.53
CA THR A 149 -16.68 -32.48 -28.71
C THR A 149 -17.97 -33.24 -28.91
N VAL A 150 -18.17 -34.29 -28.12
CA VAL A 150 -19.33 -35.14 -28.27
C VAL A 150 -20.62 -34.39 -27.97
N ALA A 151 -21.71 -34.79 -28.63
CA ALA A 151 -23.02 -34.21 -28.42
C ALA A 151 -24.10 -35.25 -28.66
N TRP A 152 -24.96 -35.46 -27.67
CA TRP A 152 -26.02 -36.45 -27.76
C TRP A 152 -27.35 -35.80 -28.12
N LYS A 153 -28.16 -36.51 -28.90
CA LYS A 153 -29.46 -36.02 -29.34
C LYS A 153 -30.49 -37.14 -29.35
N ALA A 154 -31.72 -36.80 -28.96
CA ALA A 154 -32.83 -37.75 -28.95
C ALA A 154 -33.98 -37.21 -29.79
N ASP A 155 -34.21 -37.84 -30.95
CA ASP A 155 -35.21 -37.38 -31.89
C ASP A 155 -35.02 -35.89 -32.20
N SER A 156 -33.91 -35.56 -32.84
CA SER A 156 -33.54 -34.19 -33.14
C SER A 156 -33.19 -33.40 -31.88
N SER A 157 -34.10 -33.41 -30.90
CA SER A 157 -33.89 -32.69 -29.66
C SER A 157 -32.59 -33.11 -28.99
N PRO A 158 -31.85 -32.14 -28.40
CA PRO A 158 -30.57 -32.46 -27.74
C PRO A 158 -30.75 -33.01 -26.32
N VAL A 159 -29.73 -33.70 -25.83
CA VAL A 159 -29.73 -34.24 -24.48
C VAL A 159 -28.62 -33.59 -23.66
N LYS A 160 -28.87 -33.39 -22.38
CA LYS A 160 -27.95 -32.67 -21.50
C LYS A 160 -27.46 -33.54 -20.36
N ALA A 161 -28.41 -34.04 -19.56
CA ALA A 161 -28.09 -34.83 -18.38
C ALA A 161 -27.80 -36.28 -18.76
N GLY A 162 -26.91 -36.91 -17.99
CA GLY A 162 -26.57 -38.31 -18.19
C GLY A 162 -25.33 -38.53 -19.01
N VAL A 163 -24.72 -37.43 -19.49
CA VAL A 163 -23.56 -37.53 -20.35
C VAL A 163 -22.27 -37.56 -19.54
N GLU A 164 -21.35 -38.41 -19.96
CA GLU A 164 -20.00 -38.44 -19.39
C GLU A 164 -19.03 -38.75 -20.52
N THR A 165 -18.11 -37.81 -20.75
CA THR A 165 -17.17 -37.90 -21.86
C THR A 165 -15.73 -37.90 -21.37
N THR A 166 -14.99 -38.96 -21.68
CA THR A 166 -13.59 -39.04 -21.33
C THR A 166 -12.75 -38.08 -22.16
N THR A 167 -11.53 -37.83 -21.72
CA THR A 167 -10.61 -36.99 -22.46
C THR A 167 -9.91 -37.81 -23.54
N PRO A 168 -9.60 -37.18 -24.69
CA PRO A 168 -8.82 -37.87 -25.72
C PRO A 168 -7.52 -38.46 -25.20
N SER A 169 -7.06 -39.54 -25.81
CA SER A 169 -5.85 -40.23 -25.39
C SER A 169 -5.14 -40.89 -26.57
N LYS A 170 -3.83 -40.72 -26.64
CA LYS A 170 -3.04 -41.26 -27.74
C LYS A 170 -3.07 -42.79 -27.81
N GLN A 171 -3.19 -43.32 -29.02
CA GLN A 171 -3.15 -44.75 -29.26
C GLN A 171 -1.72 -45.16 -29.61
N SER A 172 -1.56 -46.39 -30.11
CA SER A 172 -0.27 -46.89 -30.53
C SER A 172 0.18 -46.20 -31.81
N ASN A 173 -0.78 -45.88 -32.67
CA ASN A 173 -0.49 -45.27 -33.97
C ASN A 173 -0.47 -43.75 -33.91
N ASN A 174 -0.22 -43.21 -32.72
CA ASN A 174 -0.13 -41.77 -32.50
C ASN A 174 -1.43 -41.02 -32.80
N LYS A 175 -2.52 -41.76 -33.01
CA LYS A 175 -3.83 -41.15 -33.20
C LYS A 175 -4.61 -41.24 -31.89
N TYR A 176 -5.57 -40.32 -31.72
CA TYR A 176 -6.29 -40.20 -30.46
C TYR A 176 -7.59 -41.00 -30.44
N ALA A 177 -8.05 -41.33 -29.23
CA ALA A 177 -9.26 -42.12 -29.04
C ALA A 177 -9.95 -41.74 -27.74
N ALA A 178 -11.27 -41.62 -27.77
CA ALA A 178 -12.05 -41.27 -26.58
C ALA A 178 -13.42 -41.94 -26.63
N SER A 179 -14.04 -42.06 -25.46
CA SER A 179 -15.35 -42.69 -25.34
C SER A 179 -16.32 -41.79 -24.59
N SER A 180 -17.59 -41.86 -24.98
CA SER A 180 -18.63 -41.07 -24.33
C SER A 180 -19.84 -41.95 -24.02
N TYR A 181 -20.28 -41.91 -22.77
CA TYR A 181 -21.43 -42.70 -22.33
C TYR A 181 -22.61 -41.79 -22.01
N LEU A 182 -23.79 -42.18 -22.49
CA LEU A 182 -25.02 -41.49 -22.14
C LEU A 182 -25.86 -42.39 -21.24
N SER A 183 -25.57 -42.35 -19.94
CA SER A 183 -26.33 -43.13 -18.98
C SER A 183 -27.77 -42.62 -18.94
N LEU A 184 -28.70 -43.56 -18.81
CA LEU A 184 -30.12 -43.26 -18.96
C LEU A 184 -30.95 -44.21 -18.11
N THR A 185 -32.24 -43.88 -17.96
CA THR A 185 -33.18 -44.79 -17.32
C THR A 185 -33.96 -45.54 -18.40
N PRO A 186 -34.39 -46.77 -18.11
CA PRO A 186 -35.16 -47.55 -19.10
C PRO A 186 -36.41 -46.81 -19.58
N GLU A 187 -37.00 -45.99 -18.71
CA GLU A 187 -38.21 -45.26 -19.06
C GLU A 187 -37.92 -44.14 -20.05
N GLN A 188 -36.73 -43.55 -19.95
CA GLN A 188 -36.29 -42.53 -20.89
C GLN A 188 -35.91 -43.16 -22.23
N TRP A 189 -35.34 -44.35 -22.17
CA TRP A 189 -34.86 -45.06 -23.35
C TRP A 189 -35.99 -45.52 -24.25
N LYS A 190 -37.13 -45.84 -23.63
CA LYS A 190 -38.30 -46.31 -24.37
C LYS A 190 -39.23 -45.16 -24.77
N SER A 191 -38.83 -43.93 -24.42
CA SER A 191 -39.65 -42.76 -24.69
C SER A 191 -39.40 -42.16 -26.07
N HIS A 192 -38.17 -42.27 -26.55
CA HIS A 192 -37.79 -41.67 -27.84
C HIS A 192 -37.51 -42.73 -28.89
N ARG A 193 -37.76 -42.37 -30.15
CA ARG A 193 -37.55 -43.29 -31.28
C ARG A 193 -36.10 -43.73 -31.39
N SER A 194 -35.19 -42.76 -31.39
CA SER A 194 -33.77 -43.04 -31.56
C SER A 194 -32.91 -42.12 -30.69
N TYR A 195 -31.65 -42.51 -30.53
CA TYR A 195 -30.67 -41.69 -29.83
C TYR A 195 -29.42 -41.57 -30.70
N SER A 196 -28.96 -40.33 -30.88
CA SER A 196 -27.83 -40.05 -31.76
C SER A 196 -26.59 -39.62 -30.98
N CYS A 197 -25.43 -39.87 -31.59
CA CYS A 197 -24.14 -39.49 -31.01
C CYS A 197 -23.36 -38.64 -32.01
N GLN A 198 -23.34 -37.33 -31.76
CA GLN A 198 -22.67 -36.38 -32.64
C GLN A 198 -21.26 -36.08 -32.15
N VAL A 199 -20.26 -36.45 -32.96
CA VAL A 199 -18.86 -36.18 -32.64
C VAL A 199 -18.33 -35.02 -33.47
N THR A 200 -18.01 -33.91 -32.81
CA THR A 200 -17.56 -32.71 -33.49
C THR A 200 -16.04 -32.56 -33.45
N HIS A 201 -15.39 -32.92 -34.55
CA HIS A 201 -13.92 -32.89 -34.65
C HIS A 201 -13.45 -32.12 -35.87
N GLU A 202 -12.79 -30.99 -35.62
CA GLU A 202 -12.28 -30.12 -36.70
C GLU A 202 -13.40 -29.73 -37.65
N GLY A 203 -14.38 -29.01 -37.14
CA GLY A 203 -15.51 -28.57 -37.94
C GLY A 203 -16.43 -29.72 -38.25
N SER A 204 -15.95 -30.66 -39.06
CA SER A 204 -16.78 -31.75 -39.56
C SER A 204 -17.36 -32.58 -38.42
N THR A 205 -18.65 -32.87 -38.53
CA THR A 205 -19.36 -33.66 -37.53
C THR A 205 -19.80 -35.00 -38.10
N VAL A 206 -19.75 -36.04 -37.27
CA VAL A 206 -20.17 -37.38 -37.65
C VAL A 206 -21.23 -37.88 -36.68
N GLU A 207 -22.40 -38.24 -37.19
CA GLU A 207 -23.53 -38.63 -36.36
C GLU A 207 -23.94 -40.09 -36.62
N LYS A 208 -23.76 -40.93 -35.60
CA LYS A 208 -24.29 -42.29 -35.62
C LYS A 208 -25.60 -42.32 -34.84
N THR A 209 -26.44 -43.31 -35.11
CA THR A 209 -27.74 -43.40 -34.43
C THR A 209 -28.20 -44.85 -34.30
N VAL A 210 -28.93 -45.12 -33.22
CA VAL A 210 -29.43 -46.47 -32.94
C VAL A 210 -30.90 -46.45 -32.55
N ALA A 211 -31.52 -47.63 -32.58
CA ALA A 211 -32.92 -47.77 -32.17
C ALA A 211 -33.17 -49.16 -31.60
N PRO A 212 -34.25 -49.31 -30.80
CA PRO A 212 -34.56 -50.63 -30.23
C PRO A 212 -34.96 -51.67 -31.28
N VAL B 2 6.73 -13.68 -6.35
CA VAL B 2 5.48 -14.10 -5.71
C VAL B 2 5.39 -15.62 -5.69
N GLN B 3 4.92 -16.18 -4.58
CA GLN B 3 4.85 -17.63 -4.42
C GLN B 3 3.69 -18.04 -3.52
N LEU B 4 2.75 -18.81 -4.08
CA LEU B 4 1.60 -19.31 -3.34
C LEU B 4 1.68 -20.84 -3.23
N VAL B 5 1.29 -21.35 -2.06
CA VAL B 5 1.33 -22.79 -1.80
C VAL B 5 0.08 -23.24 -1.06
N GLU B 6 -0.71 -24.09 -1.71
CA GLU B 6 -1.94 -24.58 -1.12
C GLU B 6 -1.72 -25.87 -0.33
N SER B 7 -2.65 -26.17 0.58
CA SER B 7 -2.58 -27.38 1.39
C SER B 7 -3.89 -27.62 2.12
N GLY B 8 -4.11 -28.86 2.56
CA GLY B 8 -5.28 -29.22 3.32
C GLY B 8 -6.23 -30.15 2.57
N GLY B 9 -6.00 -30.31 1.28
CA GLY B 9 -6.85 -31.15 0.45
C GLY B 9 -6.72 -32.62 0.77
N GLY B 10 -7.60 -33.43 0.19
CA GLY B 10 -7.58 -34.87 0.41
C GLY B 10 -8.86 -35.54 -0.03
N VAL B 11 -9.13 -36.71 0.53
CA VAL B 11 -10.33 -37.48 0.22
C VAL B 11 -11.29 -37.45 1.41
N VAL B 12 -12.50 -36.94 1.18
CA VAL B 12 -13.51 -36.81 2.24
C VAL B 12 -14.89 -37.15 1.68
N GLN B 13 -15.68 -37.87 2.46
CA GLN B 13 -16.99 -38.32 2.01
C GLN B 13 -17.94 -37.14 1.83
N PRO B 14 -18.97 -37.30 0.97
CA PRO B 14 -19.92 -36.21 0.75
C PRO B 14 -20.74 -35.89 1.99
N GLY B 15 -20.60 -34.68 2.51
CA GLY B 15 -21.28 -34.26 3.71
C GLY B 15 -20.29 -33.80 4.75
N LYS B 16 -19.21 -34.55 4.90
CA LYS B 16 -18.16 -34.20 5.85
C LYS B 16 -17.38 -32.98 5.36
N SER B 17 -16.62 -32.37 6.28
CA SER B 17 -15.98 -31.07 6.02
C SER B 17 -14.47 -31.20 5.80
N LEU B 18 -13.86 -30.09 5.40
CA LEU B 18 -12.40 -30.02 5.20
C LEU B 18 -11.99 -28.55 5.07
N ARG B 19 -10.73 -28.26 5.36
CA ARG B 19 -10.24 -26.87 5.38
C ARG B 19 -8.98 -26.71 4.55
N LEU B 20 -9.03 -25.81 3.57
CA LEU B 20 -7.90 -25.56 2.68
C LEU B 20 -7.16 -24.29 3.08
N SER B 21 -5.83 -24.38 3.11
CA SER B 21 -4.97 -23.24 3.45
C SER B 21 -4.11 -22.87 2.25
N CYS B 22 -3.75 -21.60 2.15
CA CYS B 22 -2.85 -21.11 1.11
C CYS B 22 -1.79 -20.18 1.70
N ALA B 23 -0.56 -20.67 1.76
CA ALA B 23 0.53 -19.91 2.37
C ALA B 23 1.12 -18.91 1.40
N ALA B 24 0.80 -17.64 1.61
CA ALA B 24 1.32 -16.56 0.77
C ALA B 24 2.76 -16.25 1.15
N SER B 25 3.51 -15.72 0.19
CA SER B 25 4.90 -15.37 0.41
C SER B 25 5.45 -14.52 -0.74
N GLN B 26 6.52 -13.78 -0.46
CA GLN B 26 7.22 -12.98 -1.46
C GLN B 26 6.40 -11.79 -1.98
N PHE B 27 5.46 -11.31 -1.18
CA PHE B 27 4.74 -10.07 -1.49
C PHE B 27 3.97 -9.53 -0.30
N SER B 28 3.48 -8.30 -0.42
CA SER B 28 2.71 -7.66 0.64
C SER B 28 1.29 -8.20 0.68
N PHE B 29 1.09 -9.22 1.50
CA PHE B 29 -0.20 -9.91 1.56
C PHE B 29 -1.34 -8.98 1.95
N ASN B 30 -1.09 -8.12 2.92
CA ASN B 30 -2.14 -7.29 3.50
C ASN B 30 -2.72 -6.24 2.54
N ARG B 31 -2.21 -6.19 1.31
CA ARG B 31 -2.60 -5.14 0.36
C ARG B 31 -3.48 -5.65 -0.76
N TYR B 32 -3.28 -6.91 -1.17
CA TYR B 32 -3.97 -7.45 -2.32
C TYR B 32 -5.12 -8.39 -1.94
N GLY B 33 -6.12 -8.46 -2.81
CA GLY B 33 -7.22 -9.38 -2.63
C GLY B 33 -6.81 -10.79 -3.03
N MET B 34 -7.63 -11.77 -2.63
CA MET B 34 -7.33 -13.18 -2.92
C MET B 34 -8.58 -13.93 -3.37
N HIS B 35 -8.37 -14.93 -4.22
CA HIS B 35 -9.47 -15.71 -4.77
C HIS B 35 -9.22 -17.21 -4.65
N TRP B 36 -10.29 -17.98 -4.79
CA TRP B 36 -10.19 -19.43 -4.93
C TRP B 36 -10.81 -19.85 -6.25
N VAL B 37 -10.09 -20.65 -7.02
CA VAL B 37 -10.58 -21.12 -8.32
C VAL B 37 -10.39 -22.62 -8.47
N ARG B 38 -11.50 -23.35 -8.63
CA ARG B 38 -11.47 -24.78 -8.81
C ARG B 38 -11.52 -25.17 -10.28
N GLN B 39 -11.07 -26.39 -10.58
CA GLN B 39 -11.09 -26.90 -11.95
C GLN B 39 -11.25 -28.41 -11.95
N ALA B 40 -12.45 -28.88 -12.26
CA ALA B 40 -12.71 -30.31 -12.33
C ALA B 40 -11.92 -30.93 -13.49
N PRO B 41 -11.24 -32.05 -13.25
CA PRO B 41 -10.46 -32.68 -14.31
C PRO B 41 -11.32 -33.52 -15.27
N GLY B 42 -11.35 -33.26 -16.58
CA GLY B 42 -10.63 -32.19 -17.25
C GLY B 42 -11.61 -31.23 -17.88
N LYS B 43 -12.02 -30.22 -17.12
CA LYS B 43 -13.03 -29.28 -17.57
C LYS B 43 -12.59 -27.84 -17.28
N GLY B 44 -13.49 -26.89 -17.54
CA GLY B 44 -13.15 -25.48 -17.46
C GLY B 44 -12.87 -24.97 -16.05
N LEU B 45 -12.44 -23.71 -15.97
CA LEU B 45 -12.17 -23.07 -14.70
C LEU B 45 -13.46 -22.52 -14.09
N GLU B 46 -13.46 -22.38 -12.76
CA GLU B 46 -14.62 -21.82 -12.06
C GLU B 46 -14.17 -21.13 -10.77
N TRP B 47 -14.34 -19.81 -10.72
CA TRP B 47 -14.02 -19.06 -9.53
C TRP B 47 -15.00 -19.42 -8.41
N VAL B 48 -14.46 -19.71 -7.22
CA VAL B 48 -15.26 -20.10 -6.07
C VAL B 48 -15.62 -18.90 -5.19
N ALA B 49 -14.61 -18.29 -4.58
CA ALA B 49 -14.83 -17.17 -3.67
C ALA B 49 -13.68 -16.16 -3.74
N ALA B 50 -13.97 -14.93 -3.32
CA ALA B 50 -12.98 -13.86 -3.32
C ALA B 50 -13.07 -13.06 -2.02
N ILE B 51 -11.96 -12.42 -1.65
CA ILE B 51 -11.90 -11.62 -0.44
C ILE B 51 -10.95 -10.44 -0.65
N SER B 52 -11.29 -9.30 -0.04
CA SER B 52 -10.48 -8.09 -0.20
C SER B 52 -9.33 -8.06 0.80
N TYR B 53 -8.57 -6.98 0.78
CA TYR B 53 -7.40 -6.81 1.62
C TYR B 53 -7.74 -6.78 3.10
N ASP B 54 -8.82 -6.08 3.45
CA ASP B 54 -9.20 -5.89 4.84
C ASP B 54 -10.12 -7.00 5.36
N GLY B 55 -10.71 -7.75 4.44
CA GLY B 55 -11.64 -8.81 4.81
C GLY B 55 -13.06 -8.31 4.95
N THR B 56 -13.28 -7.05 4.56
CA THR B 56 -14.61 -6.46 4.63
C THR B 56 -15.48 -6.97 3.50
N ASP B 57 -14.85 -7.26 2.36
CA ASP B 57 -15.56 -7.75 1.19
C ASP B 57 -15.47 -9.26 1.08
N LYS B 58 -16.62 -9.90 0.86
CA LYS B 58 -16.68 -11.35 0.66
C LYS B 58 -17.54 -11.68 -0.56
N TYR B 59 -17.00 -12.48 -1.48
CA TYR B 59 -17.72 -12.90 -2.67
C TYR B 59 -17.74 -14.41 -2.78
N HIS B 60 -18.85 -14.96 -3.27
CA HIS B 60 -18.99 -16.40 -3.45
C HIS B 60 -19.87 -16.71 -4.64
N ALA B 61 -19.66 -17.87 -5.25
CA ALA B 61 -20.52 -18.35 -6.32
C ALA B 61 -21.78 -18.96 -5.72
N ASP B 62 -22.88 -18.92 -6.47
CA ASP B 62 -24.17 -19.34 -5.97
C ASP B 62 -24.21 -20.84 -5.65
N LYS B 63 -23.41 -21.64 -6.37
CA LYS B 63 -23.35 -23.07 -6.13
C LYS B 63 -22.60 -23.38 -4.83
N VAL B 64 -21.96 -22.36 -4.26
CA VAL B 64 -21.28 -22.49 -2.98
C VAL B 64 -21.73 -21.36 -2.05
N TRP B 65 -23.00 -20.97 -2.21
CA TRP B 65 -23.54 -19.81 -1.51
C TRP B 65 -23.46 -19.93 0.01
N GLY B 66 -23.94 -21.05 0.54
CA GLY B 66 -24.01 -21.24 1.98
C GLY B 66 -23.35 -22.51 2.46
N ARG B 67 -22.30 -22.93 1.76
CA ARG B 67 -21.57 -24.14 2.13
C ARG B 67 -20.06 -23.92 2.07
N PHE B 68 -19.65 -22.73 1.63
CA PHE B 68 -18.24 -22.37 1.59
C PHE B 68 -18.07 -20.90 1.96
N THR B 69 -17.06 -20.63 2.80
CA THR B 69 -16.78 -19.27 3.23
C THR B 69 -15.28 -19.00 3.19
N ILE B 70 -14.90 -17.96 2.47
CA ILE B 70 -13.51 -17.56 2.35
C ILE B 70 -13.12 -16.68 3.54
N SER B 71 -11.84 -16.75 3.92
CA SER B 71 -11.34 -15.98 5.06
C SER B 71 -9.81 -15.94 5.03
N ARG B 72 -9.23 -14.94 5.68
CA ARG B 72 -7.78 -14.77 5.68
C ARG B 72 -7.25 -14.34 7.04
N ASP B 73 -5.94 -14.55 7.24
CA ASP B 73 -5.26 -14.15 8.44
C ASP B 73 -3.96 -13.43 8.06
N ASN B 74 -4.05 -12.12 7.90
CA ASN B 74 -2.94 -11.30 7.43
C ASN B 74 -1.69 -11.41 8.30
N SER B 75 -1.88 -11.73 9.58
CA SER B 75 -0.77 -11.89 10.49
C SER B 75 0.07 -13.12 10.13
N LYS B 76 -0.57 -14.13 9.56
CA LYS B 76 0.10 -15.36 9.16
C LYS B 76 0.18 -15.51 7.64
N ASN B 77 -0.26 -14.48 6.92
CA ASN B 77 -0.26 -14.49 5.46
C ASN B 77 -0.93 -15.73 4.89
N THR B 78 -1.92 -16.24 5.60
CA THR B 78 -2.61 -17.46 5.20
C THR B 78 -4.03 -17.17 4.75
N LEU B 79 -4.42 -17.77 3.64
CA LEU B 79 -5.79 -17.70 3.14
C LEU B 79 -6.51 -19.00 3.47
N TYR B 80 -7.69 -18.88 4.06
CA TYR B 80 -8.47 -20.05 4.49
C TYR B 80 -9.81 -20.15 3.77
N LEU B 81 -10.16 -21.39 3.40
CA LEU B 81 -11.45 -21.68 2.80
C LEU B 81 -12.10 -22.85 3.52
N GLN B 82 -13.16 -22.55 4.27
CA GLN B 82 -13.85 -23.57 5.06
C GLN B 82 -14.83 -24.35 4.20
N MET B 83 -14.49 -25.60 3.92
CA MET B 83 -15.31 -26.47 3.08
C MET B 83 -16.09 -27.47 3.93
N ASN B 84 -17.35 -27.15 4.20
CA ASN B 84 -18.24 -28.04 4.92
C ASN B 84 -19.50 -28.31 4.13
N SER B 85 -20.14 -29.46 4.39
CA SER B 85 -21.30 -29.91 3.64
C SER B 85 -20.95 -30.08 2.16
N LEU B 86 -19.96 -30.93 1.89
CA LEU B 86 -19.44 -31.12 0.54
C LEU B 86 -20.41 -31.87 -0.35
N ARG B 87 -20.24 -31.70 -1.66
CA ARG B 87 -20.95 -32.48 -2.66
C ARG B 87 -19.94 -33.18 -3.56
N ALA B 88 -20.41 -34.11 -4.37
CA ALA B 88 -19.55 -34.78 -5.34
C ALA B 88 -19.14 -33.82 -6.45
N GLU B 89 -20.04 -32.88 -6.75
CA GLU B 89 -19.79 -31.90 -7.82
C GLU B 89 -18.73 -30.89 -7.42
N ASP B 90 -18.39 -30.85 -6.14
CA ASP B 90 -17.35 -29.94 -5.65
C ASP B 90 -15.96 -30.51 -5.88
N THR B 91 -15.90 -31.76 -6.35
CA THR B 91 -14.62 -32.43 -6.61
C THR B 91 -13.83 -31.67 -7.66
N ALA B 92 -12.65 -31.19 -7.29
CA ALA B 92 -11.80 -30.44 -8.21
C ALA B 92 -10.44 -30.11 -7.60
N LEU B 93 -9.55 -29.59 -8.44
CA LEU B 93 -8.27 -29.04 -8.00
C LEU B 93 -8.46 -27.56 -7.71
N TYR B 94 -8.27 -27.16 -6.46
CA TYR B 94 -8.52 -25.79 -6.06
C TYR B 94 -7.24 -24.94 -6.11
N TYR B 95 -7.27 -23.90 -6.94
CA TYR B 95 -6.14 -22.99 -7.09
C TYR B 95 -6.26 -21.78 -6.17
N CYS B 96 -5.14 -21.38 -5.57
CA CYS B 96 -5.06 -20.14 -4.82
C CYS B 96 -4.59 -19.02 -5.74
N ALA B 97 -5.44 -18.01 -5.92
CA ALA B 97 -5.14 -16.92 -6.86
C ALA B 97 -5.01 -15.59 -6.13
N LYS B 98 -4.20 -14.70 -6.69
CA LYS B 98 -3.97 -13.37 -6.15
C LYS B 98 -4.58 -12.30 -7.05
N ASP B 99 -5.15 -11.26 -6.45
CA ASP B 99 -5.71 -10.16 -7.21
C ASP B 99 -4.60 -9.21 -7.63
N LEU B 100 -4.72 -8.65 -8.83
CA LEU B 100 -3.67 -7.81 -9.40
C LEU B 100 -3.63 -6.42 -8.76
N ARG B 101 -4.80 -5.85 -8.49
CA ARG B 101 -4.89 -4.46 -8.06
C ARG B 101 -4.54 -4.29 -6.59
N GLU B 102 -3.50 -3.51 -6.33
CA GLU B 102 -3.11 -3.12 -4.97
C GLU B 102 -4.18 -2.21 -4.39
N ASP B 103 -4.91 -2.69 -3.39
CA ASP B 103 -6.06 -1.97 -2.88
C ASP B 103 -5.66 -0.90 -1.87
N GLU B 104 -6.40 0.21 -1.86
CA GLU B 104 -6.16 1.30 -0.93
C GLU B 104 -7.47 2.00 -0.60
N CYS B 105 -7.58 2.50 0.64
CA CYS B 105 -8.80 3.17 1.08
C CYS B 105 -8.72 4.68 0.86
N GLU B 106 -9.87 5.28 0.55
CA GLU B 106 -9.93 6.73 0.29
C GLU B 106 -10.68 7.45 1.40
N GLU B 107 -11.94 7.08 1.61
CA GLU B 107 -12.79 7.76 2.58
C GLU B 107 -13.01 6.92 3.85
N TRP B 108 -12.73 7.53 5.00
CA TRP B 108 -13.03 6.91 6.30
C TRP B 108 -14.24 7.63 6.91
N TRP B 109 -14.96 6.94 7.80
CA TRP B 109 -16.26 7.42 8.26
C TRP B 109 -16.20 8.67 9.13
N SER B 110 -15.25 8.69 10.07
CA SER B 110 -15.16 9.76 11.07
C SER B 110 -16.44 9.84 11.91
N ASP B 111 -16.94 8.68 12.31
CA ASP B 111 -18.16 8.59 13.13
C ASP B 111 -17.96 7.67 14.31
N ASP B 114 -13.37 5.26 17.49
CA ASP B 114 -12.41 6.24 18.05
C ASP B 114 -11.18 5.53 18.59
N PHE B 115 -10.88 4.35 18.04
CA PHE B 115 -9.66 3.60 18.35
C PHE B 115 -9.57 3.14 19.81
N GLY B 116 -10.44 2.21 20.22
CA GLY B 116 -11.57 1.71 19.45
C GLY B 116 -11.31 1.19 18.05
N LYS B 117 -10.17 0.51 17.87
CA LYS B 117 -9.68 0.13 16.54
C LYS B 117 -10.76 -0.53 15.67
N GLN B 118 -11.07 -0.01 14.48
CA GLN B 118 -10.53 1.24 13.91
C GLN B 118 -11.64 1.99 13.18
N LEU B 119 -11.45 2.22 11.88
CA LEU B 119 -12.48 2.79 11.02
C LEU B 119 -12.51 2.03 9.69
N PRO B 120 -13.68 1.50 9.30
CA PRO B 120 -13.74 0.83 8.00
C PRO B 120 -13.77 1.84 6.85
N CYS B 121 -13.60 1.36 5.62
CA CYS B 121 -13.51 2.24 4.45
C CYS B 121 -14.85 2.34 3.72
N ARG B 122 -15.12 3.52 3.17
CA ARG B 122 -16.32 3.74 2.38
C ARG B 122 -16.10 3.28 0.94
N LYS B 123 -15.17 3.96 0.26
CA LYS B 123 -14.92 3.73 -1.15
C LYS B 123 -13.48 3.29 -1.41
N SER B 124 -13.19 2.03 -1.11
CA SER B 124 -11.89 1.45 -1.44
C SER B 124 -11.84 1.14 -2.93
N ARG B 125 -10.65 0.88 -3.44
CA ARG B 125 -10.49 0.55 -4.86
C ARG B 125 -11.21 -0.76 -5.21
N GLY B 126 -11.29 -1.66 -4.24
CA GLY B 126 -11.97 -2.92 -4.44
C GLY B 126 -11.19 -3.86 -5.33
N VAL B 127 -11.56 -5.14 -5.31
CA VAL B 127 -10.90 -6.13 -6.15
C VAL B 127 -11.12 -5.81 -7.63
N ALA B 128 -10.15 -6.15 -8.46
CA ALA B 128 -10.22 -5.92 -9.89
C ALA B 128 -10.75 -7.14 -10.63
N GLY B 129 -10.51 -8.32 -10.06
CA GLY B 129 -10.95 -9.57 -10.65
C GLY B 129 -9.93 -10.15 -11.61
N ILE B 130 -8.68 -9.73 -11.47
CA ILE B 130 -7.59 -10.21 -12.31
C ILE B 130 -6.72 -11.19 -11.53
N PHE B 131 -6.66 -12.43 -11.99
CA PHE B 131 -5.88 -13.47 -11.33
C PHE B 131 -4.48 -13.57 -11.95
N ASP B 132 -3.56 -12.75 -11.45
CA ASP B 132 -2.23 -12.63 -12.07
C ASP B 132 -1.30 -13.77 -11.65
N LYS B 133 -1.28 -14.08 -10.35
CA LYS B 133 -0.40 -15.10 -9.81
C LYS B 133 -1.19 -16.28 -9.27
N TRP B 134 -0.78 -17.48 -9.67
CA TRP B 134 -1.47 -18.71 -9.29
C TRP B 134 -0.54 -19.63 -8.51
N GLY B 135 -1.14 -20.57 -7.78
CA GLY B 135 -0.40 -21.66 -7.16
C GLY B 135 -0.59 -22.90 -8.02
N GLN B 136 0.00 -24.02 -7.59
CA GLN B 136 -0.18 -25.29 -8.31
C GLN B 136 -1.48 -25.97 -7.89
N GLY B 137 -2.09 -25.47 -6.81
CA GLY B 137 -3.39 -25.94 -6.37
C GLY B 137 -3.32 -27.15 -5.46
N THR B 138 -4.45 -27.46 -4.83
CA THR B 138 -4.58 -28.62 -3.96
C THR B 138 -5.85 -29.39 -4.32
N MET B 139 -5.73 -30.70 -4.43
CA MET B 139 -6.84 -31.53 -4.89
C MET B 139 -7.82 -31.85 -3.77
N VAL B 140 -9.12 -31.76 -4.09
CA VAL B 140 -10.18 -32.13 -3.17
C VAL B 140 -11.08 -33.17 -3.81
N ILE B 141 -11.14 -34.35 -3.21
CA ILE B 141 -11.89 -35.47 -3.76
C ILE B 141 -13.09 -35.81 -2.88
N VAL B 142 -14.29 -35.58 -3.41
CA VAL B 142 -15.52 -35.92 -2.73
C VAL B 142 -16.26 -37.02 -3.48
N SER B 143 -16.25 -38.22 -2.93
CA SER B 143 -16.83 -39.38 -3.60
C SER B 143 -17.54 -40.30 -2.63
N SER B 144 -18.80 -40.63 -2.94
CA SER B 144 -19.56 -41.59 -2.16
C SER B 144 -19.31 -43.00 -2.70
N ALA B 145 -18.03 -43.36 -2.82
CA ALA B 145 -17.64 -44.62 -3.44
C ALA B 145 -16.57 -45.35 -2.64
N SER B 146 -16.58 -46.67 -2.77
CA SER B 146 -15.53 -47.52 -2.22
C SER B 146 -15.37 -48.71 -3.16
N THR B 147 -14.77 -49.79 -2.68
CA THR B 147 -14.52 -50.94 -3.54
C THR B 147 -15.83 -51.60 -3.97
N LYS B 148 -16.01 -51.72 -5.29
CA LYS B 148 -17.18 -52.38 -5.86
C LYS B 148 -16.79 -53.11 -7.14
N GLY B 149 -17.48 -54.22 -7.43
CA GLY B 149 -17.18 -55.02 -8.59
C GLY B 149 -17.88 -54.55 -9.85
N PRO B 150 -17.30 -54.85 -11.04
CA PRO B 150 -17.87 -54.42 -12.32
C PRO B 150 -19.02 -55.29 -12.80
N SER B 151 -20.11 -54.66 -13.25
CA SER B 151 -21.21 -55.37 -13.88
C SER B 151 -20.96 -55.47 -15.39
N VAL B 152 -20.55 -56.64 -15.85
CA VAL B 152 -20.24 -56.85 -17.25
C VAL B 152 -21.48 -57.07 -18.10
N PHE B 153 -21.49 -56.49 -19.30
CA PHE B 153 -22.62 -56.64 -20.20
C PHE B 153 -22.18 -56.83 -21.65
N PRO B 154 -23.02 -57.49 -22.47
CA PRO B 154 -22.65 -57.73 -23.87
C PRO B 154 -22.63 -56.47 -24.70
N LEU B 155 -22.34 -56.63 -25.99
CA LEU B 155 -22.34 -55.52 -26.93
C LEU B 155 -22.80 -56.05 -28.29
N ALA B 156 -23.02 -55.15 -29.23
CA ALA B 156 -23.63 -55.53 -30.51
C ALA B 156 -22.58 -55.80 -31.59
N PRO B 157 -22.99 -56.44 -32.70
CA PRO B 157 -22.13 -56.61 -33.87
C PRO B 157 -22.37 -55.52 -34.91
N SER B 158 -21.48 -54.53 -34.97
CA SER B 158 -21.66 -53.38 -35.87
C SER B 158 -20.59 -53.34 -36.96
N SER B 159 -20.95 -52.74 -38.09
CA SER B 159 -20.03 -52.61 -39.22
C SER B 159 -20.25 -51.28 -39.93
N GLY B 165 -16.23 -52.22 -37.63
CA GLY B 165 -15.45 -52.70 -38.77
C GLY B 165 -16.25 -53.59 -39.69
N THR B 166 -16.13 -54.90 -39.49
CA THR B 166 -16.82 -55.87 -40.33
C THR B 166 -16.77 -57.29 -39.73
N ALA B 167 -17.29 -57.51 -38.52
CA ALA B 167 -18.00 -56.50 -37.71
C ALA B 167 -17.20 -56.16 -36.46
N ALA B 168 -17.81 -55.38 -35.56
CA ALA B 168 -17.16 -54.95 -34.33
C ALA B 168 -17.96 -55.33 -33.09
N LEU B 169 -17.34 -56.14 -32.22
CA LEU B 169 -17.98 -56.60 -31.00
C LEU B 169 -17.24 -56.09 -29.76
N GLY B 170 -17.88 -56.18 -28.60
CA GLY B 170 -17.25 -55.78 -27.37
C GLY B 170 -18.02 -56.22 -26.14
N CYS B 171 -17.65 -55.68 -24.98
CA CYS B 171 -18.39 -55.91 -23.75
C CYS B 171 -18.14 -54.75 -22.79
N LEU B 172 -19.18 -54.35 -22.07
CA LEU B 172 -19.14 -53.15 -21.23
C LEU B 172 -18.83 -53.46 -19.77
N VAL B 173 -17.76 -52.86 -19.26
CA VAL B 173 -17.41 -52.94 -17.85
C VAL B 173 -18.05 -51.76 -17.12
N LYS B 174 -19.04 -52.04 -16.27
CA LYS B 174 -19.87 -50.99 -15.69
C LYS B 174 -19.75 -50.86 -14.17
N ASP B 175 -19.71 -49.62 -13.69
CA ASP B 175 -19.77 -49.27 -12.28
C ASP B 175 -18.84 -50.09 -11.37
N TYR B 176 -17.54 -49.83 -11.46
CA TYR B 176 -16.56 -50.48 -10.59
C TYR B 176 -15.65 -49.45 -9.94
N PHE B 177 -14.88 -49.90 -8.95
CA PHE B 177 -13.94 -49.04 -8.26
C PHE B 177 -13.10 -49.90 -7.30
N PRO B 178 -11.81 -49.59 -7.16
CA PRO B 178 -10.98 -48.65 -7.91
C PRO B 178 -10.19 -49.39 -8.99
N GLU B 179 -9.43 -48.65 -9.80
CA GLU B 179 -8.61 -49.28 -10.81
C GLU B 179 -7.52 -50.13 -10.15
N PRO B 180 -6.88 -51.04 -10.92
CA PRO B 180 -7.06 -51.31 -12.35
C PRO B 180 -8.04 -52.43 -12.67
N VAL B 181 -8.52 -52.44 -13.91
CA VAL B 181 -9.35 -53.51 -14.43
C VAL B 181 -8.81 -53.96 -15.78
N THR B 182 -8.34 -55.21 -15.84
CA THR B 182 -7.76 -55.75 -17.06
C THR B 182 -8.78 -56.57 -17.83
N VAL B 183 -8.77 -56.44 -19.15
CA VAL B 183 -9.68 -57.17 -20.03
C VAL B 183 -8.93 -57.91 -21.12
N SER B 184 -9.29 -59.18 -21.33
CA SER B 184 -8.72 -59.98 -22.40
C SER B 184 -9.84 -60.69 -23.16
N TRP B 185 -9.48 -61.41 -24.21
CA TRP B 185 -10.47 -62.06 -25.07
C TRP B 185 -10.08 -63.51 -25.39
N ASN B 186 -11.05 -64.41 -25.29
CA ASN B 186 -10.84 -65.83 -25.56
C ASN B 186 -9.60 -66.38 -24.86
N SER B 187 -9.49 -66.07 -23.57
CA SER B 187 -8.41 -66.59 -22.74
C SER B 187 -7.04 -66.18 -23.27
N GLY B 188 -6.90 -64.92 -23.66
CA GLY B 188 -5.63 -64.40 -24.13
C GLY B 188 -5.16 -65.01 -25.43
N ALA B 189 -6.04 -65.74 -26.09
CA ALA B 189 -5.72 -66.34 -27.39
C ALA B 189 -5.87 -65.30 -28.51
N LEU B 190 -6.78 -64.35 -28.30
CA LEU B 190 -7.08 -63.34 -29.31
C LEU B 190 -6.61 -61.95 -28.88
N THR B 191 -5.34 -61.66 -29.10
CA THR B 191 -4.85 -60.29 -29.06
C THR B 191 -4.66 -59.85 -30.51
N SER B 192 -5.51 -58.93 -30.95
CA SER B 192 -5.71 -58.64 -32.37
C SER B 192 -7.01 -57.90 -32.55
N GLY B 193 -7.05 -56.95 -33.49
CA GLY B 193 -8.24 -56.17 -33.77
C GLY B 193 -8.93 -55.70 -32.51
N VAL B 194 -8.12 -55.53 -31.45
CA VAL B 194 -8.61 -55.22 -30.12
C VAL B 194 -8.33 -53.77 -29.80
N HIS B 195 -9.29 -53.11 -29.15
CA HIS B 195 -9.12 -51.74 -28.72
C HIS B 195 -9.84 -51.53 -27.39
N THR B 196 -9.06 -51.41 -26.32
CA THR B 196 -9.60 -51.18 -24.99
C THR B 196 -9.53 -49.70 -24.65
N PHE B 197 -10.69 -49.05 -24.63
CA PHE B 197 -10.75 -47.61 -24.37
C PHE B 197 -10.47 -47.28 -22.91
N PRO B 198 -10.13 -46.02 -22.62
CA PRO B 198 -9.92 -45.62 -21.21
C PRO B 198 -11.22 -45.60 -20.42
N ALA B 199 -11.15 -45.84 -19.12
CA ALA B 199 -12.34 -45.84 -18.28
C ALA B 199 -12.89 -44.43 -18.10
N VAL B 200 -13.87 -44.27 -17.22
CA VAL B 200 -14.50 -42.97 -16.98
C VAL B 200 -14.41 -42.51 -15.53
N LEU B 201 -14.78 -41.25 -15.32
CA LEU B 201 -14.92 -40.68 -13.98
C LEU B 201 -16.35 -40.18 -13.80
N GLN B 202 -17.23 -41.08 -13.38
CA GLN B 202 -18.64 -40.75 -13.20
C GLN B 202 -18.84 -39.66 -12.17
N SER B 203 -20.02 -39.04 -12.21
CA SER B 203 -20.38 -38.04 -11.21
C SER B 203 -20.43 -38.67 -9.82
N SER B 204 -20.72 -39.97 -9.77
CA SER B 204 -20.77 -40.71 -8.52
C SER B 204 -19.40 -41.30 -8.18
N GLY B 205 -18.41 -41.02 -9.01
CA GLY B 205 -17.04 -41.37 -8.70
C GLY B 205 -16.67 -42.82 -9.00
N LEU B 206 -17.55 -43.52 -9.72
CA LEU B 206 -17.33 -44.92 -10.09
C LEU B 206 -16.70 -45.02 -11.49
N TYR B 207 -15.88 -46.05 -11.70
CA TYR B 207 -15.18 -46.25 -12.96
C TYR B 207 -15.93 -47.20 -13.90
N SER B 208 -15.73 -47.03 -15.20
CA SER B 208 -16.33 -47.89 -16.21
C SER B 208 -15.60 -47.74 -17.54
N LEU B 209 -15.17 -48.86 -18.10
CA LEU B 209 -14.46 -48.86 -19.38
C LEU B 209 -15.20 -49.71 -20.42
N SER B 210 -14.68 -49.69 -21.64
CA SER B 210 -15.24 -50.47 -22.74
C SER B 210 -14.12 -50.96 -23.65
N SER B 211 -14.28 -52.18 -24.14
CA SER B 211 -13.28 -52.80 -25.02
C SER B 211 -13.93 -53.37 -26.27
N VAL B 212 -13.76 -52.68 -27.39
CA VAL B 212 -14.33 -53.10 -28.66
C VAL B 212 -13.36 -54.04 -29.38
N VAL B 213 -13.90 -54.89 -30.25
CA VAL B 213 -13.11 -55.86 -30.99
C VAL B 213 -13.67 -56.01 -32.39
N THR B 214 -12.80 -55.85 -33.39
CA THR B 214 -13.21 -55.87 -34.79
C THR B 214 -12.74 -57.15 -35.48
N VAL B 215 -13.70 -58.02 -35.81
CA VAL B 215 -13.40 -59.37 -36.31
C VAL B 215 -14.13 -59.68 -37.60
N PRO B 216 -13.67 -60.73 -38.32
CA PRO B 216 -14.35 -61.22 -39.52
C PRO B 216 -15.84 -61.49 -39.30
N SER B 217 -16.68 -60.83 -40.10
CA SER B 217 -18.12 -60.99 -39.99
C SER B 217 -18.57 -62.41 -40.36
N SER B 218 -17.73 -63.10 -41.11
CA SER B 218 -18.05 -64.46 -41.57
C SER B 218 -17.94 -65.48 -40.44
N SER B 219 -17.07 -65.20 -39.48
CA SER B 219 -16.79 -66.15 -38.39
C SER B 219 -17.75 -65.99 -37.21
N LEU B 220 -18.63 -64.99 -37.29
CA LEU B 220 -19.55 -64.70 -36.19
C LEU B 220 -20.44 -65.90 -35.83
N GLY B 221 -21.16 -66.41 -36.83
CA GLY B 221 -22.05 -67.53 -36.61
C GLY B 221 -21.32 -68.78 -36.14
N THR B 222 -20.04 -68.88 -36.48
CA THR B 222 -19.23 -70.04 -36.15
C THR B 222 -18.38 -69.81 -34.90
N GLN B 223 -17.42 -68.90 -35.01
CA GLN B 223 -16.51 -68.62 -33.91
C GLN B 223 -17.20 -67.81 -32.81
N THR B 224 -17.10 -68.30 -31.58
CA THR B 224 -17.70 -67.63 -30.43
C THR B 224 -16.64 -66.83 -29.66
N TYR B 225 -17.01 -65.62 -29.25
CA TYR B 225 -16.09 -64.71 -28.58
C TYR B 225 -16.52 -64.45 -27.13
N ILE B 226 -15.60 -64.69 -26.21
CA ILE B 226 -15.89 -64.60 -24.78
C ILE B 226 -15.03 -63.54 -24.09
N CYS B 227 -15.67 -62.47 -23.63
CA CYS B 227 -14.98 -61.36 -22.97
C CYS B 227 -14.50 -61.75 -21.57
N ASN B 228 -13.19 -61.74 -21.38
CA ASN B 228 -12.61 -62.01 -20.07
C ASN B 228 -12.29 -60.72 -19.34
N VAL B 229 -13.07 -60.44 -18.30
CA VAL B 229 -12.85 -59.28 -17.45
C VAL B 229 -12.17 -59.70 -16.15
N ASN B 230 -11.45 -58.77 -15.51
CA ASN B 230 -10.78 -59.06 -14.25
C ASN B 230 -10.61 -57.81 -13.38
N HIS B 231 -11.10 -57.91 -12.15
CA HIS B 231 -11.01 -56.82 -11.17
C HIS B 231 -10.41 -57.35 -9.87
N LYS B 232 -9.08 -57.33 -9.79
CA LYS B 232 -8.36 -57.95 -8.68
C LYS B 232 -8.69 -57.36 -7.31
N PRO B 233 -8.83 -56.02 -7.21
CA PRO B 233 -9.20 -55.41 -5.93
C PRO B 233 -10.44 -56.01 -5.27
N SER B 234 -11.45 -56.35 -6.08
CA SER B 234 -12.67 -56.98 -5.56
C SER B 234 -12.65 -58.49 -5.76
N ASN B 235 -11.53 -59.01 -6.26
CA ASN B 235 -11.36 -60.44 -6.50
C ASN B 235 -12.45 -61.01 -7.40
N THR B 236 -12.88 -60.19 -8.37
CA THR B 236 -13.95 -60.57 -9.29
C THR B 236 -13.41 -60.86 -10.68
N LYS B 237 -13.74 -62.04 -11.20
CA LYS B 237 -13.44 -62.40 -12.58
C LYS B 237 -14.74 -62.69 -13.31
N VAL B 238 -14.80 -62.32 -14.58
CA VAL B 238 -16.00 -62.52 -15.37
C VAL B 238 -15.63 -62.97 -16.78
N ASP B 239 -16.37 -63.95 -17.28
CA ASP B 239 -16.18 -64.45 -18.65
C ASP B 239 -17.50 -64.34 -19.41
N LYS B 240 -17.72 -63.18 -20.04
CA LYS B 240 -18.98 -62.91 -20.74
C LYS B 240 -18.93 -63.35 -22.20
N ARG B 241 -19.87 -64.21 -22.58
CA ARG B 241 -19.97 -64.68 -23.95
C ARG B 241 -20.86 -63.74 -24.77
N VAL B 242 -20.29 -63.11 -25.79
CA VAL B 242 -21.02 -62.14 -26.61
C VAL B 242 -21.66 -62.82 -27.82
N GLU B 243 -22.96 -62.60 -27.98
CA GLU B 243 -23.73 -63.18 -29.09
C GLU B 243 -24.39 -62.07 -29.91
N PRO B 244 -24.67 -62.33 -31.19
CA PRO B 244 -25.26 -61.28 -32.02
C PRO B 244 -26.69 -60.92 -31.60
N VAL C 2 23.30 8.36 -19.13
CA VAL C 2 24.25 7.28 -19.39
C VAL C 2 24.91 7.47 -20.75
N LEU C 3 26.18 7.89 -20.73
CA LEU C 3 26.91 8.16 -21.96
C LEU C 3 27.31 6.86 -22.66
N THR C 4 27.11 6.83 -23.97
CA THR C 4 27.36 5.63 -24.76
C THR C 4 28.57 5.80 -25.68
N GLN C 5 29.37 4.74 -25.78
CA GLN C 5 30.50 4.72 -26.71
C GLN C 5 30.42 3.46 -27.58
N PRO C 6 31.08 3.50 -28.75
CA PRO C 6 31.19 2.28 -29.56
C PRO C 6 31.89 1.16 -28.79
N PRO C 7 31.39 -0.09 -28.88
CA PRO C 7 32.02 -1.18 -28.13
C PRO C 7 33.50 -1.36 -28.44
N SER C 8 33.88 -1.20 -29.71
CA SER C 8 35.27 -1.40 -30.10
C SER C 8 35.58 -0.82 -31.46
N VAL C 9 36.80 -0.30 -31.60
CA VAL C 9 37.32 0.18 -32.87
C VAL C 9 38.72 -0.40 -33.05
N SER C 10 39.21 -0.43 -34.28
CA SER C 10 40.54 -0.94 -34.55
C SER C 10 41.15 -0.33 -35.81
N ALA C 11 42.47 -0.39 -35.91
CA ALA C 11 43.18 0.18 -37.04
C ALA C 11 44.61 -0.31 -37.08
N ALA C 12 45.24 -0.19 -38.24
CA ALA C 12 46.64 -0.55 -38.38
C ALA C 12 47.52 0.54 -37.79
N PRO C 13 48.80 0.22 -37.50
CA PRO C 13 49.73 1.23 -36.98
C PRO C 13 49.82 2.46 -37.87
N GLY C 14 49.83 3.64 -37.25
CA GLY C 14 50.01 4.89 -37.98
C GLY C 14 48.70 5.56 -38.39
N GLN C 15 47.62 4.79 -38.41
CA GLN C 15 46.33 5.31 -38.86
C GLN C 15 45.67 6.18 -37.80
N LYS C 16 44.52 6.76 -38.16
CA LYS C 16 43.75 7.61 -37.27
C LYS C 16 42.52 6.87 -36.75
N VAL C 17 41.97 7.34 -35.63
CA VAL C 17 40.80 6.71 -35.01
C VAL C 17 39.93 7.74 -34.33
N THR C 18 38.61 7.52 -34.38
CA THR C 18 37.63 8.41 -33.78
C THR C 18 36.71 7.67 -32.82
N ILE C 19 36.74 8.07 -31.56
CA ILE C 19 35.86 7.51 -30.54
C ILE C 19 34.81 8.53 -30.15
N SER C 20 33.56 8.11 -30.11
CA SER C 20 32.45 9.01 -29.82
C SER C 20 31.86 8.75 -28.44
N CYS C 21 31.39 9.82 -27.81
CA CYS C 21 30.75 9.73 -26.49
C CYS C 21 29.48 10.57 -26.51
N SER C 22 28.34 9.93 -26.74
CA SER C 22 27.08 10.62 -26.92
C SER C 22 26.21 10.61 -25.66
N GLY C 23 25.37 11.63 -25.53
CA GLY C 23 24.48 11.76 -24.39
C GLY C 23 23.68 13.06 -24.44
N SER C 24 22.82 13.27 -23.45
CA SER C 24 22.03 14.48 -23.38
C SER C 24 22.89 15.68 -23.03
N SER C 25 22.40 16.89 -23.32
CA SER C 25 23.15 18.10 -23.05
C SER C 25 23.25 18.36 -21.54
N SER C 26 22.45 17.62 -20.76
CA SER C 26 22.48 17.74 -19.31
C SER C 26 23.82 17.24 -18.74
N ASN C 27 24.33 16.16 -19.32
CA ASN C 27 25.60 15.57 -18.90
C ASN C 27 26.63 15.59 -20.03
N ILE C 28 26.51 16.60 -20.90
CA ILE C 28 27.47 16.83 -21.96
C ILE C 28 27.67 18.33 -22.17
N GLY C 29 26.58 19.03 -22.43
CA GLY C 29 26.63 20.45 -22.70
C GLY C 29 27.02 21.27 -21.49
N ASN C 30 26.42 20.97 -20.35
CA ASN C 30 26.64 21.75 -19.13
C ASN C 30 27.93 21.36 -18.40
N ASN C 31 28.45 20.17 -18.71
CA ASN C 31 29.65 19.66 -18.05
C ASN C 31 30.82 19.53 -19.03
N PHE C 32 32.00 19.26 -18.47
CA PHE C 32 33.20 19.04 -19.28
C PHE C 32 33.39 17.56 -19.53
N VAL C 33 34.31 17.22 -20.43
CA VAL C 33 34.58 15.83 -20.79
C VAL C 33 36.02 15.46 -20.45
N SER C 34 36.20 14.33 -19.78
CA SER C 34 37.53 13.83 -19.44
C SER C 34 37.65 12.37 -19.87
N TRP C 35 38.80 12.03 -20.46
CA TRP C 35 39.03 10.71 -20.99
C TRP C 35 40.10 9.97 -20.20
N TYR C 36 40.04 8.64 -20.23
CA TYR C 36 40.97 7.80 -19.47
C TYR C 36 41.40 6.56 -20.24
N GLN C 37 42.68 6.23 -20.15
CA GLN C 37 43.25 5.07 -20.83
C GLN C 37 43.51 3.95 -19.83
N GLN C 38 43.00 2.75 -20.13
CA GLN C 38 43.24 1.59 -19.28
C GLN C 38 43.81 0.44 -20.09
N ARG C 39 45.13 0.26 -19.98
CA ARG C 39 45.81 -0.85 -20.64
C ARG C 39 45.51 -2.16 -19.91
N PRO C 40 45.71 -3.30 -20.59
CA PRO C 40 45.39 -4.60 -20.00
C PRO C 40 46.13 -4.90 -18.70
N GLY C 41 45.39 -5.38 -17.70
CA GLY C 41 45.98 -5.83 -16.45
C GLY C 41 46.70 -4.74 -15.67
N THR C 42 46.19 -3.53 -15.77
CA THR C 42 46.78 -2.39 -15.06
C THR C 42 45.74 -1.29 -14.85
N ALA C 43 46.01 -0.42 -13.88
CA ALA C 43 45.08 0.63 -13.50
C ALA C 43 44.90 1.66 -14.62
N PRO C 44 43.77 2.37 -14.63
CA PRO C 44 43.55 3.44 -15.60
C PRO C 44 44.51 4.62 -15.40
N SER C 45 44.38 5.62 -16.26
CA SER C 45 45.19 6.83 -16.15
C SER C 45 44.52 7.98 -16.90
N LEU C 46 44.77 9.20 -16.45
CA LEU C 46 44.14 10.38 -17.03
C LEU C 46 44.73 10.72 -18.40
N LEU C 47 43.90 10.63 -19.44
CA LEU C 47 44.31 11.05 -20.77
C LEU C 47 43.97 12.51 -20.99
N ILE C 48 42.68 12.82 -20.93
CA ILE C 48 42.18 14.15 -21.21
C ILE C 48 41.33 14.68 -20.06
N TYR C 49 41.46 15.97 -19.77
CA TYR C 49 40.59 16.64 -18.82
C TYR C 49 40.21 18.00 -19.40
N GLU C 50 39.14 18.61 -18.90
CA GLU C 50 38.66 19.88 -19.41
C GLU C 50 38.44 19.79 -20.93
N THR C 51 37.88 18.68 -21.37
CA THR C 51 37.52 18.46 -22.78
C THR C 51 38.75 18.34 -23.69
N ASN C 52 39.62 19.35 -23.69
CA ASN C 52 40.75 19.40 -24.61
C ASN C 52 42.13 19.30 -23.96
N LYS C 53 42.25 19.82 -22.75
CA LYS C 53 43.56 19.91 -22.08
C LYS C 53 44.14 18.53 -21.77
N ARG C 54 45.43 18.37 -22.05
CA ARG C 54 46.16 17.14 -21.73
C ARG C 54 47.21 17.41 -20.66
N PRO C 55 47.35 16.51 -19.69
CA PRO C 55 48.43 16.70 -18.70
C PRO C 55 49.79 16.38 -19.30
N SER C 56 50.86 16.63 -18.56
CA SER C 56 52.20 16.34 -19.04
C SER C 56 52.39 14.82 -19.12
N GLY C 57 53.17 14.38 -20.11
CA GLY C 57 53.42 12.96 -20.31
C GLY C 57 52.51 12.36 -21.37
N ILE C 58 51.48 13.11 -21.76
CA ILE C 58 50.54 12.69 -22.79
C ILE C 58 50.90 13.32 -24.13
N PRO C 59 51.21 12.50 -25.14
CA PRO C 59 51.53 13.05 -26.46
C PRO C 59 50.41 13.88 -27.07
N ASP C 60 50.76 14.72 -28.05
CA ASP C 60 49.78 15.60 -28.68
C ASP C 60 48.95 14.87 -29.73
N ARG C 61 49.07 13.55 -29.79
CA ARG C 61 48.29 12.74 -30.73
C ARG C 61 46.86 12.56 -30.25
N PHE C 62 46.69 12.55 -28.93
CA PHE C 62 45.38 12.38 -28.31
C PHE C 62 44.66 13.71 -28.16
N SER C 63 44.06 14.19 -29.24
CA SER C 63 43.33 15.46 -29.22
C SER C 63 41.87 15.23 -28.82
N GLY C 64 41.33 16.13 -28.01
CA GLY C 64 39.96 16.03 -27.54
C GLY C 64 39.02 16.97 -28.28
N SER C 65 37.73 16.68 -28.22
CA SER C 65 36.71 17.50 -28.86
C SER C 65 35.38 17.37 -28.14
N LYS C 66 34.44 18.25 -28.48
CA LYS C 66 33.14 18.28 -27.81
C LYS C 66 32.11 18.97 -28.70
N SER C 67 30.84 18.62 -28.48
CA SER C 67 29.74 19.24 -29.21
C SER C 67 28.51 19.34 -28.32
N ALA C 68 27.36 19.61 -28.93
CA ALA C 68 26.12 19.79 -28.19
C ALA C 68 25.73 18.55 -27.41
N THR C 69 25.68 17.41 -28.10
CA THR C 69 25.21 16.16 -27.52
C THR C 69 26.27 15.06 -27.54
N SER C 70 27.42 15.33 -28.16
CA SER C 70 28.48 14.35 -28.28
C SER C 70 29.81 14.86 -27.72
N ALA C 71 30.77 13.95 -27.62
CA ALA C 71 32.11 14.30 -27.16
C ALA C 71 33.12 13.34 -27.78
N THR C 72 34.00 13.88 -28.62
CA THR C 72 34.86 13.06 -29.46
C THR C 72 36.31 13.05 -28.98
N LEU C 73 36.93 11.87 -29.08
CA LEU C 73 38.36 11.70 -28.85
C LEU C 73 39.02 11.25 -30.16
N ALA C 74 40.16 11.87 -30.47
CA ALA C 74 40.89 11.57 -31.71
C ALA C 74 42.31 11.13 -31.44
N ILE C 75 42.66 9.95 -31.95
CA ILE C 75 43.99 9.38 -31.76
C ILE C 75 44.67 9.16 -33.11
N THR C 76 45.70 9.93 -33.38
CA THR C 76 46.46 9.81 -34.63
C THR C 76 47.76 9.04 -34.37
N GLY C 77 48.28 8.41 -35.41
CA GLY C 77 49.53 7.68 -35.32
C GLY C 77 49.50 6.62 -34.23
N LEU C 78 48.83 5.51 -34.51
CA LEU C 78 48.64 4.46 -33.52
C LEU C 78 49.83 3.53 -33.40
N GLN C 79 49.93 2.86 -32.25
CA GLN C 79 50.93 1.82 -32.03
C GLN C 79 50.41 0.78 -31.05
N THR C 80 51.12 -0.33 -30.94
CA THR C 80 50.69 -1.43 -30.07
C THR C 80 50.59 -0.99 -28.62
N GLY C 81 51.33 0.06 -28.26
CA GLY C 81 51.28 0.58 -26.91
C GLY C 81 49.97 1.25 -26.60
N ASP C 82 49.40 1.92 -27.60
CA ASP C 82 48.15 2.65 -27.44
C ASP C 82 46.97 1.71 -27.22
N GLU C 83 47.15 0.44 -27.56
CA GLU C 83 46.09 -0.54 -27.43
C GLU C 83 45.63 -0.64 -25.99
N ALA C 84 44.39 -0.18 -25.75
CA ALA C 84 43.82 -0.15 -24.40
C ALA C 84 42.34 0.19 -24.45
N ASP C 85 41.69 0.15 -23.28
CA ASP C 85 40.29 0.55 -23.16
C ASP C 85 40.20 2.05 -22.91
N TYR C 86 39.24 2.71 -23.56
CA TYR C 86 39.08 4.15 -23.46
C TYR C 86 37.69 4.55 -23.00
N TYR C 87 37.62 5.21 -21.84
CA TYR C 87 36.36 5.70 -21.29
C TYR C 87 36.34 7.22 -21.29
N CYS C 88 35.13 7.79 -21.32
CA CYS C 88 34.94 9.22 -21.11
C CYS C 88 34.15 9.41 -19.82
N ALA C 89 34.20 10.62 -19.26
CA ALA C 89 33.52 10.88 -17.98
C ALA C 89 32.89 12.27 -17.95
N THR C 90 31.84 12.39 -17.14
CA THR C 90 31.11 13.65 -16.98
C THR C 90 30.77 13.85 -15.51
N TRP C 91 30.58 15.12 -15.13
CA TRP C 91 30.32 15.46 -13.73
C TRP C 91 29.38 16.67 -13.63
N LEU C 95 26.45 16.20 -9.22
CA LEU C 95 25.77 15.58 -10.34
C LEU C 95 24.25 15.75 -10.22
N THR C 96 23.51 14.94 -10.96
CA THR C 96 22.05 14.95 -10.91
C THR C 96 21.50 13.53 -11.08
N SER C 97 21.91 12.64 -10.17
CA SER C 97 21.44 11.26 -10.16
C SER C 97 21.76 10.51 -11.46
N ALA C 98 22.69 11.06 -12.24
CA ALA C 98 23.10 10.43 -13.50
C ALA C 98 24.43 9.70 -13.29
N ARG C 99 24.78 8.86 -14.26
CA ARG C 99 26.03 8.10 -14.19
C ARG C 99 27.23 9.00 -14.46
N VAL C 100 28.42 8.40 -14.42
CA VAL C 100 29.67 9.15 -14.55
C VAL C 100 30.49 8.70 -15.76
N PHE C 101 30.83 7.42 -15.80
CA PHE C 101 31.73 6.88 -16.82
C PHE C 101 31.01 6.37 -18.06
N GLY C 102 31.78 5.93 -19.04
CA GLY C 102 31.27 5.40 -20.30
C GLY C 102 31.26 3.88 -20.30
N THR C 103 31.08 3.29 -21.49
CA THR C 103 30.86 1.86 -21.60
C THR C 103 32.10 0.94 -21.49
N GLY C 104 33.24 1.24 -22.12
CA GLY C 104 33.48 2.37 -23.00
C GLY C 104 33.85 1.91 -24.39
N THR C 105 35.15 1.87 -24.68
CA THR C 105 35.64 1.53 -26.02
C THR C 105 36.99 0.80 -25.99
N LYS C 106 37.02 -0.38 -26.60
CA LYS C 106 38.24 -1.18 -26.67
C LYS C 106 38.95 -0.99 -28.01
N VAL C 107 40.04 -0.23 -27.98
CA VAL C 107 40.83 0.05 -29.19
C VAL C 107 41.94 -0.98 -29.38
N ILE C 108 41.86 -1.72 -30.49
CA ILE C 108 42.86 -2.74 -30.82
C ILE C 108 43.68 -2.32 -32.02
N VAL C 109 45.01 -2.34 -31.86
CA VAL C 109 45.93 -1.93 -32.92
C VAL C 109 46.63 -3.13 -33.51
N SER C 110 46.22 -3.52 -34.72
CA SER C 110 46.85 -4.62 -35.43
C SER C 110 46.51 -4.55 -36.92
N GLY C 111 47.54 -4.51 -37.75
CA GLY C 111 47.36 -4.46 -39.19
C GLY C 111 47.25 -5.82 -39.82
N GLN C 112 47.27 -6.87 -39.01
CA GLN C 112 47.18 -8.23 -39.50
C GLN C 112 45.83 -8.49 -40.17
N PRO C 113 45.74 -9.55 -40.99
CA PRO C 113 44.53 -9.84 -41.76
C PRO C 113 43.28 -9.98 -40.91
N LYS C 114 42.19 -9.36 -41.34
CA LYS C 114 40.90 -9.52 -40.67
C LYS C 114 40.47 -10.98 -40.74
N ALA C 115 39.49 -11.37 -39.92
CA ALA C 115 39.01 -12.75 -39.91
C ALA C 115 37.56 -12.83 -39.45
N ASN C 116 36.75 -13.59 -40.19
CA ASN C 116 35.34 -13.72 -39.88
C ASN C 116 35.09 -14.75 -38.77
N PRO C 117 34.08 -14.49 -37.92
CA PRO C 117 33.78 -15.43 -36.83
C PRO C 117 32.90 -16.60 -37.28
N THR C 118 33.16 -17.78 -36.71
CA THR C 118 32.36 -18.97 -36.97
C THR C 118 31.39 -19.21 -35.81
N VAL C 119 30.18 -18.67 -35.95
CA VAL C 119 29.17 -18.82 -34.90
C VAL C 119 28.57 -20.22 -34.93
N THR C 120 28.19 -20.71 -33.75
CA THR C 120 27.54 -22.01 -33.64
C THR C 120 26.58 -21.99 -32.45
N LEU C 121 25.28 -22.01 -32.75
CA LEU C 121 24.25 -21.96 -31.71
C LEU C 121 23.66 -23.34 -31.44
N PHE C 122 23.25 -23.57 -30.20
CA PHE C 122 22.62 -24.83 -29.80
C PHE C 122 21.35 -24.56 -28.99
N PRO C 123 20.33 -25.42 -29.15
CA PRO C 123 19.12 -25.29 -28.32
C PRO C 123 19.24 -26.07 -27.01
N PRO C 124 18.34 -25.79 -26.04
CA PRO C 124 18.37 -26.56 -24.79
C PRO C 124 17.81 -27.96 -24.99
N SER C 125 18.51 -28.97 -24.48
CA SER C 125 18.06 -30.34 -24.59
C SER C 125 16.79 -30.57 -23.79
N SER C 126 16.06 -31.63 -24.10
CA SER C 126 14.86 -31.99 -23.36
C SER C 126 15.23 -32.47 -21.97
N GLU C 127 16.44 -33.01 -21.84
CA GLU C 127 16.94 -33.49 -20.56
C GLU C 127 17.02 -32.36 -19.56
N GLU C 128 17.50 -31.21 -20.02
CA GLU C 128 17.63 -30.02 -19.18
C GLU C 128 16.26 -29.41 -18.89
N LEU C 129 15.37 -29.45 -19.88
CA LEU C 129 14.03 -28.90 -19.72
C LEU C 129 13.24 -29.67 -18.67
N GLN C 130 13.61 -30.92 -18.46
CA GLN C 130 13.00 -31.73 -17.41
C GLN C 130 13.58 -31.37 -16.04
N ALA C 131 14.75 -30.74 -16.05
CA ALA C 131 15.38 -30.24 -14.83
C ALA C 131 14.88 -28.84 -14.49
N ASN C 132 13.84 -28.41 -15.20
CA ASN C 132 13.21 -27.12 -14.96
C ASN C 132 14.16 -25.93 -15.16
N LYS C 133 15.03 -26.07 -16.16
CA LYS C 133 15.95 -25.00 -16.54
C LYS C 133 16.14 -24.98 -18.05
N ALA C 134 16.67 -23.88 -18.56
CA ALA C 134 16.90 -23.73 -20.00
C ALA C 134 18.14 -22.87 -20.25
N THR C 135 18.94 -23.26 -21.23
CA THR C 135 20.18 -22.56 -21.56
C THR C 135 20.50 -22.65 -23.04
N LEU C 136 20.85 -21.50 -23.62
CA LEU C 136 21.17 -21.41 -25.05
C LEU C 136 22.66 -21.09 -25.24
N VAL C 137 23.41 -22.09 -25.69
CA VAL C 137 24.86 -21.95 -25.86
C VAL C 137 25.20 -21.45 -27.26
N CYS C 138 25.77 -20.25 -27.33
CA CYS C 138 26.22 -19.66 -28.58
C CYS C 138 27.75 -19.61 -28.62
N LEU C 139 28.35 -20.43 -29.47
CA LEU C 139 29.80 -20.56 -29.52
C LEU C 139 30.41 -19.73 -30.65
N ILE C 140 31.45 -18.97 -30.30
CA ILE C 140 32.13 -18.07 -31.25
C ILE C 140 33.61 -18.46 -31.34
N SER C 141 34.15 -18.51 -32.55
CA SER C 141 35.51 -18.98 -32.75
C SER C 141 36.14 -18.51 -34.06
N ASP C 142 37.46 -18.70 -34.17
CA ASP C 142 38.19 -18.45 -35.40
C ASP C 142 38.01 -17.03 -35.94
N PHE C 143 38.16 -16.02 -35.09
CA PHE C 143 38.03 -14.63 -35.51
C PHE C 143 39.18 -13.77 -35.03
N TYR C 144 39.28 -12.57 -35.62
CA TYR C 144 40.36 -11.63 -35.36
C TYR C 144 39.82 -10.23 -35.61
N PRO C 145 40.26 -9.22 -34.85
CA PRO C 145 41.31 -9.17 -33.82
C PRO C 145 40.83 -9.47 -32.41
N GLY C 146 39.72 -10.20 -32.27
CA GLY C 146 39.28 -10.61 -30.95
C GLY C 146 38.49 -9.55 -30.21
N ALA C 147 37.34 -9.16 -30.77
CA ALA C 147 36.47 -8.19 -30.12
C ALA C 147 35.07 -8.30 -30.67
N VAL C 148 34.20 -8.96 -29.91
CA VAL C 148 32.83 -9.23 -30.35
C VAL C 148 31.81 -8.36 -29.64
N THR C 149 30.61 -8.29 -30.23
CA THR C 149 29.50 -7.56 -29.64
C THR C 149 28.23 -8.40 -29.79
N VAL C 150 28.02 -9.30 -28.83
CA VAL C 150 26.89 -10.22 -28.87
C VAL C 150 25.58 -9.54 -28.47
N ALA C 151 24.48 -9.99 -29.07
CA ALA C 151 23.15 -9.50 -28.72
C ALA C 151 22.13 -10.60 -28.94
N TRP C 152 21.29 -10.83 -27.93
CA TRP C 152 20.27 -11.87 -28.01
C TRP C 152 18.92 -11.27 -28.34
N LYS C 153 18.11 -12.04 -29.07
CA LYS C 153 16.77 -11.60 -29.47
C LYS C 153 15.75 -12.73 -29.28
N ALA C 154 14.56 -12.35 -28.87
CA ALA C 154 13.43 -13.28 -28.76
C ALA C 154 12.31 -12.80 -29.66
N ASP C 155 12.20 -13.41 -30.84
CA ASP C 155 11.24 -12.97 -31.85
C ASP C 155 11.46 -11.49 -32.17
N SER C 156 12.60 -11.20 -32.79
CA SER C 156 12.96 -9.82 -33.17
C SER C 156 13.27 -8.95 -31.96
N SER C 157 12.37 -8.95 -30.97
CA SER C 157 12.58 -8.18 -29.76
C SER C 157 13.87 -8.62 -29.05
N PRO C 158 14.62 -7.67 -28.47
CA PRO C 158 15.90 -8.01 -27.83
C PRO C 158 15.74 -8.56 -26.42
N VAL C 159 16.81 -9.16 -25.90
CA VAL C 159 16.84 -9.71 -24.54
C VAL C 159 18.11 -9.26 -23.82
N LYS C 160 17.97 -8.81 -22.58
CA LYS C 160 19.11 -8.33 -21.80
C LYS C 160 19.31 -9.14 -20.52
N ALA C 161 18.24 -9.76 -20.04
CA ALA C 161 18.29 -10.55 -18.82
C ALA C 161 18.68 -12.00 -19.12
N GLY C 162 19.58 -12.55 -18.30
CA GLY C 162 19.96 -13.94 -18.38
C GLY C 162 21.27 -14.17 -19.13
N VAL C 163 21.74 -13.14 -19.82
CA VAL C 163 22.93 -13.28 -20.66
C VAL C 163 24.23 -13.15 -19.85
N GLU C 164 25.16 -14.04 -20.13
CA GLU C 164 26.48 -14.02 -19.50
C GLU C 164 27.53 -14.40 -20.54
N THR C 165 28.24 -13.39 -21.05
CA THR C 165 29.13 -13.56 -22.20
C THR C 165 30.60 -13.63 -21.82
N THR C 166 31.26 -14.69 -22.26
CA THR C 166 32.69 -14.88 -22.03
C THR C 166 33.49 -13.72 -22.62
N THR C 167 34.67 -13.48 -22.06
CA THR C 167 35.60 -12.53 -22.64
C THR C 167 36.39 -13.22 -23.75
N PRO C 168 36.70 -12.49 -24.84
CA PRO C 168 37.47 -13.11 -25.93
C PRO C 168 38.80 -13.71 -25.45
N SER C 169 39.24 -14.79 -26.08
CA SER C 169 40.48 -15.45 -25.71
C SER C 169 41.12 -16.12 -26.94
N LYS C 170 42.45 -16.09 -27.00
CA LYS C 170 43.19 -16.65 -28.13
C LYS C 170 43.18 -18.18 -28.13
N GLN C 171 42.87 -18.75 -29.29
CA GLN C 171 42.95 -20.20 -29.47
C GLN C 171 44.38 -20.60 -29.74
N SER C 172 44.58 -21.81 -30.27
CA SER C 172 45.92 -22.30 -30.58
C SER C 172 46.45 -21.67 -31.87
N ASN C 173 45.54 -21.38 -32.80
CA ASN C 173 45.92 -20.83 -34.10
C ASN C 173 45.93 -19.30 -34.11
N ASN C 174 46.09 -18.71 -32.92
CA ASN C 174 46.14 -17.26 -32.74
C ASN C 174 44.85 -16.54 -33.14
N LYS C 175 43.83 -17.29 -33.53
CA LYS C 175 42.50 -16.73 -33.74
C LYS C 175 41.77 -16.74 -32.41
N TYR C 176 40.86 -15.81 -32.21
CA TYR C 176 40.21 -15.65 -30.92
C TYR C 176 38.97 -16.52 -30.76
N ALA C 177 38.49 -16.62 -29.52
CA ALA C 177 37.33 -17.44 -29.19
C ALA C 177 36.50 -16.80 -28.08
N ALA C 178 35.19 -16.96 -28.16
CA ALA C 178 34.27 -16.44 -27.15
C ALA C 178 33.02 -17.31 -27.08
N SER C 179 32.20 -17.10 -26.07
CA SER C 179 30.96 -17.85 -25.92
C SER C 179 29.96 -17.07 -25.08
N SER C 180 28.67 -17.22 -25.41
CA SER C 180 27.61 -16.49 -24.74
C SER C 180 26.46 -17.41 -24.35
N TYR C 181 26.16 -17.46 -23.06
CA TYR C 181 25.09 -18.32 -22.55
C TYR C 181 23.88 -17.47 -22.20
N LEU C 182 22.68 -18.03 -22.45
CA LEU C 182 21.44 -17.36 -22.11
C LEU C 182 20.56 -18.28 -21.26
N SER C 183 20.62 -18.08 -19.94
CA SER C 183 19.83 -18.88 -19.02
C SER C 183 18.38 -18.39 -18.97
N LEU C 184 17.45 -19.29 -19.26
CA LEU C 184 16.03 -18.96 -19.28
C LEU C 184 15.24 -19.91 -18.40
N THR C 185 13.98 -19.54 -18.14
CA THR C 185 13.05 -20.44 -17.49
C THR C 185 12.36 -21.28 -18.56
N PRO C 186 11.91 -22.50 -18.20
CA PRO C 186 11.20 -23.32 -19.19
C PRO C 186 9.98 -22.61 -19.77
N GLU C 187 9.35 -21.75 -18.97
CA GLU C 187 8.21 -20.98 -19.44
C GLU C 187 8.63 -20.01 -20.53
N GLN C 188 9.68 -19.24 -20.25
CA GLN C 188 10.19 -18.27 -21.22
C GLN C 188 10.63 -18.94 -22.51
N TRP C 189 11.25 -20.11 -22.39
CA TRP C 189 11.67 -20.87 -23.56
C TRP C 189 10.46 -21.27 -24.39
N LYS C 190 9.34 -21.51 -23.71
CA LYS C 190 8.09 -21.89 -24.38
C LYS C 190 7.20 -20.67 -24.64
N SER C 191 7.75 -19.47 -24.50
CA SER C 191 6.96 -18.24 -24.63
C SER C 191 7.12 -17.57 -26.00
N HIS C 192 8.26 -17.79 -26.65
CA HIS C 192 8.56 -17.14 -27.93
C HIS C 192 8.78 -18.15 -29.05
N ARG C 193 8.53 -17.73 -30.28
CA ARG C 193 8.72 -18.58 -31.44
C ARG C 193 10.15 -19.08 -31.55
N SER C 194 11.09 -18.14 -31.61
CA SER C 194 12.50 -18.46 -31.80
C SER C 194 13.41 -17.54 -31.00
N TYR C 195 14.65 -17.99 -30.78
CA TYR C 195 15.65 -17.21 -30.08
C TYR C 195 16.91 -17.09 -30.94
N SER C 196 17.34 -15.86 -31.16
CA SER C 196 18.48 -15.59 -32.04
C SER C 196 19.73 -15.19 -31.25
N CYS C 197 20.89 -15.53 -31.80
CA CYS C 197 22.18 -15.13 -31.26
C CYS C 197 22.94 -14.30 -32.28
N GLN C 198 22.73 -12.99 -32.25
CA GLN C 198 23.41 -12.07 -33.15
C GLN C 198 24.86 -11.86 -32.71
N VAL C 199 25.78 -11.96 -33.65
CA VAL C 199 27.19 -11.72 -33.38
C VAL C 199 27.76 -10.68 -34.33
N THR C 200 27.99 -9.48 -33.81
CA THR C 200 28.59 -8.39 -34.58
C THR C 200 30.11 -8.47 -34.44
N HIS C 201 30.83 -8.10 -35.51
CA HIS C 201 32.29 -8.17 -35.50
C HIS C 201 32.88 -7.44 -36.71
N GLU C 202 33.44 -6.27 -36.45
CA GLU C 202 34.04 -5.45 -37.51
C GLU C 202 33.05 -5.18 -38.65
N GLY C 203 32.09 -4.30 -38.41
CA GLY C 203 31.11 -3.94 -39.41
C GLY C 203 30.08 -5.03 -39.65
N SER C 204 30.55 -6.21 -40.00
CA SER C 204 29.67 -7.34 -40.29
C SER C 204 28.96 -7.87 -39.06
N THR C 205 27.88 -8.61 -39.29
CA THR C 205 27.15 -9.30 -38.23
C THR C 205 26.85 -10.72 -38.67
N VAL C 206 26.66 -11.61 -37.71
CA VAL C 206 26.32 -13.00 -37.99
C VAL C 206 25.29 -13.48 -36.97
N GLU C 207 24.06 -13.67 -37.42
CA GLU C 207 22.96 -14.04 -36.55
C GLU C 207 22.44 -15.44 -36.86
N LYS C 208 22.50 -16.32 -35.86
CA LYS C 208 21.92 -17.65 -35.97
C LYS C 208 20.70 -17.74 -35.07
N THR C 209 19.80 -18.67 -35.38
CA THR C 209 18.54 -18.77 -34.67
C THR C 209 18.08 -20.21 -34.53
N VAL C 210 17.37 -20.50 -33.43
CA VAL C 210 16.82 -21.83 -33.19
C VAL C 210 15.40 -21.74 -32.67
N ALA C 211 14.63 -22.82 -32.86
CA ALA C 211 13.26 -22.88 -32.38
C ALA C 211 12.89 -24.30 -31.98
N PRO C 212 11.91 -24.44 -31.07
CA PRO C 212 11.49 -25.79 -30.65
C PRO C 212 10.92 -26.61 -31.81
N VAL D 2 53.73 10.25 -6.59
CA VAL D 2 52.47 9.98 -5.92
C VAL D 2 52.28 8.47 -5.72
N GLN D 3 51.66 8.10 -4.60
CA GLN D 3 51.45 6.69 -4.28
C GLN D 3 50.12 6.46 -3.58
N LEU D 4 49.28 5.61 -4.15
CA LEU D 4 48.03 5.19 -3.54
C LEU D 4 47.97 3.67 -3.46
N VAL D 5 47.59 3.15 -2.29
CA VAL D 5 47.54 1.72 -2.07
C VAL D 5 46.26 1.31 -1.36
N GLU D 6 45.49 0.42 -1.98
CA GLU D 6 44.24 -0.06 -1.40
C GLU D 6 44.46 -1.32 -0.57
N SER D 7 43.51 -1.63 0.30
CA SER D 7 43.59 -2.80 1.16
C SER D 7 42.27 -3.09 1.84
N GLY D 8 42.06 -4.36 2.20
CA GLY D 8 40.85 -4.79 2.88
C GLY D 8 40.00 -5.73 2.05
N GLY D 9 40.46 -6.04 0.84
CA GLY D 9 39.72 -6.90 -0.07
C GLY D 9 39.66 -8.33 0.43
N GLY D 10 38.72 -9.10 -0.12
CA GLY D 10 38.56 -10.50 0.27
C GLY D 10 37.19 -11.04 -0.11
N VAL D 11 36.97 -12.33 0.15
CA VAL D 11 35.72 -12.99 -0.19
C VAL D 11 34.77 -13.04 1.01
N VAL D 12 33.52 -12.67 0.79
CA VAL D 12 32.50 -12.71 1.84
C VAL D 12 31.14 -13.01 1.24
N GLN D 13 30.20 -13.44 2.08
CA GLN D 13 28.85 -13.74 1.62
C GLN D 13 28.05 -12.46 1.38
N PRO D 14 27.00 -12.56 0.54
CA PRO D 14 26.17 -11.39 0.23
C PRO D 14 25.22 -11.00 1.36
N GLY D 15 25.30 -9.75 1.80
CA GLY D 15 24.43 -9.24 2.85
C GLY D 15 25.20 -8.57 3.95
N LYS D 16 26.31 -9.18 4.37
CA LYS D 16 27.08 -8.67 5.49
C LYS D 16 28.09 -7.62 5.03
N SER D 17 28.88 -7.10 5.97
CA SER D 17 29.68 -5.91 5.75
C SER D 17 31.14 -6.20 5.37
N LEU D 18 31.81 -5.17 4.87
CA LEU D 18 33.23 -5.23 4.56
C LEU D 18 33.80 -3.81 4.51
N ARG D 19 35.07 -3.65 4.87
CA ARG D 19 35.70 -2.33 4.97
C ARG D 19 36.97 -2.22 4.13
N LEU D 20 36.95 -1.28 3.18
CA LEU D 20 38.11 -1.02 2.33
C LEU D 20 38.87 0.20 2.83
N SER D 21 40.18 0.20 2.62
CA SER D 21 41.03 1.30 3.05
C SER D 21 42.08 1.64 1.99
N CYS D 22 42.21 2.93 1.70
CA CYS D 22 43.19 3.41 0.72
C CYS D 22 44.26 4.26 1.39
N ALA D 23 45.47 3.73 1.47
CA ALA D 23 46.59 4.43 2.10
C ALA D 23 47.30 5.32 1.10
N ALA D 24 47.14 6.63 1.27
CA ALA D 24 47.75 7.60 0.36
C ALA D 24 49.07 8.12 0.91
N SER D 25 49.91 8.65 0.03
CA SER D 25 51.21 9.18 0.42
C SER D 25 51.85 9.97 -0.72
N GLN D 26 52.96 10.65 -0.41
CA GLN D 26 53.74 11.40 -1.40
C GLN D 26 53.00 12.61 -1.97
N PHE D 27 52.02 13.12 -1.24
CA PHE D 27 51.35 14.37 -1.62
C PHE D 27 50.50 14.90 -0.47
N SER D 28 50.13 16.18 -0.55
CA SER D 28 49.28 16.80 0.47
C SER D 28 47.87 16.22 0.39
N PHE D 29 47.63 15.20 1.21
CA PHE D 29 46.38 14.45 1.17
C PHE D 29 45.16 15.32 1.48
N ASN D 30 45.25 16.08 2.56
CA ASN D 30 44.10 16.82 3.07
C ASN D 30 43.70 18.02 2.22
N ARG D 31 44.24 18.12 1.01
CA ARG D 31 43.93 19.25 0.13
C ARG D 31 43.10 18.83 -1.08
N TYR D 32 43.13 17.55 -1.42
CA TYR D 32 42.42 17.03 -2.58
C TYR D 32 41.26 16.13 -2.20
N GLY D 33 40.28 16.03 -3.09
CA GLY D 33 39.17 15.10 -2.91
C GLY D 33 39.58 13.70 -3.32
N MET D 34 38.77 12.71 -2.96
CA MET D 34 39.06 11.32 -3.26
C MET D 34 37.83 10.59 -3.79
N HIS D 35 38.08 9.55 -4.59
CA HIS D 35 37.00 8.78 -5.21
C HIS D 35 37.27 7.28 -5.12
N TRP D 36 36.18 6.51 -5.04
CA TRP D 36 36.23 5.06 -5.18
C TRP D 36 35.55 4.68 -6.48
N VAL D 37 36.25 3.93 -7.32
CA VAL D 37 35.73 3.50 -8.62
C VAL D 37 35.94 2.00 -8.80
N ARG D 38 34.84 1.29 -9.06
CA ARG D 38 34.87 -0.17 -9.19
C ARG D 38 34.83 -0.60 -10.66
N GLN D 39 35.20 -1.85 -10.91
CA GLN D 39 35.19 -2.40 -12.26
C GLN D 39 35.03 -3.91 -12.22
N ALA D 40 33.84 -4.38 -12.58
CA ALA D 40 33.57 -5.81 -12.61
C ALA D 40 34.38 -6.48 -13.73
N PRO D 41 35.10 -7.56 -13.41
CA PRO D 41 35.91 -8.23 -14.43
C PRO D 41 35.04 -9.03 -15.42
N GLY D 42 35.02 -8.71 -16.72
CA GLY D 42 35.75 -7.62 -17.34
C GLY D 42 34.80 -6.70 -18.07
N LYS D 43 34.35 -5.67 -17.36
CA LYS D 43 33.40 -4.71 -17.91
C LYS D 43 33.84 -3.28 -17.59
N GLY D 44 32.99 -2.32 -17.94
CA GLY D 44 33.34 -0.92 -17.81
C GLY D 44 33.52 -0.45 -16.38
N LEU D 45 34.10 0.74 -16.23
CA LEU D 45 34.29 1.35 -14.92
C LEU D 45 32.97 1.84 -14.36
N GLU D 46 32.93 2.06 -13.05
CA GLU D 46 31.75 2.61 -12.40
C GLU D 46 32.14 3.43 -11.18
N TRP D 47 31.79 4.70 -11.19
CA TRP D 47 32.07 5.58 -10.06
C TRP D 47 31.15 5.25 -8.88
N VAL D 48 31.74 4.90 -7.75
CA VAL D 48 30.98 4.51 -6.56
C VAL D 48 30.66 5.73 -5.70
N ALA D 49 31.67 6.30 -5.06
CA ALA D 49 31.48 7.42 -4.14
C ALA D 49 32.63 8.41 -4.22
N ALA D 50 32.44 9.57 -3.61
CA ALA D 50 33.44 10.64 -3.60
C ALA D 50 33.37 11.44 -2.31
N ILE D 51 34.46 12.12 -1.98
CA ILE D 51 34.53 12.92 -0.76
C ILE D 51 35.44 14.13 -0.97
N SER D 52 35.09 15.25 -0.35
CA SER D 52 35.84 16.49 -0.52
C SER D 52 37.09 16.50 0.37
N TYR D 53 37.80 17.62 0.36
CA TYR D 53 39.08 17.72 1.06
C TYR D 53 38.93 17.69 2.58
N ASP D 54 37.88 18.32 3.09
CA ASP D 54 37.65 18.40 4.54
C ASP D 54 36.77 17.26 5.04
N GLY D 55 36.02 16.64 4.12
CA GLY D 55 35.15 15.52 4.47
C GLY D 55 33.74 15.95 4.79
N THR D 56 33.40 17.20 4.50
CA THR D 56 32.07 17.73 4.76
C THR D 56 31.10 17.34 3.65
N ASP D 57 31.63 17.14 2.44
CA ASP D 57 30.82 16.75 1.29
C ASP D 57 30.97 15.26 1.00
N LYS D 58 29.83 14.59 0.85
CA LYS D 58 29.81 13.15 0.56
C LYS D 58 28.91 12.86 -0.64
N TYR D 59 29.45 12.12 -1.61
CA TYR D 59 28.69 11.74 -2.81
C TYR D 59 28.65 10.22 -2.95
N HIS D 60 27.48 9.69 -3.31
CA HIS D 60 27.31 8.25 -3.49
C HIS D 60 26.43 7.97 -4.70
N ALA D 61 26.69 6.84 -5.36
CA ALA D 61 25.87 6.39 -6.48
C ALA D 61 24.54 5.84 -5.96
N ASP D 62 23.49 5.98 -6.76
CA ASP D 62 22.16 5.55 -6.34
C ASP D 62 22.09 4.05 -6.09
N LYS D 63 23.02 3.31 -6.68
CA LYS D 63 23.09 1.86 -6.45
C LYS D 63 23.57 1.56 -5.04
N VAL D 64 24.12 2.57 -4.37
CA VAL D 64 24.69 2.39 -3.05
C VAL D 64 24.27 3.51 -2.11
N TRP D 65 23.13 4.14 -2.41
CA TRP D 65 22.70 5.34 -1.71
C TRP D 65 22.50 5.12 -0.22
N GLY D 66 22.36 3.86 0.18
CA GLY D 66 22.18 3.52 1.59
C GLY D 66 22.84 2.21 1.95
N ARG D 67 23.96 1.90 1.29
CA ARG D 67 24.66 0.64 1.52
C ARG D 67 26.15 0.87 1.73
N PHE D 68 26.73 1.74 0.92
CA PHE D 68 28.14 2.10 1.06
C PHE D 68 28.28 3.51 1.65
N THR D 69 29.38 3.74 2.36
CA THR D 69 29.63 5.03 2.99
C THR D 69 31.12 5.36 2.96
N ILE D 70 31.47 6.46 2.33
CA ILE D 70 32.85 6.89 2.21
C ILE D 70 33.26 7.69 3.44
N SER D 71 34.55 7.66 3.77
CA SER D 71 35.06 8.34 4.95
C SER D 71 36.58 8.43 4.90
N ARG D 72 37.14 9.51 5.47
CA ARG D 72 38.58 9.72 5.45
C ARG D 72 39.11 10.20 6.81
N ASP D 73 40.39 9.91 7.05
CA ASP D 73 41.06 10.32 8.28
C ASP D 73 42.38 10.99 7.95
N ASN D 74 42.35 12.32 7.82
CA ASN D 74 43.51 13.09 7.39
C ASN D 74 44.69 12.98 8.36
N SER D 75 44.41 12.64 9.60
CA SER D 75 45.47 12.49 10.60
C SER D 75 46.30 11.24 10.33
N LYS D 76 45.76 10.33 9.52
CA LYS D 76 46.47 9.12 9.12
C LYS D 76 46.51 8.98 7.59
N ASN D 77 46.07 10.02 6.89
CA ASN D 77 46.13 10.06 5.43
C ASN D 77 45.46 8.85 4.77
N THR D 78 44.49 8.26 5.47
CA THR D 78 43.83 7.05 4.99
C THR D 78 42.38 7.33 4.59
N LEU D 79 42.00 6.87 3.40
CA LEU D 79 40.61 6.92 2.95
C LEU D 79 39.95 5.58 3.23
N TYR D 80 38.74 5.63 3.79
CA TYR D 80 38.00 4.41 4.16
C TYR D 80 36.67 4.32 3.42
N LEU D 81 36.27 3.09 3.10
CA LEU D 81 34.98 2.83 2.48
C LEU D 81 34.28 1.68 3.18
N GLN D 82 33.26 2.00 3.97
CA GLN D 82 32.49 0.99 4.68
C GLN D 82 31.39 0.45 3.79
N MET D 83 31.50 -0.83 3.44
CA MET D 83 30.53 -1.49 2.57
C MET D 83 29.73 -2.54 3.34
N ASN D 84 28.45 -2.24 3.56
CA ASN D 84 27.52 -3.21 4.13
C ASN D 84 26.29 -3.38 3.25
N SER D 85 25.49 -4.41 3.55
CA SER D 85 24.38 -4.81 2.68
C SER D 85 24.92 -5.09 1.29
N LEU D 86 26.05 -5.80 1.23
CA LEU D 86 26.69 -6.15 -0.03
C LEU D 86 25.80 -7.01 -0.91
N ARG D 87 26.01 -6.91 -2.21
CA ARG D 87 25.28 -7.72 -3.18
C ARG D 87 26.26 -8.41 -4.14
N ALA D 88 25.72 -9.25 -5.01
CA ALA D 88 26.54 -9.93 -6.01
C ALA D 88 27.07 -8.95 -7.04
N GLU D 89 26.32 -7.89 -7.28
CA GLU D 89 26.71 -6.87 -8.27
C GLU D 89 27.95 -6.12 -7.82
N ASP D 90 28.13 -6.02 -6.50
CA ASP D 90 29.26 -5.28 -5.94
C ASP D 90 30.58 -6.03 -6.16
N THR D 91 30.50 -7.26 -6.63
CA THR D 91 31.69 -8.05 -6.95
C THR D 91 32.51 -7.35 -8.01
N ALA D 92 33.65 -6.78 -7.63
CA ALA D 92 34.47 -6.01 -8.56
C ALA D 92 35.84 -5.66 -7.97
N LEU D 93 36.70 -5.10 -8.81
CA LEU D 93 37.98 -4.54 -8.38
C LEU D 93 37.80 -3.06 -8.08
N TYR D 94 37.90 -2.70 -6.81
CA TYR D 94 37.71 -1.31 -6.39
C TYR D 94 39.02 -0.52 -6.43
N TYR D 95 39.02 0.56 -7.22
CA TYR D 95 40.17 1.44 -7.33
C TYR D 95 40.01 2.64 -6.41
N CYS D 96 41.14 3.11 -5.89
CA CYS D 96 41.19 4.35 -5.13
C CYS D 96 41.75 5.45 -6.02
N ALA D 97 40.97 6.50 -6.22
CA ALA D 97 41.37 7.58 -7.14
C ALA D 97 41.50 8.92 -6.41
N LYS D 98 42.42 9.74 -6.90
CA LYS D 98 42.64 11.08 -6.37
C LYS D 98 41.98 12.13 -7.25
N ASP D 99 41.38 13.14 -6.64
CA ASP D 99 40.77 14.22 -7.39
C ASP D 99 41.83 15.23 -7.83
N LEU D 100 41.71 15.73 -9.06
CA LEU D 100 42.72 16.60 -9.64
C LEU D 100 42.77 17.96 -8.94
N ARG D 101 41.62 18.60 -8.79
CA ARG D 101 41.56 19.98 -8.32
C ARG D 101 41.88 20.11 -6.84
N GLU D 102 42.92 20.88 -6.54
CA GLU D 102 43.28 21.20 -5.16
C GLU D 102 42.20 22.11 -4.58
N ASP D 103 41.35 21.56 -3.72
CA ASP D 103 40.22 22.31 -3.18
C ASP D 103 40.62 23.16 -1.99
N GLU D 104 40.19 24.41 -1.99
CA GLU D 104 40.41 25.32 -0.86
C GLU D 104 39.16 26.16 -0.65
N CYS D 105 39.00 26.65 0.58
CA CYS D 105 37.84 27.47 0.92
C CYS D 105 37.98 28.87 0.32
N GLU D 106 36.84 29.49 0.02
CA GLU D 106 36.82 30.83 -0.56
C GLU D 106 35.85 31.76 0.17
N GLU D 107 35.13 31.22 1.15
CA GLU D 107 34.25 32.01 1.97
C GLU D 107 33.82 31.23 3.22
N TRP D 108 34.29 31.68 4.38
CA TRP D 108 33.98 31.01 5.64
C TRP D 108 32.69 31.58 6.25
N TRP D 109 32.46 31.27 7.53
CA TRP D 109 31.34 31.81 8.28
C TRP D 109 31.80 32.92 9.22
N SER D 110 30.92 33.37 10.10
CA SER D 110 31.26 34.39 11.09
C SER D 110 30.36 34.29 12.31
N LEU D 119 35.04 26.00 12.28
CA LEU D 119 33.98 26.10 11.28
C LEU D 119 34.53 25.84 9.88
N PRO D 120 33.75 25.12 9.04
CA PRO D 120 34.21 24.84 7.68
C PRO D 120 33.83 25.93 6.67
N CYS D 121 33.89 25.62 5.39
CA CYS D 121 33.62 26.58 4.32
C CYS D 121 32.19 26.42 3.79
N ARG D 122 31.61 27.52 3.34
CA ARG D 122 30.26 27.50 2.76
C ARG D 122 30.33 27.44 1.24
N LYS D 123 31.38 28.04 0.68
CA LYS D 123 31.56 28.08 -0.77
C LYS D 123 32.97 27.64 -1.16
N SER D 124 33.17 26.33 -1.28
CA SER D 124 34.44 25.77 -1.69
C SER D 124 34.49 25.58 -3.20
N ARG D 125 35.68 25.35 -3.73
CA ARG D 125 35.84 25.10 -5.16
C ARG D 125 35.20 23.78 -5.55
N GLY D 126 35.10 22.86 -4.59
CA GLY D 126 34.44 21.58 -4.80
C GLY D 126 35.24 20.62 -5.66
N VAL D 127 34.89 19.35 -5.59
CA VAL D 127 35.55 18.33 -6.40
C VAL D 127 35.31 18.60 -7.88
N ALA D 128 36.33 18.34 -8.70
CA ALA D 128 36.24 18.55 -10.14
C ALA D 128 35.67 17.31 -10.82
N GLY D 129 35.81 16.17 -10.18
CA GLY D 129 35.35 14.91 -10.73
C GLY D 129 36.34 14.30 -11.70
N ILE D 130 37.59 14.75 -11.62
CA ILE D 130 38.66 14.25 -12.48
C ILE D 130 39.55 13.28 -11.71
N PHE D 131 39.61 12.05 -12.20
CA PHE D 131 40.40 11.00 -11.55
C PHE D 131 41.79 10.96 -12.17
N ASP D 132 42.72 11.76 -11.64
CA ASP D 132 44.01 11.96 -12.29
C ASP D 132 45.01 10.86 -11.98
N LYS D 133 44.99 10.36 -10.74
CA LYS D 133 45.94 9.32 -10.31
C LYS D 133 45.24 8.20 -9.56
N TRP D 134 45.56 6.97 -9.95
CA TRP D 134 44.88 5.77 -9.47
C TRP D 134 45.81 4.86 -8.68
N GLY D 135 45.21 3.97 -7.90
CA GLY D 135 45.95 2.90 -7.26
C GLY D 135 45.81 1.64 -8.11
N GLN D 136 46.33 0.52 -7.61
CA GLN D 136 46.22 -0.75 -8.32
C GLN D 136 44.93 -1.47 -7.96
N GLY D 137 44.24 -0.98 -6.93
CA GLY D 137 42.95 -1.53 -6.54
C GLY D 137 43.06 -2.83 -5.77
N THR D 138 42.01 -3.15 -5.03
CA THR D 138 41.93 -4.39 -4.27
C THR D 138 40.67 -5.14 -4.65
N MET D 139 40.78 -6.46 -4.79
CA MET D 139 39.66 -7.27 -5.30
C MET D 139 38.63 -7.57 -4.22
N VAL D 140 37.36 -7.40 -4.58
CA VAL D 140 36.25 -7.69 -3.68
C VAL D 140 35.29 -8.68 -4.33
N ILE D 141 35.02 -9.77 -3.63
CA ILE D 141 34.18 -10.85 -4.16
C ILE D 141 33.01 -11.14 -3.23
N VAL D 142 31.80 -11.01 -3.75
CA VAL D 142 30.58 -11.26 -2.99
C VAL D 142 29.79 -12.39 -3.62
N SER D 143 29.94 -13.59 -3.08
CA SER D 143 29.30 -14.78 -3.65
C SER D 143 28.98 -15.83 -2.60
N SER D 144 27.80 -16.44 -2.72
CA SER D 144 27.44 -17.59 -1.91
C SER D 144 27.93 -18.86 -2.60
N ALA D 145 29.23 -18.95 -2.83
CA ALA D 145 29.83 -20.04 -3.59
C ALA D 145 29.70 -21.37 -2.86
N SER D 146 30.32 -22.40 -3.42
CA SER D 146 30.20 -23.75 -2.87
C SER D 146 31.21 -24.71 -3.45
N THR D 147 31.12 -25.97 -3.01
CA THR D 147 31.81 -27.07 -3.68
C THR D 147 30.72 -27.95 -4.27
N LYS D 148 30.54 -27.84 -5.58
CA LYS D 148 29.34 -28.36 -6.25
C LYS D 148 29.67 -29.14 -7.51
N GLY D 149 28.93 -30.21 -7.76
CA GLY D 149 29.14 -31.01 -8.94
C GLY D 149 28.47 -30.38 -10.15
N PRO D 150 28.95 -30.70 -11.37
CA PRO D 150 28.37 -30.12 -12.59
C PRO D 150 27.17 -30.89 -13.13
N SER D 151 26.10 -30.19 -13.47
CA SER D 151 24.93 -30.81 -14.09
C SER D 151 25.09 -30.81 -15.61
N VAL D 152 25.75 -31.85 -16.12
CA VAL D 152 26.04 -31.93 -17.55
C VAL D 152 24.79 -32.24 -18.38
N PHE D 153 24.72 -31.62 -19.56
CA PHE D 153 23.64 -31.89 -20.51
C PHE D 153 24.19 -31.84 -21.95
N PRO D 154 23.68 -32.71 -22.83
CA PRO D 154 24.28 -32.89 -24.16
C PRO D 154 23.87 -31.83 -25.19
N LEU D 155 24.84 -31.38 -25.99
CA LEU D 155 24.60 -30.49 -27.10
C LEU D 155 24.63 -31.25 -28.42
N ALA D 156 23.57 -31.15 -29.20
CA ALA D 156 23.46 -31.91 -30.45
C ALA D 156 22.42 -31.28 -31.36
N PRO D 157 22.43 -31.64 -32.66
CA PRO D 157 23.45 -32.26 -33.49
C PRO D 157 23.52 -31.52 -34.84
N SER D 158 24.31 -30.47 -34.95
CA SER D 158 24.14 -29.54 -36.07
C SER D 158 25.32 -29.48 -37.05
N SER D 159 25.11 -28.69 -38.09
CA SER D 159 26.05 -28.53 -39.20
C SER D 159 25.70 -27.26 -39.96
N LYS D 160 25.36 -26.21 -39.22
CA LYS D 160 24.86 -24.97 -39.81
C LYS D 160 25.97 -23.93 -39.95
N GLY D 164 25.26 -34.29 -43.38
CA GLY D 164 25.69 -34.72 -44.70
C GLY D 164 27.20 -34.91 -44.79
N GLY D 165 27.94 -33.85 -44.44
CA GLY D 165 29.39 -33.87 -44.56
C GLY D 165 30.12 -33.66 -43.25
N THR D 166 29.65 -32.71 -42.45
CA THR D 166 30.29 -32.36 -41.18
C THR D 166 29.23 -32.19 -40.10
N ALA D 167 29.59 -32.52 -38.86
CA ALA D 167 28.67 -32.38 -37.73
C ALA D 167 29.29 -31.54 -36.64
N ALA D 168 28.52 -31.27 -35.60
CA ALA D 168 29.00 -30.54 -34.44
C ALA D 168 28.10 -30.86 -33.24
N LEU D 169 28.62 -31.71 -32.35
CA LEU D 169 27.92 -32.05 -31.12
C LEU D 169 28.86 -31.84 -29.93
N GLY D 170 28.30 -31.71 -28.74
CA GLY D 170 29.09 -31.41 -27.56
C GLY D 170 28.38 -31.67 -26.24
N CYS D 171 28.99 -31.17 -25.16
CA CYS D 171 28.45 -31.33 -23.81
C CYS D 171 28.49 -30.01 -23.05
N LEU D 172 27.33 -29.54 -22.59
CA LEU D 172 27.27 -28.37 -21.73
C LEU D 172 27.50 -28.78 -20.28
N VAL D 173 28.55 -28.24 -19.67
CA VAL D 173 28.86 -28.52 -18.27
C VAL D 173 28.35 -27.36 -17.41
N LYS D 174 27.28 -27.63 -16.67
CA LYS D 174 26.55 -26.59 -15.94
C LYS D 174 26.94 -26.47 -14.48
N ASP D 175 27.02 -25.23 -14.01
CA ASP D 175 27.19 -24.89 -12.59
C ASP D 175 28.05 -25.83 -11.75
N TYR D 176 29.31 -25.46 -11.56
CA TYR D 176 30.20 -26.16 -10.66
C TYR D 176 31.13 -25.15 -10.01
N PHE D 177 31.87 -25.58 -8.99
CA PHE D 177 32.82 -24.69 -8.32
C PHE D 177 33.76 -25.49 -7.42
N PRO D 178 35.07 -25.20 -7.46
CA PRO D 178 35.79 -24.23 -8.30
C PRO D 178 36.41 -24.90 -9.52
N GLU D 179 37.05 -24.12 -10.37
CA GLU D 179 37.85 -24.67 -11.46
C GLU D 179 38.92 -25.58 -10.87
N PRO D 180 39.49 -26.48 -11.69
CA PRO D 180 39.27 -26.71 -13.12
C PRO D 180 38.31 -27.85 -13.43
N VAL D 181 38.16 -28.13 -14.73
CA VAL D 181 37.34 -29.23 -15.22
C VAL D 181 38.00 -29.84 -16.45
N THR D 182 38.33 -31.13 -16.37
CA THR D 182 39.01 -31.82 -17.46
C THR D 182 38.02 -32.66 -18.27
N VAL D 183 37.89 -32.31 -19.54
CA VAL D 183 36.97 -32.98 -20.44
C VAL D 183 37.71 -33.66 -21.58
N SER D 184 37.22 -34.83 -21.99
CA SER D 184 37.74 -35.55 -23.13
C SER D 184 36.61 -36.36 -23.75
N TRP D 185 36.85 -36.94 -24.93
CA TRP D 185 35.83 -37.71 -25.63
C TRP D 185 36.27 -39.15 -25.83
N ASN D 186 35.34 -40.07 -25.58
CA ASN D 186 35.56 -41.50 -25.80
C ASN D 186 36.84 -42.00 -25.12
N SER D 187 37.04 -41.58 -23.88
CA SER D 187 38.18 -42.03 -23.08
C SER D 187 39.50 -41.63 -23.72
N GLY D 188 39.55 -40.41 -24.25
CA GLY D 188 40.77 -39.87 -24.79
C GLY D 188 41.17 -40.45 -26.14
N ALA D 189 40.20 -40.99 -26.86
CA ALA D 189 40.44 -41.53 -28.19
C ALA D 189 40.35 -40.42 -29.23
N LEU D 190 39.36 -39.55 -29.07
CA LEU D 190 39.10 -38.45 -30.00
C LEU D 190 39.85 -37.19 -29.56
N THR D 191 40.78 -36.75 -30.40
CA THR D 191 41.67 -35.63 -30.06
C THR D 191 41.32 -34.36 -30.82
N SER D 192 40.87 -34.52 -32.06
CA SER D 192 40.60 -33.38 -32.93
C SER D 192 39.57 -33.79 -33.99
N GLY D 193 38.69 -32.89 -34.42
CA GLY D 193 38.65 -31.51 -33.99
C GLY D 193 37.79 -31.29 -32.76
N VAL D 194 38.45 -31.10 -31.62
CA VAL D 194 37.77 -30.84 -30.35
C VAL D 194 38.10 -29.42 -29.88
N HIS D 195 37.11 -28.75 -29.30
CA HIS D 195 37.31 -27.39 -28.80
C HIS D 195 36.52 -27.19 -27.51
N THR D 196 37.24 -26.97 -26.41
CA THR D 196 36.63 -26.73 -25.11
C THR D 196 36.83 -25.27 -24.71
N PHE D 197 35.72 -24.52 -24.69
CA PHE D 197 35.77 -23.09 -24.40
C PHE D 197 36.03 -22.83 -22.93
N PRO D 198 36.67 -21.69 -22.60
CA PRO D 198 36.87 -21.34 -21.19
C PRO D 198 35.55 -21.18 -20.44
N ALA D 199 35.55 -21.47 -19.15
CA ALA D 199 34.34 -21.33 -18.35
C ALA D 199 34.00 -19.86 -18.13
N VAL D 200 32.80 -19.60 -17.62
CA VAL D 200 32.37 -18.25 -17.30
C VAL D 200 32.21 -18.09 -15.79
N LEU D 201 31.69 -16.94 -15.38
CA LEU D 201 31.37 -16.69 -13.97
C LEU D 201 30.02 -15.99 -13.89
N GLN D 202 28.96 -16.78 -13.92
CA GLN D 202 27.60 -16.24 -13.92
C GLN D 202 27.33 -15.43 -12.65
N SER D 203 26.18 -14.77 -12.62
CA SER D 203 25.79 -13.96 -11.47
C SER D 203 25.73 -14.81 -10.20
N SER D 204 25.56 -16.12 -10.37
CA SER D 204 25.51 -17.06 -9.25
C SER D 204 26.90 -17.39 -8.71
N GLY D 205 27.92 -16.76 -9.28
CA GLY D 205 29.28 -16.99 -8.84
C GLY D 205 29.75 -18.39 -9.13
N LEU D 206 29.03 -19.07 -10.03
CA LEU D 206 29.34 -20.44 -10.41
C LEU D 206 29.99 -20.51 -11.80
N TYR D 207 30.89 -21.46 -11.98
CA TYR D 207 31.55 -21.69 -13.26
C TYR D 207 30.68 -22.55 -14.18
N SER D 208 30.80 -22.31 -15.49
CA SER D 208 30.05 -23.06 -16.49
C SER D 208 30.77 -23.00 -17.84
N LEU D 209 31.09 -24.15 -18.41
CA LEU D 209 31.80 -24.20 -19.68
C LEU D 209 31.07 -25.06 -20.71
N SER D 210 31.58 -25.07 -21.93
CA SER D 210 31.01 -25.86 -23.01
C SER D 210 32.14 -26.54 -23.80
N SER D 211 31.85 -27.76 -24.27
CA SER D 211 32.83 -28.55 -25.02
C SER D 211 32.21 -29.11 -26.30
N VAL D 212 32.64 -28.60 -27.44
CA VAL D 212 32.11 -29.01 -28.73
C VAL D 212 33.17 -29.76 -29.55
N VAL D 213 32.69 -30.75 -30.32
CA VAL D 213 33.55 -31.52 -31.21
C VAL D 213 32.88 -31.61 -32.59
N THR D 214 33.68 -31.42 -33.63
CA THR D 214 33.19 -31.47 -35.01
C THR D 214 33.66 -32.74 -35.70
N VAL D 215 32.70 -33.58 -36.08
CA VAL D 215 32.98 -34.88 -36.69
C VAL D 215 32.15 -35.07 -37.95
N PRO D 216 32.50 -36.06 -38.78
CA PRO D 216 31.70 -36.36 -39.97
C PRO D 216 30.24 -36.66 -39.65
N SER D 217 29.32 -35.91 -40.25
CA SER D 217 27.90 -36.10 -39.99
C SER D 217 27.41 -37.42 -40.60
N SER D 218 28.27 -38.10 -41.34
CA SER D 218 27.97 -39.41 -41.89
C SER D 218 28.20 -40.50 -40.84
N SER D 219 28.91 -40.15 -39.78
CA SER D 219 29.25 -41.10 -38.72
C SER D 219 28.44 -40.85 -37.45
N LEU D 220 27.35 -40.11 -37.57
CA LEU D 220 26.48 -39.81 -36.43
C LEU D 220 25.70 -41.05 -35.99
N GLY D 221 25.23 -41.83 -36.96
CA GLY D 221 24.40 -42.98 -36.68
C GLY D 221 25.19 -44.25 -36.40
N THR D 222 26.52 -44.15 -36.46
CA THR D 222 27.39 -45.30 -36.23
C THR D 222 28.32 -45.06 -35.04
N GLN D 223 29.11 -43.99 -35.13
CA GLN D 223 30.09 -43.68 -34.08
C GLN D 223 29.42 -43.02 -32.88
N THR D 224 29.56 -43.65 -31.72
CA THR D 224 29.02 -43.10 -30.47
C THR D 224 30.04 -42.16 -29.83
N TYR D 225 29.54 -41.05 -29.30
CA TYR D 225 30.39 -40.05 -28.66
C TYR D 225 30.01 -39.86 -27.20
N ILE D 226 30.99 -40.00 -26.33
CA ILE D 226 30.78 -39.92 -24.89
C ILE D 226 31.81 -38.99 -24.24
N CYS D 227 31.39 -37.78 -23.89
CA CYS D 227 32.27 -36.82 -23.24
C CYS D 227 32.56 -37.24 -21.80
N ASN D 228 33.83 -37.21 -21.44
CA ASN D 228 34.27 -37.63 -20.11
C ASN D 228 34.64 -36.43 -19.23
N VAL D 229 33.63 -35.84 -18.59
CA VAL D 229 33.85 -34.70 -17.70
C VAL D 229 34.31 -35.17 -16.32
N ASN D 230 35.29 -34.45 -15.75
CA ASN D 230 35.80 -34.80 -14.42
C ASN D 230 36.09 -33.57 -13.57
N HIS D 231 35.23 -33.34 -12.59
CA HIS D 231 35.37 -32.23 -11.66
C HIS D 231 35.97 -32.74 -10.35
N LYS D 232 37.30 -32.92 -10.36
CA LYS D 232 38.02 -33.55 -9.25
C LYS D 232 37.74 -32.90 -7.89
N PRO D 233 37.69 -31.56 -7.83
CA PRO D 233 37.42 -30.90 -6.54
C PRO D 233 36.14 -31.41 -5.86
N SER D 234 35.14 -31.75 -6.65
CA SER D 234 33.88 -32.29 -6.12
C SER D 234 33.80 -33.80 -6.28
N ASN D 235 34.94 -34.43 -6.57
CA ASN D 235 35.02 -35.88 -6.68
C ASN D 235 33.98 -36.46 -7.63
N THR D 236 33.63 -35.68 -8.65
CA THR D 236 32.58 -36.06 -9.59
C THR D 236 33.15 -36.40 -10.96
N LYS D 237 32.67 -37.51 -11.52
CA LYS D 237 32.97 -37.90 -12.89
C LYS D 237 31.67 -38.14 -13.63
N VAL D 238 31.65 -37.81 -14.92
CA VAL D 238 30.45 -38.03 -15.74
C VAL D 238 30.83 -38.48 -17.16
N ASP D 239 30.10 -39.46 -17.66
CA ASP D 239 30.26 -39.93 -19.04
C ASP D 239 28.94 -39.80 -19.78
N LYS D 240 28.59 -38.58 -20.16
CA LYS D 240 27.33 -38.31 -20.84
C LYS D 240 27.42 -38.73 -22.30
N ARG D 241 26.44 -39.50 -22.76
CA ARG D 241 26.38 -39.89 -24.16
C ARG D 241 25.66 -38.81 -24.95
N VAL D 242 26.24 -38.45 -26.09
CA VAL D 242 25.67 -37.43 -26.98
C VAL D 242 25.19 -38.08 -28.27
N GLU D 243 23.88 -38.16 -28.43
CA GLU D 243 23.28 -38.73 -29.65
C GLU D 243 22.19 -37.81 -30.20
N PRO D 244 21.99 -37.82 -31.52
CA PRO D 244 20.90 -37.04 -32.12
C PRO D 244 19.52 -37.41 -31.55
N VAL E 2 -22.40 -3.07 6.95
CA VAL E 2 -23.26 -2.09 7.59
C VAL E 2 -23.58 -0.93 6.64
N LEU E 3 -24.79 -0.94 6.10
CA LEU E 3 -25.20 0.10 5.16
C LEU E 3 -25.39 1.43 5.89
N THR E 4 -25.06 2.53 5.21
CA THR E 4 -25.19 3.86 5.78
C THR E 4 -26.01 4.76 4.87
N GLN E 5 -27.12 5.27 5.41
CA GLN E 5 -28.00 6.17 4.65
C GLN E 5 -27.83 7.61 5.09
N PRO E 6 -28.26 8.56 4.25
CA PRO E 6 -28.31 9.96 4.69
C PRO E 6 -29.17 10.09 5.95
N PRO E 7 -28.72 10.83 6.96
CA PRO E 7 -29.51 10.98 8.18
C PRO E 7 -30.93 11.50 7.91
N SER E 8 -31.07 12.43 6.98
CA SER E 8 -32.36 13.03 6.70
C SER E 8 -32.44 13.63 5.30
N VAL E 9 -33.66 13.78 4.81
CA VAL E 9 -33.92 14.42 3.53
C VAL E 9 -35.25 15.17 3.62
N SER E 10 -35.40 16.23 2.83
CA SER E 10 -36.62 17.02 2.85
C SER E 10 -36.86 17.73 1.52
N ALA E 11 -38.13 17.94 1.21
CA ALA E 11 -38.51 18.68 0.01
C ALA E 11 -39.98 19.08 0.12
N ALA E 12 -40.39 20.00 -0.75
CA ALA E 12 -41.77 20.46 -0.76
C ALA E 12 -42.67 19.41 -1.40
N PRO E 13 -43.97 19.45 -1.09
CA PRO E 13 -44.93 18.50 -1.70
C PRO E 13 -44.88 18.53 -3.22
N GLY E 14 -44.79 17.35 -3.84
CA GLY E 14 -44.81 17.22 -5.28
C GLY E 14 -43.42 16.99 -5.88
N GLN E 15 -42.40 17.45 -5.18
CA GLN E 15 -41.03 17.40 -5.71
C GLN E 15 -40.52 15.96 -5.78
N LYS E 16 -39.26 15.80 -6.16
CA LYS E 16 -38.62 14.49 -6.25
C LYS E 16 -37.65 14.28 -5.09
N VAL E 17 -37.47 13.02 -4.69
CA VAL E 17 -36.62 12.67 -3.55
C VAL E 17 -35.65 11.56 -3.91
N THR E 18 -34.50 11.55 -3.25
CA THR E 18 -33.48 10.53 -3.48
C THR E 18 -32.83 10.09 -2.17
N ILE E 19 -32.97 8.81 -1.85
CA ILE E 19 -32.36 8.23 -0.66
C ILE E 19 -31.44 7.10 -1.09
N SER E 20 -30.23 7.07 -0.52
CA SER E 20 -29.22 6.09 -0.92
C SER E 20 -28.73 5.25 0.27
N CYS E 21 -28.07 4.14 -0.04
CA CYS E 21 -27.48 3.26 0.96
C CYS E 21 -26.01 2.98 0.63
N SER E 22 -25.10 3.55 1.41
CA SER E 22 -23.67 3.36 1.19
C SER E 22 -23.20 2.05 1.80
N GLY E 23 -22.55 1.22 0.99
CA GLY E 23 -22.06 -0.07 1.46
C GLY E 23 -21.09 -0.70 0.48
N SER E 24 -20.42 -1.76 0.93
CA SER E 24 -19.47 -2.48 0.10
C SER E 24 -20.19 -3.27 -0.98
N SER E 25 -19.44 -3.64 -2.03
CA SER E 25 -20.00 -4.43 -3.11
C SER E 25 -20.21 -5.88 -2.68
N SER E 26 -19.82 -6.19 -1.44
CA SER E 26 -20.03 -7.52 -0.88
C SER E 26 -21.51 -7.79 -0.65
N ASN E 27 -22.17 -6.89 0.06
CA ASN E 27 -23.59 -7.02 0.37
C ASN E 27 -24.44 -6.13 -0.54
N ILE E 28 -23.91 -5.82 -1.72
CA ILE E 28 -24.63 -5.03 -2.72
C ILE E 28 -24.53 -5.68 -4.09
N GLY E 29 -23.33 -6.12 -4.45
CA GLY E 29 -23.09 -6.76 -5.72
C GLY E 29 -23.65 -8.17 -5.78
N ASN E 30 -23.70 -8.83 -4.62
CA ASN E 30 -24.14 -10.22 -4.54
C ASN E 30 -25.59 -10.37 -4.08
N ASN E 31 -26.09 -9.36 -3.38
CA ASN E 31 -27.40 -9.45 -2.74
C ASN E 31 -28.40 -8.39 -3.23
N PHE E 32 -29.69 -8.67 -3.03
CA PHE E 32 -30.75 -7.75 -3.43
C PHE E 32 -30.86 -6.58 -2.47
N VAL E 33 -31.87 -5.73 -2.69
CA VAL E 33 -32.14 -4.60 -1.82
C VAL E 33 -33.63 -4.46 -1.56
N SER E 34 -34.00 -4.33 -0.30
CA SER E 34 -35.40 -4.18 0.09
C SER E 34 -35.56 -2.97 1.00
N TRP E 35 -36.59 -2.17 0.73
CA TRP E 35 -36.85 -0.95 1.49
C TRP E 35 -38.09 -1.09 2.36
N TYR E 36 -38.20 -0.25 3.38
CA TYR E 36 -39.32 -0.28 4.30
C TYR E 36 -39.69 1.13 4.78
N GLN E 37 -40.99 1.39 4.87
CA GLN E 37 -41.50 2.67 5.34
C GLN E 37 -42.08 2.55 6.74
N GLN E 38 -41.66 3.44 7.63
CA GLN E 38 -42.18 3.48 8.99
C GLN E 38 -42.70 4.86 9.34
N ARG E 39 -44.02 5.02 9.22
CA ARG E 39 -44.67 6.28 9.56
C ARG E 39 -44.56 6.54 11.06
N PRO E 40 -44.77 7.80 11.48
CA PRO E 40 -44.67 8.15 12.90
C PRO E 40 -45.61 7.32 13.78
N GLY E 41 -45.05 6.69 14.81
CA GLY E 41 -45.83 5.96 15.79
C GLY E 41 -46.55 4.75 15.21
N THR E 42 -45.82 3.92 14.48
CA THR E 42 -46.38 2.69 13.93
C THR E 42 -45.29 1.79 13.35
N ALA E 43 -45.67 0.56 13.02
CA ALA E 43 -44.71 -0.43 12.54
C ALA E 43 -44.27 -0.12 11.11
N PRO E 44 -43.14 -0.73 10.67
CA PRO E 44 -42.69 -0.53 9.29
C PRO E 44 -43.60 -1.20 8.26
N SER E 45 -43.23 -1.13 6.99
CA SER E 45 -43.99 -1.79 5.94
C SER E 45 -43.16 -1.89 4.66
N LEU E 46 -43.16 -3.07 4.05
CA LEU E 46 -42.38 -3.31 2.85
C LEU E 46 -42.82 -2.42 1.70
N LEU E 47 -41.92 -1.54 1.26
CA LEU E 47 -42.17 -0.72 0.07
C LEU E 47 -41.58 -1.36 -1.17
N ILE E 48 -40.32 -1.76 -1.08
CA ILE E 48 -39.59 -2.33 -2.21
C ILE E 48 -38.92 -3.63 -1.82
N TYR E 49 -38.90 -4.58 -2.74
CA TYR E 49 -38.18 -5.83 -2.56
C TYR E 49 -37.50 -6.18 -3.88
N GLU E 50 -36.35 -6.86 -3.79
CA GLU E 50 -35.55 -7.17 -4.96
C GLU E 50 -35.23 -5.90 -5.74
N THR E 51 -34.57 -4.96 -5.07
CA THR E 51 -34.09 -3.71 -5.66
C THR E 51 -35.20 -2.78 -6.15
N ASN E 52 -36.06 -3.28 -7.05
CA ASN E 52 -37.03 -2.42 -7.74
C ASN E 52 -38.49 -2.86 -7.63
N LYS E 53 -38.74 -4.15 -7.50
CA LYS E 53 -40.11 -4.67 -7.51
C LYS E 53 -40.93 -4.24 -6.30
N ARG E 54 -42.15 -3.82 -6.55
CA ARG E 54 -43.07 -3.37 -5.51
C ARG E 54 -44.17 -4.39 -5.26
N PRO E 55 -44.61 -4.53 -4.00
CA PRO E 55 -45.81 -5.34 -3.75
C PRO E 55 -47.09 -4.55 -4.01
N SER E 56 -48.24 -5.21 -3.95
CA SER E 56 -49.51 -4.55 -4.21
C SER E 56 -49.80 -3.47 -3.18
N GLY E 57 -50.39 -2.37 -3.64
CA GLY E 57 -50.77 -1.27 -2.75
C GLY E 57 -49.73 -0.17 -2.67
N ILE E 58 -48.62 -0.34 -3.38
CA ILE E 58 -47.53 0.63 -3.37
C ILE E 58 -47.53 1.44 -4.68
N PRO E 59 -47.62 2.79 -4.58
CA PRO E 59 -47.63 3.61 -5.79
C PRO E 59 -46.39 3.42 -6.67
N ASP E 60 -46.56 3.58 -7.98
CA ASP E 60 -45.46 3.46 -8.91
C ASP E 60 -44.45 4.58 -8.72
N ARG E 61 -44.83 5.59 -7.94
CA ARG E 61 -43.94 6.69 -7.62
C ARG E 61 -42.69 6.17 -6.90
N PHE E 62 -42.90 5.17 -6.06
CA PHE E 62 -41.80 4.58 -5.29
C PHE E 62 -40.97 3.65 -6.15
N SER E 63 -40.14 4.22 -7.02
CA SER E 63 -39.28 3.44 -7.89
C SER E 63 -37.95 3.14 -7.21
N GLY E 64 -37.47 1.91 -7.38
CA GLY E 64 -36.21 1.49 -6.80
C GLY E 64 -35.10 1.39 -7.84
N SER E 65 -33.86 1.44 -7.37
CA SER E 65 -32.70 1.37 -8.25
C SER E 65 -31.53 0.68 -7.57
N LYS E 66 -30.47 0.44 -8.32
CA LYS E 66 -29.29 -0.27 -7.83
C LYS E 66 -28.06 0.15 -8.62
N SER E 67 -26.89 0.00 -8.01
CA SER E 67 -25.64 0.36 -8.68
C SER E 67 -24.49 -0.51 -8.18
N ALA E 68 -23.26 -0.08 -8.46
CA ALA E 68 -22.07 -0.84 -8.09
C ALA E 68 -21.88 -0.88 -6.58
N THR E 69 -21.80 0.30 -5.96
CA THR E 69 -21.52 0.40 -4.52
C THR E 69 -22.62 1.15 -3.78
N SER E 70 -23.84 1.12 -4.32
CA SER E 70 -24.95 1.83 -3.69
C SER E 70 -26.31 1.29 -4.13
N ALA E 71 -27.35 1.71 -3.42
CA ALA E 71 -28.73 1.33 -3.73
C ALA E 71 -29.66 2.50 -3.42
N THR E 72 -30.38 2.96 -4.44
CA THR E 72 -31.17 4.19 -4.33
C THR E 72 -32.67 3.94 -4.23
N LEU E 73 -33.35 4.80 -3.48
CA LEU E 73 -34.81 4.85 -3.45
C LEU E 73 -35.28 6.22 -3.93
N ALA E 74 -36.13 6.22 -4.94
CA ALA E 74 -36.66 7.46 -5.51
C ALA E 74 -38.13 7.61 -5.20
N ILE E 75 -38.53 8.81 -4.78
CA ILE E 75 -39.93 9.10 -4.47
C ILE E 75 -40.35 10.41 -5.12
N THR E 76 -41.10 10.30 -6.21
CA THR E 76 -41.63 11.47 -6.91
C THR E 76 -43.03 11.79 -6.39
N GLY E 77 -43.44 13.04 -6.53
CA GLY E 77 -44.76 13.47 -6.09
C GLY E 77 -44.95 13.29 -4.60
N LEU E 78 -44.39 14.22 -3.82
CA LEU E 78 -44.48 14.15 -2.37
C LEU E 78 -45.81 14.65 -1.85
N GLN E 79 -46.25 14.07 -0.74
CA GLN E 79 -47.36 14.60 0.04
C GLN E 79 -47.15 14.21 1.49
N THR E 80 -47.79 14.94 2.40
CA THR E 80 -47.53 14.80 3.83
C THR E 80 -47.65 13.36 4.34
N GLY E 81 -48.33 12.52 3.57
CA GLY E 81 -48.45 11.11 3.92
C GLY E 81 -47.12 10.39 3.81
N ASP E 82 -46.31 10.78 2.82
CA ASP E 82 -45.02 10.17 2.59
C ASP E 82 -44.01 10.50 3.69
N GLU E 83 -44.33 11.51 4.49
CA GLU E 83 -43.46 11.91 5.59
C GLU E 83 -43.30 10.78 6.59
N ALA E 84 -42.12 10.18 6.62
CA ALA E 84 -41.85 9.03 7.48
C ALA E 84 -40.36 8.69 7.51
N ASP E 85 -40.04 7.56 8.13
CA ASP E 85 -38.67 7.05 8.15
C ASP E 85 -38.51 5.91 7.15
N TYR E 86 -37.37 5.89 6.46
CA TYR E 86 -37.13 4.91 5.41
C TYR E 86 -35.81 4.18 5.58
N TYR E 87 -35.87 2.88 5.85
CA TYR E 87 -34.69 2.05 6.01
C TYR E 87 -34.45 1.17 4.78
N CYS E 88 -33.18 0.94 4.47
CA CYS E 88 -32.79 -0.01 3.42
C CYS E 88 -32.26 -1.26 4.09
N ALA E 89 -32.44 -2.41 3.44
CA ALA E 89 -32.04 -3.68 4.04
C ALA E 89 -31.37 -4.60 3.02
N THR E 90 -30.37 -5.35 3.49
CA THR E 90 -29.73 -6.38 2.70
C THR E 90 -29.61 -7.63 3.58
N TRP E 91 -29.25 -8.75 2.97
CA TRP E 91 -29.27 -10.04 3.66
C TRP E 91 -28.14 -10.96 3.19
N ALA E 92 -27.09 -11.07 4.01
CA ALA E 92 -25.94 -11.89 3.68
C ALA E 92 -26.22 -13.37 3.97
N ALA E 93 -25.26 -14.23 3.64
CA ALA E 93 -25.38 -15.66 3.87
C ALA E 93 -25.50 -15.95 5.37
N SER E 94 -24.39 -15.78 6.08
CA SER E 94 -24.37 -15.84 7.54
C SER E 94 -24.26 -14.42 8.09
N LEU E 95 -25.29 -13.98 8.80
CA LEU E 95 -25.38 -12.60 9.26
C LEU E 95 -24.45 -12.34 10.44
N VAL E 100 -27.46 -5.51 8.50
CA VAL E 100 -28.69 -5.97 7.87
C VAL E 100 -29.61 -4.80 7.52
N PHE E 101 -29.95 -3.99 8.53
CA PHE E 101 -30.81 -2.83 8.33
C PHE E 101 -29.99 -1.54 8.18
N GLY E 102 -30.63 -0.52 7.62
CA GLY E 102 -29.99 0.77 7.41
C GLY E 102 -30.00 1.64 8.65
N THR E 103 -29.66 2.91 8.49
CA THR E 103 -29.48 3.81 9.64
C THR E 103 -30.76 4.47 10.20
N GLY E 104 -31.70 4.97 9.39
CA GLY E 104 -31.66 5.03 7.93
C GLY E 104 -31.81 6.46 7.46
N THR E 105 -33.05 6.85 7.14
CA THR E 105 -33.32 8.20 6.65
C THR E 105 -34.70 8.69 7.05
N LYS E 106 -34.78 9.98 7.41
CA LYS E 106 -36.04 10.61 7.80
C LYS E 106 -36.50 11.60 6.74
N VAL E 107 -37.59 11.26 6.07
CA VAL E 107 -38.17 12.13 5.05
C VAL E 107 -39.11 13.15 5.69
N ILE E 108 -39.02 14.40 5.22
CA ILE E 108 -39.86 15.48 5.74
C ILE E 108 -40.50 16.26 4.60
N VAL E 109 -41.83 16.29 4.60
CA VAL E 109 -42.58 17.03 3.60
C VAL E 109 -43.15 18.31 4.22
N SER E 110 -42.65 19.45 3.77
CA SER E 110 -43.01 20.73 4.38
C SER E 110 -42.98 21.88 3.38
N GLY E 111 -41.81 22.14 2.81
CA GLY E 111 -41.65 23.20 1.82
C GLY E 111 -41.46 24.56 2.47
N GLN E 112 -41.87 24.69 3.73
CA GLN E 112 -41.72 25.94 4.47
C GLN E 112 -40.24 26.34 4.50
N PRO E 113 -39.96 27.66 4.47
CA PRO E 113 -38.57 28.15 4.41
C PRO E 113 -37.63 27.55 5.45
N LYS E 114 -36.38 27.36 5.06
CA LYS E 114 -35.36 26.80 5.94
C LYS E 114 -34.83 27.85 6.92
N ALA E 115 -34.70 27.45 8.18
CA ALA E 115 -34.16 28.31 9.23
C ALA E 115 -32.93 27.65 9.86
N ASN E 116 -31.79 28.30 9.75
CA ASN E 116 -30.54 27.74 10.25
C ASN E 116 -30.55 27.56 11.77
N PRO E 117 -29.66 26.70 12.29
CA PRO E 117 -29.62 26.41 13.72
C PRO E 117 -28.83 27.41 14.56
N THR E 118 -29.23 27.56 15.82
CA THR E 118 -28.51 28.37 16.79
C THR E 118 -27.98 27.47 17.90
N VAL E 119 -26.68 27.23 17.88
CA VAL E 119 -26.04 26.33 18.83
C VAL E 119 -25.50 27.08 20.05
N THR E 120 -25.61 26.46 21.22
CA THR E 120 -25.11 27.03 22.46
C THR E 120 -24.53 25.93 23.34
N LEU E 121 -23.24 26.04 23.66
CA LEU E 121 -22.52 24.99 24.37
C LEU E 121 -22.12 25.43 25.78
N PHE E 122 -22.33 24.54 26.75
CA PHE E 122 -21.98 24.79 28.15
C PHE E 122 -20.96 23.77 28.65
N PRO E 123 -19.85 24.25 29.24
CA PRO E 123 -18.95 23.30 29.89
C PRO E 123 -19.50 22.90 31.25
N PRO E 124 -18.93 21.87 31.90
CA PRO E 124 -19.45 21.46 33.21
C PRO E 124 -19.27 22.57 34.25
N SER E 125 -20.16 22.58 35.24
CA SER E 125 -20.06 23.52 36.34
C SER E 125 -19.17 22.96 37.43
N SER E 126 -18.42 23.82 38.10
CA SER E 126 -17.55 23.41 39.19
C SER E 126 -18.35 22.69 40.26
N GLU E 127 -19.59 23.11 40.43
CA GLU E 127 -20.48 22.51 41.42
C GLU E 127 -20.73 21.03 41.12
N GLU E 128 -20.71 20.68 39.84
CA GLU E 128 -20.95 19.30 39.42
C GLU E 128 -19.71 18.44 39.62
N LEU E 129 -18.56 19.00 39.28
CA LEU E 129 -17.30 18.27 39.38
C LEU E 129 -17.03 17.82 40.82
N GLN E 130 -17.63 18.51 41.78
CA GLN E 130 -17.48 18.14 43.18
C GLN E 130 -18.20 16.83 43.49
N ALA E 131 -19.09 16.42 42.58
CA ALA E 131 -19.82 15.17 42.72
C ALA E 131 -19.14 14.06 41.91
N ASN E 132 -17.91 14.32 41.47
CA ASN E 132 -17.15 13.36 40.67
C ASN E 132 -17.88 13.00 39.38
N LYS E 133 -18.54 13.99 38.79
CA LYS E 133 -19.27 13.80 37.54
C LYS E 133 -18.98 14.96 36.59
N ALA E 134 -19.21 14.72 35.30
CA ALA E 134 -19.04 15.72 34.27
C ALA E 134 -20.17 15.60 33.26
N THR E 135 -20.68 16.76 32.81
CA THR E 135 -21.80 16.78 31.87
C THR E 135 -21.72 17.98 30.93
N LEU E 136 -21.47 17.69 29.66
CA LEU E 136 -21.49 18.72 28.62
C LEU E 136 -22.89 18.83 28.06
N VAL E 137 -23.33 20.05 27.77
CA VAL E 137 -24.68 20.29 27.27
C VAL E 137 -24.67 21.17 26.03
N CYS E 138 -25.09 20.59 24.90
CA CYS E 138 -25.18 21.32 23.64
C CYS E 138 -26.64 21.57 23.27
N LEU E 139 -27.10 22.79 23.50
CA LEU E 139 -28.49 23.14 23.22
C LEU E 139 -28.63 23.81 21.86
N ILE E 140 -29.42 23.19 21.00
CA ILE E 140 -29.64 23.68 19.64
C ILE E 140 -31.10 24.11 19.51
N SER E 141 -31.32 25.33 19.01
CA SER E 141 -32.66 25.91 18.98
C SER E 141 -32.93 26.75 17.73
N ASP E 142 -34.21 26.94 17.45
CA ASP E 142 -34.67 27.80 16.34
C ASP E 142 -34.13 27.34 14.99
N PHE E 143 -34.46 26.11 14.61
CA PHE E 143 -34.11 25.59 13.29
C PHE E 143 -35.27 24.87 12.64
N TYR E 144 -35.19 24.75 11.32
CA TYR E 144 -36.20 24.09 10.52
C TYR E 144 -35.47 23.27 9.45
N PRO E 145 -36.05 22.13 9.02
CA PRO E 145 -37.31 21.49 9.38
C PRO E 145 -37.20 20.45 10.49
N GLY E 146 -36.35 20.69 11.47
CA GLY E 146 -36.25 19.80 12.61
C GLY E 146 -35.52 18.51 12.28
N ALA E 147 -34.26 18.65 11.86
CA ALA E 147 -33.42 17.50 11.56
C ALA E 147 -31.96 17.86 11.83
N VAL E 148 -31.44 17.39 12.96
CA VAL E 148 -30.09 17.74 13.39
C VAL E 148 -29.21 16.51 13.54
N THR E 149 -27.90 16.71 13.40
CA THR E 149 -26.92 15.64 13.55
C THR E 149 -25.74 16.14 14.39
N VAL E 150 -25.70 15.70 15.64
CA VAL E 150 -24.66 16.13 16.57
C VAL E 150 -23.46 15.18 16.52
N ALA E 151 -22.28 15.72 16.78
CA ALA E 151 -21.05 14.94 16.83
C ALA E 151 -20.08 15.56 17.82
N TRP E 152 -19.74 14.79 18.86
CA TRP E 152 -18.84 15.28 19.91
C TRP E 152 -17.39 14.92 19.62
N LYS E 153 -16.50 15.88 19.82
CA LYS E 153 -15.08 15.69 19.53
C LYS E 153 -14.20 16.18 20.67
N ALA E 154 -13.33 15.29 21.15
CA ALA E 154 -12.35 15.64 22.18
C ALA E 154 -10.99 15.82 21.53
N ASP E 155 -10.51 17.06 21.51
CA ASP E 155 -9.24 17.40 20.85
C ASP E 155 -9.21 16.86 19.43
N SER E 156 -10.15 17.32 18.61
CA SER E 156 -10.25 16.92 17.20
C SER E 156 -10.67 15.46 17.04
N SER E 157 -10.11 14.56 17.84
CA SER E 157 -10.51 13.16 17.83
C SER E 157 -11.98 13.03 18.25
N PRO E 158 -12.74 12.17 17.56
CA PRO E 158 -14.19 12.08 17.82
C PRO E 158 -14.53 11.39 19.14
N VAL E 159 -15.83 11.37 19.45
CA VAL E 159 -16.32 10.76 20.68
C VAL E 159 -17.58 9.94 20.40
N LYS E 160 -17.69 8.79 21.07
CA LYS E 160 -18.85 7.92 20.92
C LYS E 160 -19.06 7.14 22.23
N ALA E 161 -18.41 7.61 23.29
CA ALA E 161 -18.41 6.90 24.57
C ALA E 161 -19.73 7.03 25.31
N GLY E 162 -20.04 8.23 25.79
CA GLY E 162 -21.21 8.47 26.59
C GLY E 162 -22.06 9.62 26.09
N VAL E 163 -22.52 9.52 24.85
CA VAL E 163 -23.36 10.55 24.25
C VAL E 163 -24.83 10.15 24.32
N GLU E 164 -25.68 11.12 24.64
CA GLU E 164 -27.12 10.91 24.65
C GLU E 164 -27.82 12.15 24.12
N THR E 165 -28.61 11.98 23.06
CA THR E 165 -29.22 13.10 22.36
C THR E 165 -30.75 12.96 22.26
N THR E 166 -31.44 14.09 22.29
CA THR E 166 -32.89 14.11 22.17
C THR E 166 -33.29 14.41 20.73
N THR E 167 -34.49 13.97 20.35
CA THR E 167 -35.03 14.26 19.03
C THR E 167 -35.55 15.70 19.03
N PRO E 168 -35.54 16.36 17.86
CA PRO E 168 -36.05 17.73 17.76
C PRO E 168 -37.47 17.88 18.29
N SER E 169 -37.80 19.07 18.79
CA SER E 169 -39.12 19.35 19.33
C SER E 169 -39.54 20.78 19.04
N LYS E 170 -40.79 20.96 18.63
CA LYS E 170 -41.32 22.28 18.29
C LYS E 170 -41.21 23.25 19.46
N GLN E 171 -40.73 24.45 19.17
CA GLN E 171 -40.69 25.53 20.15
C GLN E 171 -41.99 26.34 20.08
N SER E 172 -42.02 27.47 20.77
CA SER E 172 -43.17 28.35 20.73
C SER E 172 -43.31 28.97 19.34
N ASN E 173 -42.17 29.20 18.69
CA ASN E 173 -42.16 29.82 17.36
C ASN E 173 -42.20 28.77 16.24
N ASN E 174 -42.72 27.59 16.57
CA ASN E 174 -42.89 26.49 15.63
C ASN E 174 -41.60 25.92 15.03
N LYS E 175 -40.47 26.58 15.27
CA LYS E 175 -39.19 26.02 14.88
C LYS E 175 -38.80 24.93 15.86
N TYR E 176 -37.88 24.05 15.46
CA TYR E 176 -37.53 22.91 16.29
C TYR E 176 -36.31 23.19 17.15
N ALA E 177 -36.17 22.40 18.21
CA ALA E 177 -35.05 22.53 19.14
C ALA E 177 -34.64 21.17 19.69
N ALA E 178 -33.36 21.01 20.00
CA ALA E 178 -32.83 19.75 20.52
C ALA E 178 -31.61 19.97 21.42
N SER E 179 -31.33 18.99 22.27
CA SER E 179 -30.20 19.06 23.21
C SER E 179 -29.40 17.76 23.21
N SER E 180 -28.08 17.90 23.07
CA SER E 180 -27.18 16.76 23.10
C SER E 180 -26.27 16.82 24.33
N TYR E 181 -26.15 15.70 25.02
CA TYR E 181 -25.36 15.61 26.24
C TYR E 181 -24.17 14.68 26.07
N LEU E 182 -23.16 14.85 26.91
CA LEU E 182 -21.98 13.98 26.90
C LEU E 182 -21.45 13.78 28.31
N SER E 183 -21.66 12.59 28.85
CA SER E 183 -21.25 12.26 30.21
C SER E 183 -19.77 11.84 30.26
N LEU E 184 -19.01 12.48 31.14
CA LEU E 184 -17.59 12.22 31.28
C LEU E 184 -17.20 12.04 32.75
N THR E 185 -15.94 11.67 32.98
CA THR E 185 -15.37 11.61 34.32
C THR E 185 -14.53 12.86 34.55
N PRO E 186 -14.31 13.24 35.81
CA PRO E 186 -13.49 14.42 36.12
C PRO E 186 -12.08 14.33 35.54
N GLU E 187 -11.57 13.12 35.35
CA GLU E 187 -10.25 12.93 34.76
C GLU E 187 -10.26 13.25 33.26
N GLN E 188 -11.26 12.74 32.56
CA GLN E 188 -11.36 12.93 31.12
C GLN E 188 -11.50 14.41 30.76
N TRP E 189 -12.18 15.16 31.62
CA TRP E 189 -12.42 16.58 31.35
C TRP E 189 -11.14 17.40 31.37
N LYS E 190 -10.30 17.16 32.36
CA LYS E 190 -9.06 17.93 32.52
C LYS E 190 -7.89 17.29 31.78
N SER E 191 -8.14 16.16 31.11
CA SER E 191 -7.09 15.50 30.34
C SER E 191 -6.91 16.18 28.99
N HIS E 192 -8.02 16.40 28.29
CA HIS E 192 -7.99 16.95 26.93
C HIS E 192 -7.91 18.47 26.95
N ARG E 193 -7.41 19.04 25.85
CA ARG E 193 -7.28 20.49 25.72
C ARG E 193 -8.59 21.14 25.32
N SER E 194 -9.50 20.36 24.73
CA SER E 194 -10.76 20.92 24.25
C SER E 194 -11.81 19.85 23.92
N TYR E 195 -13.07 20.17 24.21
CA TYR E 195 -14.21 19.35 23.81
C TYR E 195 -15.12 20.16 22.90
N SER E 196 -15.55 19.56 21.80
CA SER E 196 -16.32 20.28 20.78
C SER E 196 -17.70 19.67 20.55
N CYS E 197 -18.65 20.52 20.15
CA CYS E 197 -20.00 20.10 19.80
C CYS E 197 -20.33 20.50 18.37
N GLN E 198 -20.33 19.51 17.48
CA GLN E 198 -20.53 19.75 16.05
C GLN E 198 -21.98 19.48 15.62
N VAL E 199 -22.64 20.52 15.14
CA VAL E 199 -24.06 20.42 14.75
C VAL E 199 -24.28 20.65 13.25
N THR E 200 -24.51 19.56 12.54
CA THR E 200 -24.78 19.61 11.10
C THR E 200 -26.30 19.67 10.86
N HIS E 201 -26.71 20.41 9.84
CA HIS E 201 -28.13 20.61 9.56
C HIS E 201 -28.34 21.18 8.17
N GLU E 202 -28.76 20.33 7.25
CA GLU E 202 -29.03 20.73 5.86
C GLU E 202 -27.82 21.37 5.21
N GLY E 203 -26.76 20.57 5.01
CA GLY E 203 -25.57 21.02 4.31
C GLY E 203 -24.51 21.64 5.19
N SER E 204 -24.92 22.61 6.00
CA SER E 204 -23.98 23.35 6.83
C SER E 204 -23.71 22.69 8.17
N THR E 205 -22.61 23.09 8.82
CA THR E 205 -22.26 22.57 10.14
C THR E 205 -21.82 23.72 11.05
N VAL E 206 -22.18 23.63 12.32
CA VAL E 206 -21.80 24.61 13.31
C VAL E 206 -21.13 23.91 14.49
N GLU E 207 -19.82 24.09 14.61
CA GLU E 207 -19.04 23.47 15.67
C GLU E 207 -18.54 24.50 16.67
N LYS E 208 -18.95 24.35 17.93
CA LYS E 208 -18.48 25.21 19.01
C LYS E 208 -17.61 24.39 19.96
N THR E 209 -16.71 25.06 20.67
CA THR E 209 -15.71 24.37 21.49
C THR E 209 -15.52 25.04 22.85
N VAL E 210 -15.19 24.22 23.85
CA VAL E 210 -14.94 24.70 25.21
C VAL E 210 -13.65 24.10 25.74
N ALA E 211 -13.20 24.58 26.89
CA ALA E 211 -11.99 24.06 27.52
C ALA E 211 -12.05 24.26 29.04
N PRO E 212 -11.28 23.44 29.79
CA PRO E 212 -11.27 23.55 31.26
C PRO E 212 -10.77 24.90 31.77
N THR E 213 -9.96 25.58 30.97
CA THR E 213 -9.41 26.88 31.34
C THR E 213 -10.00 28.01 30.51
N VAL F 2 -53.29 -11.27 6.70
CA VAL F 2 -52.17 -11.69 7.55
C VAL F 2 -52.25 -10.98 8.91
N GLN F 3 -51.90 -11.69 9.98
CA GLN F 3 -51.98 -11.13 11.32
C GLN F 3 -50.84 -11.64 12.21
N LEU F 4 -50.06 -10.71 12.76
CA LEU F 4 -49.00 -11.01 13.69
C LEU F 4 -49.22 -10.26 14.99
N VAL F 5 -48.99 -10.93 16.12
CA VAL F 5 -49.24 -10.33 17.44
C VAL F 5 -48.21 -10.78 18.45
N GLU F 6 -47.40 -9.84 18.94
CA GLU F 6 -46.39 -10.15 19.94
C GLU F 6 -46.94 -9.94 21.35
N SER F 7 -46.34 -10.63 22.32
CA SER F 7 -46.70 -10.49 23.72
C SER F 7 -45.60 -11.06 24.61
N GLY F 8 -45.62 -10.70 25.89
CA GLY F 8 -44.65 -11.20 26.84
C GLY F 8 -43.63 -10.16 27.25
N GLY F 9 -43.57 -9.06 26.49
CA GLY F 9 -42.64 -7.98 26.77
C GLY F 9 -43.11 -7.12 27.93
N GLY F 10 -42.17 -6.73 28.80
CA GLY F 10 -42.49 -5.92 29.95
C GLY F 10 -41.27 -5.27 30.58
N VAL F 11 -41.28 -5.20 31.91
CA VAL F 11 -40.18 -4.59 32.67
C VAL F 11 -39.45 -5.64 33.50
N VAL F 12 -38.16 -5.80 33.23
CA VAL F 12 -37.34 -6.81 33.90
C VAL F 12 -35.92 -6.29 34.10
N GLN F 13 -35.35 -6.56 35.27
CA GLN F 13 -34.01 -6.10 35.59
C GLN F 13 -32.96 -6.71 34.66
N PRO F 14 -31.78 -6.07 34.56
CA PRO F 14 -30.73 -6.56 33.67
C PRO F 14 -30.11 -7.88 34.13
N GLY F 15 -29.99 -8.83 33.21
CA GLY F 15 -29.39 -10.13 33.51
C GLY F 15 -30.42 -11.25 33.52
N LYS F 16 -31.59 -10.98 34.06
CA LYS F 16 -32.64 -11.99 34.16
C LYS F 16 -33.29 -12.21 32.80
N SER F 17 -34.20 -13.19 32.75
CA SER F 17 -34.67 -13.73 31.47
C SER F 17 -36.06 -13.27 31.04
N LEU F 18 -36.33 -13.40 29.74
CA LEU F 18 -37.65 -13.11 29.18
C LEU F 18 -37.97 -14.08 28.05
N ARG F 19 -39.26 -14.36 27.86
CA ARG F 19 -39.72 -15.27 26.80
C ARG F 19 -40.84 -14.61 25.99
N LEU F 20 -40.47 -14.06 24.84
CA LEU F 20 -41.43 -13.41 23.96
C LEU F 20 -42.20 -14.42 23.13
N SER F 21 -43.40 -14.04 22.70
CA SER F 21 -44.27 -14.93 21.92
C SER F 21 -45.03 -14.15 20.85
N CYS F 22 -44.72 -14.42 19.59
CA CYS F 22 -45.38 -13.77 18.46
C CYS F 22 -46.47 -14.67 17.88
N ALA F 23 -47.71 -14.39 18.24
CA ALA F 23 -48.85 -15.13 17.73
C ALA F 23 -49.11 -14.76 16.27
N ALA F 24 -48.98 -15.75 15.38
CA ALA F 24 -49.20 -15.56 13.96
C ALA F 24 -50.49 -16.23 13.51
N SER F 25 -51.13 -15.67 12.49
CA SER F 25 -52.35 -16.24 11.94
C SER F 25 -52.67 -15.66 10.57
N GLN F 26 -53.74 -16.15 9.95
CA GLN F 26 -54.22 -15.68 8.65
C GLN F 26 -53.21 -15.96 7.53
N PHE F 27 -52.32 -16.92 7.75
CA PHE F 27 -51.43 -17.39 6.69
C PHE F 27 -50.81 -18.73 7.07
N SER F 28 -50.14 -19.38 6.11
CA SER F 28 -49.52 -20.68 6.34
C SER F 28 -48.19 -20.52 7.08
N PHE F 29 -48.20 -20.85 8.37
CA PHE F 29 -47.04 -20.64 9.22
C PHE F 29 -45.90 -21.57 8.86
N ASN F 30 -46.21 -22.85 8.67
CA ASN F 30 -45.19 -23.86 8.43
C ASN F 30 -44.55 -23.77 7.04
N ARG F 31 -44.92 -22.75 6.27
CA ARG F 31 -44.38 -22.56 4.94
C ARG F 31 -43.21 -21.58 4.94
N TYR F 32 -43.35 -20.50 5.72
CA TYR F 32 -42.38 -19.42 5.70
C TYR F 32 -41.47 -19.41 6.92
N GLY F 33 -40.40 -18.64 6.84
CA GLY F 33 -39.53 -18.39 7.98
C GLY F 33 -40.05 -17.24 8.82
N MET F 34 -39.34 -16.92 9.89
CA MET F 34 -39.76 -15.85 10.79
C MET F 34 -38.55 -15.10 11.37
N HIS F 35 -38.73 -13.81 11.63
CA HIS F 35 -37.63 -12.96 12.10
C HIS F 35 -38.02 -12.18 13.35
N TRP F 36 -37.00 -11.70 14.06
CA TRP F 36 -37.18 -10.78 15.19
C TRP F 36 -36.38 -9.51 14.96
N VAL F 37 -37.04 -8.37 15.03
CA VAL F 37 -36.41 -7.07 14.79
C VAL F 37 -36.77 -6.08 15.88
N ARG F 38 -35.76 -5.58 16.60
CA ARG F 38 -35.98 -4.62 17.68
C ARG F 38 -35.67 -3.21 17.22
N GLN F 39 -36.21 -2.23 17.95
CA GLN F 39 -36.00 -0.83 17.62
C GLN F 39 -36.02 0.03 18.88
N ALA F 40 -34.84 0.42 19.34
CA ALA F 40 -34.72 1.30 20.50
C ALA F 40 -35.29 2.67 20.15
N PRO F 41 -36.22 3.18 20.97
CA PRO F 41 -36.82 4.47 20.65
C PRO F 41 -35.89 5.64 20.97
N GLY F 42 -35.68 6.62 20.09
CA GLY F 42 -36.24 6.68 18.75
C GLY F 42 -35.12 6.57 17.73
N LYS F 43 -34.64 5.34 17.53
CA LYS F 43 -33.48 5.09 16.67
C LYS F 43 -33.78 3.98 15.66
N GLY F 44 -32.76 3.60 14.89
CA GLY F 44 -32.95 2.72 13.75
C GLY F 44 -33.37 1.30 14.10
N LEU F 45 -33.68 0.52 13.08
CA LEU F 45 -34.06 -0.88 13.23
C LEU F 45 -32.83 -1.77 13.39
N GLU F 46 -33.00 -2.89 14.08
CA GLU F 46 -31.92 -3.84 14.28
C GLU F 46 -32.43 -5.27 14.24
N TRP F 47 -31.98 -6.03 13.23
CA TRP F 47 -32.37 -7.43 13.09
C TRP F 47 -31.75 -8.28 14.19
N VAL F 48 -32.61 -8.93 14.98
CA VAL F 48 -32.15 -9.74 16.11
C VAL F 48 -31.85 -11.17 15.68
N ALA F 49 -32.88 -11.89 15.27
CA ALA F 49 -32.73 -13.29 14.88
C ALA F 49 -33.65 -13.65 13.72
N ALA F 50 -33.47 -14.85 13.19
CA ALA F 50 -34.29 -15.36 12.10
C ALA F 50 -34.36 -16.88 12.15
N ILE F 51 -35.46 -17.44 11.68
CA ILE F 51 -35.63 -18.89 11.64
C ILE F 51 -36.45 -19.31 10.42
N SER F 52 -36.25 -20.54 9.98
CA SER F 52 -36.86 -21.04 8.74
C SER F 52 -38.16 -21.78 9.01
N TYR F 53 -38.76 -22.30 7.94
CA TYR F 53 -40.08 -22.94 8.01
C TYR F 53 -40.08 -24.19 8.89
N ASP F 54 -39.03 -24.99 8.78
CA ASP F 54 -38.95 -26.24 9.55
C ASP F 54 -38.26 -26.04 10.88
N GLY F 55 -37.57 -24.92 11.04
CA GLY F 55 -36.89 -24.59 12.28
C GLY F 55 -35.54 -25.27 12.41
N THR F 56 -35.03 -25.77 11.30
CA THR F 56 -33.73 -26.46 11.29
C THR F 56 -32.60 -25.47 11.05
N ASP F 57 -32.94 -24.30 10.52
CA ASP F 57 -31.95 -23.24 10.29
C ASP F 57 -32.18 -22.06 11.24
N LYS F 58 -31.14 -21.73 12.01
CA LYS F 58 -31.19 -20.64 12.96
C LYS F 58 -30.17 -19.56 12.59
N TYR F 59 -30.55 -18.29 12.81
CA TYR F 59 -29.66 -17.16 12.52
C TYR F 59 -29.75 -16.11 13.62
N HIS F 60 -28.58 -15.73 14.16
CA HIS F 60 -28.52 -14.76 15.26
C HIS F 60 -27.48 -13.69 14.98
N ALA F 61 -27.70 -12.51 15.57
CA ALA F 61 -26.75 -11.41 15.44
C ALA F 61 -25.63 -11.54 16.46
N ASP F 62 -24.45 -11.03 16.11
CA ASP F 62 -23.27 -11.16 16.97
C ASP F 62 -23.46 -10.42 18.30
N LYS F 63 -24.27 -9.37 18.30
CA LYS F 63 -24.61 -8.66 19.52
C LYS F 63 -25.46 -9.51 20.45
N VAL F 64 -25.97 -10.62 19.92
CA VAL F 64 -26.94 -11.44 20.62
C VAL F 64 -26.40 -12.84 20.90
N TRP F 65 -25.41 -13.26 20.11
CA TRP F 65 -24.83 -14.60 20.21
C TRP F 65 -24.61 -15.07 21.64
N GLY F 66 -25.29 -16.14 22.00
CA GLY F 66 -25.14 -16.75 23.32
C GLY F 66 -26.07 -16.16 24.37
N ARG F 67 -26.79 -15.11 24.00
CA ARG F 67 -27.67 -14.41 24.95
C ARG F 67 -29.14 -14.72 24.67
N PHE F 68 -29.57 -14.53 23.43
CA PHE F 68 -30.93 -14.88 23.01
C PHE F 68 -30.89 -16.12 22.13
N THR F 69 -32.04 -16.78 21.98
CA THR F 69 -32.16 -17.93 21.10
C THR F 69 -33.58 -17.99 20.53
N ILE F 70 -33.66 -18.09 19.21
CA ILE F 70 -34.94 -18.11 18.51
C ILE F 70 -35.45 -19.55 18.31
N SER F 71 -36.77 -19.71 18.39
CA SER F 71 -37.39 -21.02 18.26
C SER F 71 -38.85 -20.85 17.84
N ARG F 72 -39.46 -21.92 17.33
CA ARG F 72 -40.85 -21.86 16.88
C ARG F 72 -41.57 -23.18 17.07
N ASP F 73 -42.88 -23.14 16.93
CA ASP F 73 -43.74 -24.31 17.08
C ASP F 73 -44.86 -24.25 16.05
N ASN F 74 -44.69 -24.99 14.96
CA ASN F 74 -45.62 -24.95 13.85
C ASN F 74 -46.99 -25.53 14.20
N SER F 75 -47.08 -26.23 15.33
CA SER F 75 -48.33 -26.82 15.76
C SER F 75 -49.24 -25.79 16.40
N LYS F 76 -48.64 -24.74 16.98
CA LYS F 76 -49.39 -23.67 17.63
C LYS F 76 -49.25 -22.33 16.92
N ASN F 77 -48.52 -22.34 15.80
CA ASN F 77 -48.34 -21.14 14.98
C ASN F 77 -47.87 -19.93 15.80
N THR F 78 -46.89 -20.17 16.68
CA THR F 78 -46.28 -19.09 17.45
C THR F 78 -44.76 -19.12 17.34
N LEU F 79 -44.16 -17.94 17.33
CA LEU F 79 -42.71 -17.80 17.33
C LEU F 79 -42.25 -17.44 18.73
N TYR F 80 -41.09 -17.97 19.14
CA TYR F 80 -40.56 -17.73 20.48
C TYR F 80 -39.16 -17.12 20.45
N LEU F 81 -38.85 -16.32 21.46
CA LEU F 81 -37.53 -15.74 21.62
C LEU F 81 -37.16 -15.67 23.10
N GLN F 82 -36.30 -16.58 23.52
CA GLN F 82 -35.88 -16.65 24.92
C GLN F 82 -34.72 -15.70 25.18
N MET F 83 -35.02 -14.57 25.82
CA MET F 83 -34.01 -13.55 26.09
C MET F 83 -33.52 -13.58 27.53
N ASN F 84 -32.38 -14.24 27.74
CA ASN F 84 -31.71 -14.26 29.04
C ASN F 84 -30.40 -13.50 28.96
N SER F 85 -29.87 -13.13 30.13
CA SER F 85 -28.67 -12.30 30.21
C SER F 85 -28.89 -11.00 29.46
N LEU F 86 -30.01 -10.33 29.78
CA LEU F 86 -30.33 -9.05 29.15
C LEU F 86 -29.35 -7.96 29.57
N ARG F 87 -29.18 -6.99 28.69
CA ARG F 87 -28.33 -5.84 28.97
C ARG F 87 -29.12 -4.54 28.84
N ALA F 88 -28.46 -3.41 29.12
CA ALA F 88 -29.10 -2.11 29.04
C ALA F 88 -29.44 -1.73 27.60
N GLU F 89 -28.67 -2.26 26.65
CA GLU F 89 -28.85 -1.94 25.24
C GLU F 89 -30.04 -2.68 24.62
N ASP F 90 -30.58 -3.65 25.36
CA ASP F 90 -31.70 -4.45 24.87
C ASP F 90 -33.04 -3.72 25.03
N THR F 91 -32.99 -2.52 25.59
CA THR F 91 -34.20 -1.69 25.70
C THR F 91 -34.68 -1.29 24.32
N ALA F 92 -35.78 -1.88 23.87
CA ALA F 92 -36.28 -1.62 22.53
C ALA F 92 -37.71 -2.13 22.32
N LEU F 93 -38.32 -1.71 21.21
CA LEU F 93 -39.59 -2.24 20.78
C LEU F 93 -39.33 -3.40 19.83
N TYR F 94 -39.63 -4.61 20.28
CA TYR F 94 -39.34 -5.82 19.51
C TYR F 94 -40.48 -6.17 18.55
N TYR F 95 -40.20 -6.11 17.26
CA TYR F 95 -41.15 -6.46 16.22
C TYR F 95 -40.98 -7.90 15.76
N CYS F 96 -42.11 -8.55 15.45
CA CYS F 96 -42.11 -9.90 14.87
C CYS F 96 -42.51 -9.83 13.40
N ALA F 97 -41.63 -10.31 12.52
CA ALA F 97 -41.82 -10.15 11.08
C ALA F 97 -41.97 -11.49 10.36
N LYS F 98 -42.65 -11.45 9.22
CA LYS F 98 -42.84 -12.63 8.38
C LYS F 98 -41.86 -12.61 7.21
N ASP F 99 -41.39 -13.79 6.81
CA ASP F 99 -40.55 -13.90 5.62
C ASP F 99 -41.42 -13.96 4.36
N LEU F 100 -40.95 -13.32 3.29
CA LEU F 100 -41.74 -13.22 2.07
C LEU F 100 -41.80 -14.54 1.30
N ARG F 101 -40.65 -15.20 1.20
CA ARG F 101 -40.52 -16.42 0.41
C ARG F 101 -41.09 -17.65 1.11
N GLU F 102 -42.06 -18.32 0.49
CA GLU F 102 -42.53 -19.59 1.02
C GLU F 102 -41.44 -20.62 0.73
N ASP F 103 -41.02 -21.32 1.77
CA ASP F 103 -39.84 -22.19 1.68
C ASP F 103 -40.25 -23.64 1.55
N GLU F 104 -39.75 -24.29 0.50
CA GLU F 104 -39.99 -25.70 0.26
C GLU F 104 -38.66 -26.37 0.01
N CYS F 105 -38.64 -27.70 0.06
CA CYS F 105 -37.43 -28.45 -0.22
C CYS F 105 -37.21 -28.56 -1.72
N GLU F 106 -35.94 -28.53 -2.13
CA GLU F 106 -35.57 -28.68 -3.53
C GLU F 106 -34.75 -29.95 -3.73
N GLU F 107 -34.33 -30.56 -2.63
CA GLU F 107 -33.56 -31.80 -2.68
C GLU F 107 -33.50 -32.46 -1.32
N TRP F 108 -34.12 -33.63 -1.19
CA TRP F 108 -34.14 -34.37 0.06
C TRP F 108 -32.90 -35.25 0.18
N TRP F 109 -32.52 -35.56 1.43
CA TRP F 109 -31.44 -36.51 1.67
C TRP F 109 -31.91 -37.91 1.32
N SER F 110 -30.99 -38.71 0.78
CA SER F 110 -31.31 -40.09 0.42
C SER F 110 -30.04 -40.89 0.15
N ASP F 111 -30.23 -42.18 -0.14
CA ASP F 111 -29.14 -43.08 -0.47
C ASP F 111 -29.74 -44.21 -1.31
N LEU F 119 -36.06 -39.12 5.46
CA LEU F 119 -34.85 -38.35 5.72
C LEU F 119 -35.13 -36.84 5.62
N PRO F 120 -34.27 -36.01 6.24
CA PRO F 120 -34.47 -34.55 6.21
C PRO F 120 -34.10 -33.91 4.88
N CYS F 121 -34.46 -32.64 4.72
CA CYS F 121 -34.11 -31.90 3.51
C CYS F 121 -32.61 -31.69 3.44
N ARG F 122 -32.11 -31.47 2.23
CA ARG F 122 -30.68 -31.22 2.02
C ARG F 122 -30.46 -29.79 1.54
N LYS F 123 -31.39 -29.28 0.74
CA LYS F 123 -31.27 -27.96 0.15
C LYS F 123 -32.63 -27.27 0.05
N SER F 124 -32.99 -26.56 1.11
CA SER F 124 -34.21 -25.76 1.11
C SER F 124 -33.94 -24.42 0.43
N ARG F 125 -35.00 -23.72 0.06
CA ARG F 125 -34.87 -22.43 -0.59
C ARG F 125 -34.26 -21.40 0.36
N GLY F 126 -34.46 -21.60 1.66
CA GLY F 126 -33.87 -20.74 2.67
C GLY F 126 -34.61 -19.43 2.83
N VAL F 127 -34.39 -18.76 3.94
CA VAL F 127 -35.02 -17.46 4.21
C VAL F 127 -34.55 -16.42 3.21
N ALA F 128 -35.42 -15.48 2.89
CA ALA F 128 -35.16 -14.48 1.85
C ALA F 128 -34.65 -13.17 2.42
N GLY F 129 -35.00 -12.89 3.67
CA GLY F 129 -34.59 -11.66 4.31
C GLY F 129 -35.47 -10.48 3.91
N ILE F 130 -36.71 -10.78 3.54
CA ILE F 130 -37.68 -9.75 3.17
C ILE F 130 -38.84 -9.75 4.16
N PHE F 131 -38.94 -8.67 4.93
CA PHE F 131 -39.95 -8.56 5.98
C PHE F 131 -41.22 -7.92 5.43
N ASP F 132 -42.12 -8.75 4.90
CA ASP F 132 -43.30 -8.26 4.19
C ASP F 132 -44.48 -7.96 5.11
N LYS F 133 -44.45 -8.50 6.32
CA LYS F 133 -45.54 -8.28 7.28
C LYS F 133 -45.01 -8.15 8.71
N TRP F 134 -45.47 -7.11 9.40
CA TRP F 134 -45.02 -6.81 10.76
C TRP F 134 -46.18 -6.91 11.75
N GLY F 135 -45.86 -7.08 13.03
CA GLY F 135 -46.87 -7.37 14.04
C GLY F 135 -47.13 -6.26 15.05
N GLN F 136 -46.58 -5.08 14.81
CA GLN F 136 -46.77 -3.92 15.67
C GLN F 136 -45.89 -3.97 16.93
N GLY F 137 -45.31 -5.15 17.20
CA GLY F 137 -44.28 -5.27 18.21
C GLY F 137 -44.75 -5.16 19.66
N THR F 138 -43.87 -5.56 20.58
CA THR F 138 -44.12 -5.46 22.01
C THR F 138 -42.89 -4.87 22.70
N MET F 139 -43.12 -3.99 23.66
CA MET F 139 -42.03 -3.25 24.30
C MET F 139 -41.34 -4.07 25.39
N VAL F 140 -40.01 -4.07 25.35
CA VAL F 140 -39.19 -4.71 26.37
C VAL F 140 -38.31 -3.67 27.05
N ILE F 141 -38.49 -3.50 28.35
CA ILE F 141 -37.78 -2.49 29.13
C ILE F 141 -36.89 -3.16 30.17
N VAL F 142 -35.71 -2.57 30.39
CA VAL F 142 -34.79 -3.05 31.40
C VAL F 142 -34.04 -1.87 32.04
N SER F 143 -34.35 -1.62 33.32
CA SER F 143 -33.76 -0.51 34.06
C SER F 143 -33.46 -0.91 35.49
N SER F 144 -32.22 -0.67 35.92
CA SER F 144 -31.78 -0.98 37.26
C SER F 144 -31.85 0.25 38.16
N ALA F 145 -32.91 1.03 37.98
CA ALA F 145 -33.10 2.25 38.77
C ALA F 145 -34.53 2.78 38.63
N SER F 146 -35.07 3.28 39.73
CA SER F 146 -36.39 3.91 39.72
C SER F 146 -36.31 5.27 40.41
N THR F 147 -37.42 5.69 41.03
CA THR F 147 -37.57 7.03 41.60
C THR F 147 -36.28 7.58 42.21
N LYS F 148 -35.83 8.71 41.70
CA LYS F 148 -34.67 9.42 42.24
C LYS F 148 -34.84 10.92 42.06
N GLY F 149 -34.47 11.69 43.07
CA GLY F 149 -34.55 13.13 42.99
C GLY F 149 -33.52 13.68 42.03
N PRO F 150 -33.87 14.72 41.26
CA PRO F 150 -32.91 15.31 40.31
C PRO F 150 -31.83 16.14 40.98
N SER F 151 -30.57 15.83 40.66
CA SER F 151 -29.45 16.62 41.16
C SER F 151 -29.21 17.83 40.26
N VAL F 152 -29.75 18.98 40.65
CA VAL F 152 -29.68 20.18 39.83
C VAL F 152 -28.30 20.82 39.87
N PHE F 153 -27.83 21.27 38.71
CA PHE F 153 -26.58 22.01 38.60
C PHE F 153 -26.78 23.20 37.66
N PRO F 154 -26.04 24.30 37.91
CA PRO F 154 -26.28 25.53 37.13
C PRO F 154 -25.54 25.55 35.79
N LEU F 155 -26.18 26.09 34.77
CA LEU F 155 -25.54 26.35 33.49
C LEU F 155 -25.28 27.85 33.34
N ALA F 156 -24.22 28.33 33.97
CA ALA F 156 -23.89 29.75 33.95
C ALA F 156 -23.38 30.16 32.58
N PRO F 157 -23.36 31.48 32.31
CA PRO F 157 -22.81 31.96 31.04
C PRO F 157 -21.33 32.32 31.13
N SER F 158 -20.64 32.33 29.99
CA SER F 158 -19.24 32.71 29.92
C SER F 158 -18.94 33.35 28.57
N SER F 159 -18.08 32.73 27.76
CA SER F 159 -17.75 33.26 26.43
C SER F 159 -18.96 33.17 25.49
N SER F 163 -19.98 38.56 27.94
CA SER F 163 -21.34 39.00 27.69
C SER F 163 -21.37 40.14 26.66
N GLY F 164 -22.56 40.67 26.39
CA GLY F 164 -22.73 41.72 25.41
C GLY F 164 -24.05 42.47 25.48
N GLY F 165 -25.13 41.72 25.63
CA GLY F 165 -26.47 42.29 25.60
C GLY F 165 -27.48 41.17 25.56
N THR F 166 -27.09 40.07 24.92
CA THR F 166 -27.86 38.83 24.96
C THR F 166 -27.17 37.89 25.93
N ALA F 167 -27.94 37.01 26.55
CA ALA F 167 -27.39 36.04 27.49
C ALA F 167 -28.04 34.67 27.29
N ALA F 168 -27.36 33.63 27.75
CA ALA F 168 -27.87 32.27 27.67
C ALA F 168 -27.48 31.49 28.92
N LEU F 169 -28.38 31.45 29.89
CA LEU F 169 -28.15 30.71 31.12
C LEU F 169 -29.28 29.71 31.32
N GLY F 170 -29.07 28.74 32.21
CA GLY F 170 -30.08 27.73 32.47
C GLY F 170 -29.71 26.82 33.62
N CYS F 171 -30.56 25.83 33.86
CA CYS F 171 -30.31 24.80 34.87
C CYS F 171 -30.24 23.44 34.21
N LEU F 172 -29.44 22.54 34.77
CA LEU F 172 -29.35 21.16 34.30
C LEU F 172 -30.08 20.21 35.26
N VAL F 173 -31.27 19.78 34.89
CA VAL F 173 -31.98 18.78 35.65
C VAL F 173 -31.35 17.43 35.34
N LYS F 174 -30.56 16.92 36.28
CA LYS F 174 -29.81 15.69 36.08
C LYS F 174 -30.55 14.48 36.63
N ASP F 175 -30.00 13.30 36.34
CA ASP F 175 -30.47 11.99 36.84
C ASP F 175 -31.74 11.98 37.68
N TYR F 176 -32.83 11.46 37.11
CA TYR F 176 -34.05 11.26 37.88
C TYR F 176 -34.96 10.21 37.24
N PHE F 177 -36.17 10.06 37.79
CA PHE F 177 -37.07 8.99 37.39
C PHE F 177 -38.38 9.16 38.16
N PRO F 178 -39.54 9.13 37.49
CA PRO F 178 -39.86 9.16 36.05
C PRO F 178 -40.33 10.53 35.62
N GLU F 179 -40.85 10.62 34.40
CA GLU F 179 -41.57 11.81 34.00
C GLU F 179 -42.80 11.92 34.90
N PRO F 180 -43.30 13.15 35.11
CA PRO F 180 -42.80 14.40 34.54
C PRO F 180 -41.85 15.13 35.47
N VAL F 181 -41.37 16.28 35.01
CA VAL F 181 -40.64 17.21 35.85
C VAL F 181 -41.00 18.63 35.43
N THR F 182 -41.52 19.41 36.37
CA THR F 182 -41.86 20.80 36.08
C THR F 182 -40.62 21.67 36.25
N VAL F 183 -40.51 22.70 35.42
CA VAL F 183 -39.45 23.68 35.57
C VAL F 183 -39.99 25.06 35.20
N SER F 184 -39.72 26.04 36.06
CA SER F 184 -40.07 27.42 35.79
C SER F 184 -38.94 28.30 36.30
N TRP F 185 -39.10 29.61 36.20
CA TRP F 185 -38.06 30.54 36.62
C TRP F 185 -38.63 31.71 37.41
N ASN F 186 -38.00 31.99 38.55
CA ASN F 186 -38.41 33.10 39.42
C ASN F 186 -39.90 33.05 39.73
N SER F 187 -40.36 31.87 40.14
CA SER F 187 -41.75 31.65 40.49
C SER F 187 -42.68 32.00 39.33
N GLY F 188 -42.34 31.50 38.15
CA GLY F 188 -43.22 31.63 36.99
C GLY F 188 -43.32 33.02 36.40
N ALA F 189 -42.71 34.01 37.07
CA ALA F 189 -42.76 35.39 36.59
C ALA F 189 -41.96 35.53 35.29
N LEU F 190 -40.75 34.98 35.29
CA LEU F 190 -39.89 35.02 34.12
C LEU F 190 -40.32 33.95 33.12
N THR F 191 -41.20 34.35 32.20
CA THR F 191 -41.71 33.45 31.17
C THR F 191 -41.20 33.85 29.78
N SER F 192 -40.82 35.10 29.63
CA SER F 192 -40.35 35.63 28.36
C SER F 192 -38.89 35.25 28.08
N GLY F 193 -38.68 34.53 26.98
CA GLY F 193 -37.35 34.12 26.59
C GLY F 193 -36.92 32.84 27.27
N VAL F 194 -37.87 31.94 27.48
CA VAL F 194 -37.62 30.68 28.17
C VAL F 194 -37.89 29.49 27.26
N HIS F 195 -37.11 28.42 27.43
CA HIS F 195 -37.36 27.17 26.71
C HIS F 195 -36.85 25.98 27.49
N THR F 196 -37.78 25.13 27.92
CA THR F 196 -37.45 23.91 28.66
C THR F 196 -37.46 22.72 27.70
N PHE F 197 -36.28 22.20 27.39
CA PHE F 197 -36.16 21.07 26.46
C PHE F 197 -36.82 19.83 27.03
N PRO F 198 -37.19 18.88 26.16
CA PRO F 198 -37.75 17.61 26.65
C PRO F 198 -36.73 16.81 27.47
N ALA F 199 -37.15 15.66 27.97
CA ALA F 199 -36.28 14.79 28.75
C ALA F 199 -35.61 13.74 27.86
N VAL F 200 -34.35 13.45 28.16
CA VAL F 200 -33.62 12.41 27.44
C VAL F 200 -33.60 11.12 28.26
N LEU F 201 -33.48 9.99 27.59
CA LEU F 201 -33.39 8.69 28.27
C LEU F 201 -31.98 8.13 28.18
N GLN F 202 -31.25 8.22 29.28
CA GLN F 202 -29.92 7.66 29.36
C GLN F 202 -29.98 6.13 29.40
N SER F 203 -28.85 5.49 29.21
CA SER F 203 -28.77 4.03 29.21
C SER F 203 -28.96 3.46 30.61
N SER F 204 -28.83 4.31 31.62
CA SER F 204 -29.05 3.89 33.01
C SER F 204 -30.51 4.05 33.42
N GLY F 205 -31.37 4.30 32.44
CA GLY F 205 -32.79 4.41 32.69
C GLY F 205 -33.20 5.78 33.21
N LEU F 206 -32.21 6.57 33.63
CA LEU F 206 -32.45 7.88 34.22
C LEU F 206 -32.86 8.92 33.19
N TYR F 207 -33.61 9.92 33.63
CA TYR F 207 -33.95 11.08 32.80
C TYR F 207 -33.05 12.23 33.18
N SER F 208 -32.92 13.22 32.29
CA SER F 208 -32.00 14.32 32.52
C SER F 208 -32.18 15.45 31.51
N LEU F 209 -33.06 16.40 31.81
CA LEU F 209 -33.37 17.49 30.87
C LEU F 209 -32.66 18.78 31.24
N SER F 210 -32.75 19.76 30.36
CA SER F 210 -32.22 21.10 30.59
C SER F 210 -33.29 22.14 30.31
N SER F 211 -33.06 23.35 30.79
CA SER F 211 -33.99 24.45 30.55
C SER F 211 -33.24 25.77 30.45
N VAL F 212 -33.15 26.29 29.23
CA VAL F 212 -32.39 27.51 28.97
C VAL F 212 -33.31 28.73 28.95
N VAL F 213 -32.79 29.84 29.44
CA VAL F 213 -33.51 31.11 29.40
C VAL F 213 -32.60 32.19 28.83
N THR F 214 -33.06 32.84 27.77
CA THR F 214 -32.32 33.93 27.13
C THR F 214 -32.78 35.26 27.69
N VAL F 215 -31.83 36.09 28.09
CA VAL F 215 -32.14 37.35 28.75
C VAL F 215 -31.13 38.44 28.42
N PRO F 216 -31.47 39.71 28.74
CA PRO F 216 -30.50 40.80 28.60
C PRO F 216 -29.30 40.60 29.51
N SER F 217 -28.09 40.57 28.93
CA SER F 217 -26.88 40.38 29.71
C SER F 217 -26.62 41.59 30.60
N SER F 218 -27.25 42.72 30.28
CA SER F 218 -27.11 43.92 31.07
C SER F 218 -27.68 43.73 32.48
N SER F 219 -28.59 42.79 32.62
CA SER F 219 -29.29 42.56 33.89
C SER F 219 -28.67 41.43 34.70
N LEU F 220 -27.58 40.85 34.20
CA LEU F 220 -26.92 39.74 34.89
C LEU F 220 -26.38 40.15 36.24
N GLY F 221 -25.68 41.28 36.28
CA GLY F 221 -25.09 41.77 37.51
C GLY F 221 -26.11 42.25 38.53
N THR F 222 -27.34 42.43 38.09
CA THR F 222 -28.42 42.90 38.96
C THR F 222 -29.45 41.80 39.21
N GLN F 223 -30.26 41.52 38.20
CA GLN F 223 -31.34 40.54 38.32
C GLN F 223 -30.78 39.15 38.60
N THR F 224 -31.33 38.50 39.63
CA THR F 224 -30.93 37.15 40.01
C THR F 224 -31.89 36.12 39.41
N TYR F 225 -31.34 35.07 38.82
CA TYR F 225 -32.14 34.06 38.13
C TYR F 225 -32.19 32.75 38.91
N ILE F 226 -33.41 32.25 39.12
CA ILE F 226 -33.63 31.03 39.90
C ILE F 226 -34.57 30.08 39.16
N CYS F 227 -34.14 28.83 38.98
CA CYS F 227 -34.96 27.82 38.31
C CYS F 227 -35.74 26.97 39.32
N ASN F 228 -37.06 27.00 39.22
CA ASN F 228 -37.91 26.33 40.19
C ASN F 228 -38.27 24.90 39.78
N VAL F 229 -37.37 23.97 40.07
CA VAL F 229 -37.58 22.57 39.73
C VAL F 229 -38.64 21.94 40.63
N ASN F 230 -39.34 20.94 40.11
CA ASN F 230 -40.34 20.21 40.88
C ASN F 230 -40.41 18.78 40.39
N HIS F 231 -40.27 17.84 41.32
CA HIS F 231 -40.36 16.41 41.00
C HIS F 231 -41.33 15.72 41.96
N LYS F 232 -42.60 15.74 41.59
CA LYS F 232 -43.68 15.22 42.43
C LYS F 232 -43.50 13.75 42.83
N PRO F 233 -42.95 12.92 41.92
CA PRO F 233 -42.76 11.51 42.28
C PRO F 233 -41.92 11.29 43.55
N SER F 234 -40.88 12.09 43.75
CA SER F 234 -40.00 11.93 44.90
C SER F 234 -40.18 13.06 45.91
N ASN F 235 -41.21 13.88 45.72
CA ASN F 235 -41.52 15.00 46.63
C ASN F 235 -40.38 15.99 46.76
N THR F 236 -39.56 16.09 45.71
CA THR F 236 -38.38 16.95 45.74
C THR F 236 -38.65 18.28 45.05
N LYS F 237 -38.08 19.35 45.62
CA LYS F 237 -38.13 20.68 45.02
C LYS F 237 -36.75 21.32 45.11
N VAL F 238 -36.41 22.13 44.11
CA VAL F 238 -35.13 22.84 44.09
C VAL F 238 -35.33 24.23 43.49
N ASP F 239 -34.54 25.19 43.96
CA ASP F 239 -34.56 26.55 43.44
C ASP F 239 -33.14 27.05 43.26
N LYS F 240 -32.43 26.49 42.28
CA LYS F 240 -31.04 26.85 42.04
C LYS F 240 -30.90 28.26 41.49
N ARG F 241 -30.13 29.10 42.19
CA ARG F 241 -29.87 30.46 41.75
C ARG F 241 -28.62 30.49 40.86
N VAL F 242 -28.84 30.71 39.57
CA VAL F 242 -27.76 30.68 38.59
C VAL F 242 -26.87 31.92 38.69
N GLU F 243 -25.62 31.72 39.10
CA GLU F 243 -24.66 32.80 39.27
C GLU F 243 -23.57 32.74 38.20
N PRO F 244 -23.08 33.92 37.74
CA PRO F 244 -21.92 33.96 36.85
C PRO F 244 -20.60 34.13 37.60
N LYS F 245 -19.49 33.75 36.97
CA LYS F 245 -18.17 33.96 37.55
C LYS F 245 -17.13 34.15 36.45
N SER F 246 -16.10 34.94 36.74
CA SER F 246 -15.03 35.21 35.78
C SER F 246 -13.89 34.22 35.93
N VAL G 2 24.19 21.24 6.72
CA VAL G 2 23.31 22.29 7.22
C VAL G 2 23.03 23.33 6.14
N LEU G 3 21.76 23.56 5.86
CA LEU G 3 21.36 24.53 4.85
C LEU G 3 20.93 25.84 5.50
N THR G 4 21.36 26.96 4.91
CA THR G 4 21.12 28.28 5.47
C THR G 4 20.18 29.11 4.60
N GLN G 5 19.34 29.92 5.24
CA GLN G 5 18.45 30.84 4.54
C GLN G 5 18.61 32.24 5.10
N PRO G 6 18.20 33.25 4.31
CA PRO G 6 18.18 34.61 4.88
C PRO G 6 17.18 34.68 6.03
N PRO G 7 17.50 35.42 7.11
CA PRO G 7 16.58 35.51 8.25
C PRO G 7 15.18 35.96 7.86
N SER G 8 15.08 36.88 6.91
CA SER G 8 13.79 37.42 6.52
C SER G 8 13.84 38.14 5.18
N VAL G 9 12.66 38.32 4.58
CA VAL G 9 12.50 39.09 3.35
C VAL G 9 11.18 39.84 3.42
N SER G 10 11.01 40.83 2.56
CA SER G 10 9.79 41.62 2.57
C SER G 10 9.53 42.29 1.23
N ALA G 11 8.26 42.55 0.95
CA ALA G 11 7.86 43.24 -0.26
C ALA G 11 6.40 43.67 -0.14
N ALA G 12 5.99 44.60 -1.00
CA ALA G 12 4.61 45.08 -0.98
C ALA G 12 3.69 43.99 -1.52
N PRO G 13 2.39 44.10 -1.21
CA PRO G 13 1.42 43.14 -1.77
C PRO G 13 1.50 43.07 -3.30
N GLY G 14 1.51 41.85 -3.83
CA GLY G 14 1.54 41.63 -5.27
C GLY G 14 2.94 41.45 -5.81
N GLN G 15 3.92 42.01 -5.11
CA GLN G 15 5.31 41.94 -5.56
C GLN G 15 5.81 40.50 -5.67
N LYS G 16 7.01 40.35 -6.24
CA LYS G 16 7.66 39.05 -6.33
C LYS G 16 8.81 38.97 -5.33
N VAL G 17 8.82 37.90 -4.54
CA VAL G 17 9.85 37.68 -3.52
C VAL G 17 10.59 36.37 -3.76
N THR G 18 11.90 36.41 -3.54
CA THR G 18 12.76 35.24 -3.76
C THR G 18 13.47 34.83 -2.47
N ILE G 19 13.26 33.58 -2.06
CA ILE G 19 13.87 33.03 -0.86
C ILE G 19 14.88 31.95 -1.23
N SER G 20 16.11 32.09 -0.74
CA SER G 20 17.17 31.15 -1.07
C SER G 20 17.36 30.11 0.04
N CYS G 21 17.80 28.92 -0.37
CA CYS G 21 18.11 27.84 0.57
C CYS G 21 19.54 27.37 0.30
N SER G 22 20.50 28.27 0.52
CA SER G 22 21.90 27.98 0.22
C SER G 22 22.41 26.80 1.03
N GLY G 23 23.46 26.15 0.52
CA GLY G 23 24.04 25.01 1.19
C GLY G 23 25.14 24.39 0.35
N SER G 24 25.63 23.23 0.79
CA SER G 24 26.68 22.52 0.08
C SER G 24 26.11 21.79 -1.13
N SER G 25 26.95 21.55 -2.13
CA SER G 25 26.55 20.77 -3.30
C SER G 25 26.30 19.32 -2.91
N SER G 26 26.83 18.92 -1.76
CA SER G 26 26.68 17.56 -1.25
C SER G 26 25.22 17.23 -0.98
N ASN G 27 24.51 18.14 -0.34
CA ASN G 27 23.12 17.94 0.03
C ASN G 27 22.16 18.78 -0.81
N ILE G 28 22.48 18.91 -2.09
CA ILE G 28 21.62 19.63 -3.03
C ILE G 28 21.60 18.91 -4.38
N GLY G 29 22.76 18.44 -4.82
CA GLY G 29 22.88 17.75 -6.08
C GLY G 29 22.32 16.34 -6.02
N ASN G 30 22.60 15.66 -4.92
CA ASN G 30 22.17 14.27 -4.75
C ASN G 30 20.73 14.15 -4.27
N ASN G 31 20.26 15.17 -3.55
CA ASN G 31 18.94 15.14 -2.94
C ASN G 31 17.98 16.17 -3.53
N PHE G 32 16.68 15.95 -3.32
CA PHE G 32 15.67 16.92 -3.71
C PHE G 32 15.58 18.03 -2.65
N VAL G 33 14.62 18.93 -2.83
CA VAL G 33 14.36 19.98 -1.85
C VAL G 33 12.85 20.13 -1.65
N SER G 34 12.45 20.34 -0.41
CA SER G 34 11.03 20.49 -0.08
C SER G 34 10.84 21.63 0.91
N TRP G 35 9.88 22.51 0.61
CA TRP G 35 9.63 23.69 1.42
C TRP G 35 8.38 23.53 2.28
N TYR G 36 8.31 24.31 3.36
CA TYR G 36 7.18 24.25 4.28
C TYR G 36 6.81 25.65 4.78
N GLN G 37 5.53 25.96 4.74
CA GLN G 37 5.02 27.24 5.24
C GLN G 37 4.43 27.07 6.63
N GLN G 38 4.81 27.95 7.55
CA GLN G 38 4.28 27.94 8.90
C GLN G 38 3.70 29.30 9.26
N ARG G 39 2.38 29.40 9.24
CA ARG G 39 1.71 30.63 9.64
C ARG G 39 1.85 30.83 11.15
N PRO G 40 1.62 32.07 11.62
CA PRO G 40 1.76 32.35 13.05
C PRO G 40 0.86 31.50 13.92
N GLY G 41 1.43 30.91 14.97
CA GLY G 41 0.67 30.13 15.93
C GLY G 41 -0.07 28.96 15.31
N THR G 42 0.61 28.20 14.48
CA THR G 42 0.03 27.00 13.88
C THR G 42 1.09 26.11 13.25
N ALA G 43 0.71 24.88 12.95
CA ALA G 43 1.65 23.90 12.42
C ALA G 43 2.12 24.28 11.02
N PRO G 44 3.29 23.78 10.61
CA PRO G 44 3.75 24.02 9.24
C PRO G 44 2.86 23.35 8.20
N SER G 45 3.21 23.49 6.92
CA SER G 45 2.45 22.86 5.85
C SER G 45 3.29 22.75 4.59
N LEU G 46 3.24 21.58 3.94
CA LEU G 46 4.00 21.33 2.73
C LEU G 46 3.53 22.21 1.58
N LEU G 47 4.45 22.99 1.01
CA LEU G 47 4.16 23.79 -0.18
C LEU G 47 4.80 23.19 -1.41
N ILE G 48 6.05 22.74 -1.26
CA ILE G 48 6.82 22.19 -2.37
C ILE G 48 7.51 20.89 -1.97
N TYR G 49 7.45 19.90 -2.84
CA TYR G 49 8.16 18.64 -2.65
C TYR G 49 8.82 18.24 -3.96
N GLU G 50 9.90 17.47 -3.88
CA GLU G 50 10.67 17.08 -5.04
C GLU G 50 11.08 18.30 -5.87
N THR G 51 11.52 19.34 -5.17
CA THR G 51 12.05 20.56 -5.78
C THR G 51 10.97 21.38 -6.51
N ASN G 52 10.20 20.74 -7.38
CA ASN G 52 9.24 21.45 -8.21
C ASN G 52 7.78 21.17 -7.85
N LYS G 53 7.46 19.90 -7.65
CA LYS G 53 6.06 19.49 -7.48
C LYS G 53 5.42 20.09 -6.23
N ARG G 54 4.15 20.45 -6.36
CA ARG G 54 3.35 20.99 -5.26
C ARG G 54 2.06 20.20 -5.11
N PRO G 55 1.63 19.96 -3.86
CA PRO G 55 0.40 19.17 -3.67
C PRO G 55 -0.86 19.92 -4.06
N SER G 56 -2.00 19.24 -4.03
CA SER G 56 -3.27 19.84 -4.41
C SER G 56 -3.65 20.95 -3.44
N GLY G 57 -4.26 22.01 -3.96
CA GLY G 57 -4.70 23.13 -3.16
C GLY G 57 -3.64 24.20 -3.00
N ILE G 58 -2.47 23.98 -3.60
CA ILE G 58 -1.37 24.92 -3.54
C ILE G 58 -1.30 25.76 -4.81
N PRO G 59 -1.43 27.10 -4.69
CA PRO G 59 -1.39 27.96 -5.89
C PRO G 59 -0.12 27.84 -6.72
N ASP G 60 -0.24 28.08 -8.02
CA ASP G 60 0.90 28.00 -8.92
C ASP G 60 1.86 29.18 -8.71
N ARG G 61 1.50 30.09 -7.83
CA ARG G 61 2.35 31.22 -7.49
C ARG G 61 3.64 30.72 -6.83
N PHE G 62 3.50 29.68 -6.02
CA PHE G 62 4.64 29.09 -5.33
C PHE G 62 5.40 28.15 -6.26
N SER G 63 6.43 28.68 -6.92
CA SER G 63 7.23 27.90 -7.84
C SER G 63 8.61 27.63 -7.25
N GLY G 64 9.09 26.40 -7.42
CA GLY G 64 10.39 26.00 -6.89
C GLY G 64 11.46 25.94 -7.97
N SER G 65 12.71 25.94 -7.54
CA SER G 65 13.84 25.85 -8.45
C SER G 65 15.10 25.44 -7.70
N LYS G 66 16.08 24.88 -8.42
CA LYS G 66 17.30 24.37 -7.80
C LYS G 66 18.49 24.52 -8.74
N SER G 67 19.68 24.63 -8.16
CA SER G 67 20.90 24.84 -8.93
C SER G 67 22.06 24.01 -8.37
N ALA G 68 23.27 24.55 -8.45
CA ALA G 68 24.46 23.85 -7.97
C ALA G 68 24.58 23.92 -6.46
N THR G 69 24.91 25.12 -5.96
CA THR G 69 25.17 25.32 -4.54
C THR G 69 24.08 26.15 -3.88
N SER G 70 22.90 26.19 -4.49
CA SER G 70 21.78 26.96 -3.95
C SER G 70 20.44 26.37 -4.37
N ALA G 71 19.37 26.84 -3.74
CA ALA G 71 18.02 26.38 -4.05
C ALA G 71 17.01 27.45 -3.64
N THR G 72 16.30 27.98 -4.63
CA THR G 72 15.43 29.14 -4.41
C THR G 72 13.96 28.80 -4.45
N LEU G 73 13.18 29.47 -3.60
CA LEU G 73 11.74 29.46 -3.67
C LEU G 73 11.25 30.80 -4.21
N ALA G 74 10.25 30.76 -5.09
CA ALA G 74 9.71 31.97 -5.69
C ALA G 74 8.22 32.10 -5.39
N ILE G 75 7.81 33.31 -5.02
CA ILE G 75 6.42 33.59 -4.72
C ILE G 75 6.00 34.89 -5.41
N THR G 76 5.14 34.78 -6.42
CA THR G 76 4.65 35.93 -7.16
C THR G 76 3.24 36.30 -6.70
N GLY G 77 2.85 37.55 -6.89
CA GLY G 77 1.53 38.02 -6.52
C GLY G 77 1.25 37.84 -5.05
N LEU G 78 2.04 38.52 -4.21
CA LEU G 78 1.91 38.39 -2.76
C LEU G 78 0.61 38.96 -2.24
N GLN G 79 0.04 38.28 -1.25
CA GLN G 79 -1.11 38.79 -0.52
C GLN G 79 -0.80 38.69 0.97
N THR G 80 -1.62 39.34 1.80
CA THR G 80 -1.37 39.38 3.24
C THR G 80 -1.37 37.99 3.87
N GLY G 81 -1.99 37.02 3.19
CA GLY G 81 -2.07 35.66 3.69
C GLY G 81 -0.76 34.91 3.56
N ASP G 82 0.06 35.32 2.59
CA ASP G 82 1.33 34.67 2.34
C ASP G 82 2.37 35.00 3.41
N GLU G 83 2.00 35.91 4.32
CA GLU G 83 2.90 36.32 5.40
C GLU G 83 3.07 35.17 6.40
N ALA G 84 4.27 34.61 6.45
CA ALA G 84 4.57 33.48 7.32
C ALA G 84 6.07 33.20 7.36
N ASP G 85 6.44 32.10 8.01
CA ASP G 85 7.83 31.64 8.06
C ASP G 85 8.01 30.42 7.15
N TYR G 86 9.05 30.47 6.32
CA TYR G 86 9.28 29.42 5.32
C TYR G 86 10.59 28.69 5.55
N TYR G 87 10.48 27.37 5.75
CA TYR G 87 11.64 26.51 5.97
C TYR G 87 11.87 25.58 4.79
N CYS G 88 13.14 25.34 4.46
CA CYS G 88 13.52 24.38 3.44
C CYS G 88 14.01 23.11 4.09
N ALA G 89 14.00 22.01 3.35
CA ALA G 89 14.38 20.70 3.89
C ALA G 89 15.13 19.84 2.89
N THR G 90 15.89 18.89 3.43
CA THR G 90 16.62 17.91 2.63
C THR G 90 16.76 16.62 3.45
N TRP G 91 16.83 15.48 2.78
CA TRP G 91 16.89 14.19 3.46
C TRP G 91 18.11 13.38 3.05
N ALA G 92 18.96 13.08 4.03
CA ALA G 92 20.19 12.32 3.79
C ALA G 92 20.01 10.86 4.18
N ALA G 93 21.01 10.04 3.88
CA ALA G 93 21.00 8.62 4.21
C ALA G 93 21.41 8.41 5.67
N SER G 94 22.71 8.50 5.93
CA SER G 94 23.24 8.44 7.29
C SER G 94 23.64 9.85 7.73
N LEU G 95 22.96 10.35 8.75
CA LEU G 95 23.15 11.72 9.21
C LEU G 95 23.63 11.76 10.67
N VAL G 100 18.97 18.67 8.28
CA VAL G 100 17.70 18.19 7.77
C VAL G 100 16.80 19.37 7.38
N PHE G 101 16.26 20.06 8.37
CA PHE G 101 15.53 21.30 8.12
C PHE G 101 16.52 22.43 7.94
N GLY G 102 16.03 23.60 7.56
CA GLY G 102 16.87 24.77 7.37
C GLY G 102 16.50 25.91 8.30
N THR G 103 17.38 26.90 8.38
CA THR G 103 17.10 28.12 9.12
C THR G 103 15.81 28.74 8.62
N GLY G 104 15.09 29.46 9.48
CA GLY G 104 13.83 30.04 9.09
C GLY G 104 13.95 31.13 8.04
N THR G 105 12.80 31.61 7.57
CA THR G 105 12.75 32.77 6.68
C THR G 105 11.41 33.47 6.81
N LYS G 106 11.42 34.65 7.43
CA LYS G 106 10.19 35.37 7.71
C LYS G 106 9.82 36.29 6.55
N VAL G 107 8.72 35.96 5.87
CA VAL G 107 8.17 36.82 4.84
C VAL G 107 7.28 37.87 5.49
N ILE G 108 7.35 39.11 5.01
CA ILE G 108 6.54 40.19 5.55
C ILE G 108 5.90 41.00 4.42
N VAL G 109 4.61 41.27 4.55
CA VAL G 109 3.86 42.02 3.56
C VAL G 109 3.35 43.33 4.14
N SER G 110 3.76 44.45 3.55
CA SER G 110 3.34 45.77 4.01
C SER G 110 3.66 46.87 3.00
N GLY G 111 3.13 48.06 3.26
CA GLY G 111 3.39 49.21 2.41
C GLY G 111 4.87 49.50 2.30
N GLN G 112 5.62 49.03 3.29
CA GLN G 112 7.08 49.07 3.27
C GLN G 112 7.68 50.48 3.39
N PRO G 113 7.15 51.30 4.32
CA PRO G 113 7.89 52.52 4.66
C PRO G 113 8.86 52.26 5.80
N LYS G 114 10.01 51.66 5.49
CA LYS G 114 10.90 51.18 6.53
C LYS G 114 11.56 52.32 7.29
N ALA G 115 12.05 51.99 8.48
CA ALA G 115 12.79 52.93 9.31
C ALA G 115 13.95 52.19 9.97
N ASN G 116 15.11 52.84 10.06
CA ASN G 116 16.27 52.22 10.67
C ASN G 116 16.10 52.08 12.17
N PRO G 117 16.74 51.06 12.77
CA PRO G 117 16.64 50.85 14.22
C PRO G 117 17.68 51.65 15.00
N THR G 118 17.23 52.31 16.07
CA THR G 118 18.15 52.99 16.97
C THR G 118 18.65 51.98 18.02
N VAL G 119 19.96 51.79 18.06
CA VAL G 119 20.58 50.86 19.00
C VAL G 119 21.22 51.62 20.15
N THR G 120 21.01 51.11 21.36
CA THR G 120 21.61 51.69 22.57
C THR G 120 22.11 50.55 23.46
N LEU G 121 23.42 50.54 23.72
CA LEU G 121 24.05 49.45 24.45
C LEU G 121 24.44 49.86 25.86
N PHE G 122 24.04 49.05 26.84
CA PHE G 122 24.35 49.27 28.25
C PHE G 122 25.33 48.21 28.76
N PRO G 123 26.47 48.65 29.34
CA PRO G 123 27.38 47.66 29.94
C PRO G 123 26.85 47.17 31.29
N PRO G 124 27.56 46.24 31.94
CA PRO G 124 27.13 45.78 33.27
C PRO G 124 27.22 46.88 34.32
N SER G 125 26.24 46.92 35.21
CA SER G 125 26.22 47.92 36.27
C SER G 125 27.32 47.65 37.29
N SER G 126 27.63 48.65 38.08
CA SER G 126 28.60 48.51 39.16
C SER G 126 28.04 47.54 40.21
N GLU G 127 26.73 47.58 40.37
CA GLU G 127 26.04 46.74 41.34
C GLU G 127 26.03 45.28 40.91
N GLU G 128 25.62 45.04 39.66
CA GLU G 128 25.51 43.68 39.14
C GLU G 128 26.82 42.93 39.29
N LEU G 129 27.93 43.64 39.13
CA LEU G 129 29.25 43.06 39.32
C LEU G 129 29.51 42.72 40.78
N GLN G 130 28.91 43.48 41.69
CA GLN G 130 29.06 43.21 43.12
C GLN G 130 28.30 41.95 43.53
N ALA G 131 27.39 41.50 42.67
CA ALA G 131 26.67 40.25 42.88
C ALA G 131 27.30 39.13 42.06
N ASN G 132 28.55 39.34 41.67
CA ASN G 132 29.27 38.39 40.83
C ASN G 132 28.46 37.99 39.59
N LYS G 133 27.99 39.01 38.87
CA LYS G 133 27.28 38.80 37.62
C LYS G 133 27.58 39.95 36.66
N ALA G 134 27.25 39.76 35.39
CA ALA G 134 27.50 40.78 34.38
C ALA G 134 26.67 40.53 33.12
N THR G 135 25.85 41.51 32.75
CA THR G 135 25.01 41.39 31.57
C THR G 135 24.97 42.71 30.80
N LEU G 136 25.17 42.60 29.48
CA LEU G 136 25.10 43.74 28.58
C LEU G 136 23.75 43.74 27.86
N VAL G 137 23.08 44.88 27.87
CA VAL G 137 21.74 45.01 27.27
C VAL G 137 21.77 45.90 26.03
N CYS G 138 21.46 45.32 24.88
CA CYS G 138 21.41 46.04 23.62
C CYS G 138 19.96 46.21 23.18
N LEU G 139 19.43 47.43 23.34
CA LEU G 139 18.02 47.68 23.05
C LEU G 139 17.83 48.25 21.64
N ILE G 140 16.77 47.78 20.98
CA ILE G 140 16.46 48.14 19.60
C ILE G 140 15.08 48.78 19.55
N SER G 141 14.89 49.75 18.66
CA SER G 141 13.61 50.47 18.62
C SER G 141 13.37 51.28 17.34
N ASP G 142 12.11 51.63 17.13
CA ASP G 142 11.70 52.54 16.06
C ASP G 142 12.12 52.08 14.67
N PHE G 143 11.81 50.83 14.34
CA PHE G 143 12.15 50.28 13.04
C PHE G 143 11.03 49.44 12.44
N TYR G 144 11.19 49.13 11.16
CA TYR G 144 10.18 48.46 10.37
C TYR G 144 10.92 47.73 9.25
N PRO G 145 10.39 46.60 8.75
CA PRO G 145 9.14 45.87 9.02
C PRO G 145 9.20 44.93 10.24
N GLY G 146 10.14 45.16 11.14
CA GLY G 146 10.19 44.38 12.37
C GLY G 146 10.79 43.00 12.19
N ALA G 147 12.07 42.96 11.83
CA ALA G 147 12.79 41.71 11.67
C ALA G 147 14.28 41.95 11.63
N VAL G 148 14.92 41.83 12.79
CA VAL G 148 16.35 42.11 12.91
C VAL G 148 17.12 40.89 13.37
N THR G 149 18.44 40.93 13.20
CA THR G 149 19.31 39.82 13.55
C THR G 149 20.52 40.29 14.34
N VAL G 150 20.40 40.26 15.66
CA VAL G 150 21.46 40.71 16.54
C VAL G 150 22.65 39.76 16.47
N ALA G 151 23.85 40.30 16.68
CA ALA G 151 25.06 39.50 16.72
C ALA G 151 26.06 40.11 17.70
N TRP G 152 26.65 39.28 18.55
CA TRP G 152 27.60 39.74 19.56
C TRP G 152 29.02 39.35 19.18
N LYS G 153 29.97 40.25 19.45
CA LYS G 153 31.37 40.01 19.13
C LYS G 153 32.29 40.58 20.22
N ALA G 154 33.02 39.69 20.88
CA ALA G 154 33.96 40.08 21.93
C ALA G 154 35.35 40.27 21.33
N ASP G 155 35.76 41.53 21.18
CA ASP G 155 37.03 41.87 20.54
C ASP G 155 37.12 41.21 19.17
N SER G 156 36.20 41.57 18.28
CA SER G 156 36.17 41.04 16.91
C SER G 156 35.75 39.57 16.86
N SER G 157 36.35 38.74 17.71
CA SER G 157 35.99 37.32 17.79
C SER G 157 34.52 37.17 18.18
N PRO G 158 33.73 36.47 17.35
CA PRO G 158 32.29 36.41 17.61
C PRO G 158 31.93 35.52 18.79
N VAL G 159 30.73 35.73 19.33
CA VAL G 159 30.22 34.92 20.44
C VAL G 159 28.72 34.73 20.27
N LYS G 160 28.25 33.51 20.54
CA LYS G 160 26.82 33.21 20.48
C LYS G 160 26.38 32.48 21.75
N ALA G 161 27.35 32.15 22.61
CA ALA G 161 27.05 31.52 23.88
C ALA G 161 26.67 32.58 24.93
N GLY G 162 25.59 32.31 25.65
CA GLY G 162 25.13 33.23 26.68
C GLY G 162 24.28 34.36 26.13
N VAL G 163 23.92 34.26 24.85
CA VAL G 163 23.10 35.28 24.20
C VAL G 163 21.62 34.89 24.22
N GLU G 164 20.77 35.88 24.48
CA GLU G 164 19.32 35.69 24.43
C GLU G 164 18.68 36.92 23.82
N THR G 165 17.84 36.71 22.80
CA THR G 165 17.24 37.81 22.05
C THR G 165 15.73 37.66 21.93
N THR G 166 14.99 38.69 22.34
CA THR G 166 13.55 38.69 22.23
C THR G 166 13.11 38.80 20.78
N THR G 167 12.00 38.16 20.44
CA THR G 167 11.40 38.32 19.12
C THR G 167 10.89 39.75 18.98
N PRO G 168 11.01 40.34 17.78
CA PRO G 168 10.54 41.73 17.58
C PRO G 168 9.09 41.93 18.01
N SER G 169 8.78 43.14 18.49
CA SER G 169 7.45 43.46 19.01
C SER G 169 7.08 44.90 18.73
N LYS G 170 5.80 45.14 18.47
CA LYS G 170 5.32 46.48 18.15
C LYS G 170 5.43 47.44 19.33
N GLN G 171 5.77 48.69 19.03
CA GLN G 171 5.80 49.75 20.03
C GLN G 171 4.47 50.49 20.04
N SER G 172 4.43 51.65 20.70
CA SER G 172 3.23 52.46 20.75
C SER G 172 2.93 53.07 19.38
N ASN G 173 3.98 53.45 18.67
CA ASN G 173 3.85 54.12 17.38
C ASN G 173 3.91 53.14 16.20
N ASN G 174 3.40 51.94 16.43
CA ASN G 174 3.32 50.89 15.41
C ASN G 174 4.66 50.39 14.87
N LYS G 175 5.75 51.09 15.19
CA LYS G 175 7.09 50.64 14.80
C LYS G 175 7.54 49.56 15.77
N TYR G 176 8.45 48.69 15.33
CA TYR G 176 8.82 47.52 16.11
C TYR G 176 10.01 47.77 17.03
N ALA G 177 10.22 46.84 17.96
CA ALA G 177 11.30 46.92 18.93
C ALA G 177 11.72 45.53 19.39
N ALA G 178 12.98 45.40 19.81
CA ALA G 178 13.51 44.13 20.29
C ALA G 178 14.56 44.38 21.38
N SER G 179 15.00 43.29 22.02
CA SER G 179 15.98 43.39 23.10
C SER G 179 16.83 42.13 23.16
N SER G 180 18.15 42.33 23.26
CA SER G 180 19.09 41.22 23.32
C SER G 180 20.06 41.38 24.48
N TYR G 181 20.06 40.40 25.38
CA TYR G 181 20.93 40.42 26.55
C TYR G 181 22.15 39.54 26.32
N LEU G 182 23.17 39.71 27.17
CA LEU G 182 24.39 38.91 27.07
C LEU G 182 24.86 38.47 28.45
N SER G 183 24.37 37.31 28.90
CA SER G 183 24.77 36.76 30.19
C SER G 183 26.25 36.44 30.20
N LEU G 184 26.96 36.98 31.20
CA LEU G 184 28.41 36.82 31.26
C LEU G 184 28.90 36.80 32.71
N THR G 185 30.11 36.30 32.91
CA THR G 185 30.74 36.28 34.22
C THR G 185 31.69 37.48 34.35
N PRO G 186 31.75 38.11 35.54
CA PRO G 186 32.63 39.27 35.71
C PRO G 186 34.08 39.02 35.33
N GLU G 187 34.50 37.76 35.35
CA GLU G 187 35.87 37.40 34.96
C GLU G 187 36.08 37.66 33.47
N GLN G 188 35.10 37.31 32.66
CA GLN G 188 35.19 37.47 31.21
C GLN G 188 35.05 38.94 30.83
N TRP G 189 34.13 39.64 31.50
CA TRP G 189 33.82 41.03 31.18
C TRP G 189 35.03 41.95 31.35
N LYS G 190 35.81 41.72 32.40
CA LYS G 190 36.97 42.56 32.69
C LYS G 190 38.24 42.07 31.99
N SER G 191 38.13 40.94 31.30
CA SER G 191 39.27 40.34 30.60
C SER G 191 39.46 40.95 29.21
N HIS G 192 38.40 40.99 28.42
CA HIS G 192 38.46 41.50 27.06
C HIS G 192 38.52 43.02 27.04
N ARG G 193 38.84 43.57 25.87
CA ARG G 193 38.96 45.02 25.71
C ARG G 193 37.65 45.66 25.28
N SER G 194 36.77 44.86 24.66
CA SER G 194 35.50 45.38 24.17
C SER G 194 34.49 44.28 23.85
N TYR G 195 33.22 44.61 23.97
CA TYR G 195 32.11 43.75 23.56
C TYR G 195 31.17 44.54 22.66
N SER G 196 30.92 44.02 21.46
CA SER G 196 30.13 44.74 20.46
C SER G 196 28.73 44.14 20.29
N CYS G 197 27.79 45.00 19.91
CA CYS G 197 26.42 44.59 19.66
C CYS G 197 26.02 44.87 18.21
N GLN G 198 26.27 43.91 17.33
CA GLN G 198 25.99 44.07 15.91
C GLN G 198 24.54 43.74 15.59
N VAL G 199 23.78 44.76 15.20
CA VAL G 199 22.37 44.60 14.84
C VAL G 199 22.19 44.71 13.34
N THR G 200 21.69 43.65 12.72
CA THR G 200 21.48 43.62 11.27
C THR G 200 20.00 43.83 10.93
N HIS G 201 19.73 44.85 10.11
CA HIS G 201 18.36 45.18 9.69
C HIS G 201 18.28 45.41 8.18
N GLU G 202 17.73 44.43 7.47
CA GLU G 202 17.56 44.51 6.02
C GLU G 202 18.91 44.71 5.32
N GLY G 203 19.82 43.77 5.53
CA GLY G 203 21.13 43.81 4.89
C GLY G 203 22.12 44.69 5.61
N SER G 204 21.69 45.90 5.97
CA SER G 204 22.55 46.87 6.64
C SER G 204 22.72 46.54 8.12
N THR G 205 23.87 46.93 8.68
CA THR G 205 24.20 46.62 10.07
C THR G 205 24.63 47.85 10.87
N VAL G 206 24.16 47.92 12.11
CA VAL G 206 24.56 48.97 13.05
C VAL G 206 25.23 48.33 14.26
N GLU G 207 26.50 48.68 14.48
CA GLU G 207 27.30 48.07 15.54
C GLU G 207 27.70 49.08 16.60
N LYS G 208 27.22 48.87 17.82
CA LYS G 208 27.65 49.64 18.98
C LYS G 208 28.67 48.83 19.77
N THR G 209 29.47 49.51 20.60
CA THR G 209 30.50 48.83 21.37
C THR G 209 30.80 49.55 22.68
N VAL G 210 31.09 48.77 23.71
CA VAL G 210 31.43 49.30 25.03
C VAL G 210 32.69 48.64 25.57
N ALA G 211 33.21 49.16 26.67
CA ALA G 211 34.39 48.61 27.31
C ALA G 211 34.32 48.79 28.84
N PRO G 212 35.13 48.04 29.58
CA PRO G 212 35.19 48.21 31.04
C PRO G 212 35.96 49.45 31.48
N THR G 213 36.12 50.41 30.59
CA THR G 213 36.90 51.62 30.86
C THR G 213 36.10 52.89 30.61
N GLU G 214 35.77 53.15 29.34
CA GLU G 214 35.14 54.40 28.93
C GLU G 214 33.74 54.58 29.55
N VAL H 2 -7.10 13.44 6.82
CA VAL H 2 -6.00 13.03 7.69
C VAL H 2 -6.10 13.70 9.05
N GLN H 3 -5.71 12.97 10.10
CA GLN H 3 -5.78 13.49 11.46
C GLN H 3 -4.59 13.01 12.28
N LEU H 4 -3.87 13.95 12.88
CA LEU H 4 -2.74 13.65 13.75
C LEU H 4 -2.87 14.40 15.06
N VAL H 5 -2.80 13.67 16.18
CA VAL H 5 -2.98 14.26 17.50
C VAL H 5 -1.92 13.76 18.47
N GLU H 6 -1.05 14.66 18.93
CA GLU H 6 -0.01 14.31 19.88
C GLU H 6 -0.54 14.39 21.31
N SER H 7 0.19 13.77 22.24
CA SER H 7 -0.19 13.78 23.64
C SER H 7 0.94 13.23 24.51
N GLY H 8 1.20 13.91 25.62
CA GLY H 8 2.23 13.49 26.55
C GLY H 8 3.05 14.65 27.06
N GLY H 9 2.98 15.77 26.36
CA GLY H 9 3.75 16.95 26.74
C GLY H 9 3.34 17.50 28.09
N GLY H 10 4.28 18.19 28.74
CA GLY H 10 4.03 18.79 30.04
C GLY H 10 5.27 19.43 30.62
N VAL H 11 5.26 19.65 31.93
CA VAL H 11 6.38 20.27 32.63
C VAL H 11 7.06 19.27 33.56
N VAL H 12 8.35 19.05 33.35
CA VAL H 12 9.11 18.12 34.17
C VAL H 12 10.56 18.59 34.30
N GLN H 13 11.19 18.29 35.43
CA GLN H 13 12.55 18.73 35.67
C GLN H 13 13.55 17.96 34.80
N PRO H 14 14.76 18.52 34.61
CA PRO H 14 15.80 17.86 33.82
C PRO H 14 16.24 16.52 34.41
N GLY H 15 16.60 15.57 33.54
CA GLY H 15 17.15 14.30 33.96
C GLY H 15 16.13 13.19 34.09
N LYS H 16 14.85 13.54 34.00
CA LYS H 16 13.77 12.56 34.13
C LYS H 16 13.30 12.08 32.76
N SER H 17 12.15 11.40 32.72
CA SER H 17 11.66 10.76 31.50
C SER H 17 10.25 11.20 31.12
N LEU H 18 9.90 10.98 29.85
CA LEU H 18 8.58 11.31 29.33
C LEU H 18 8.18 10.35 28.20
N ARG H 19 6.88 10.17 28.02
CA ARG H 19 6.35 9.27 26.99
C ARG H 19 5.40 10.02 26.05
N LEU H 20 5.91 10.43 24.89
CA LEU H 20 5.10 11.09 23.89
C LEU H 20 4.32 10.06 23.07
N SER H 21 3.14 10.45 22.59
CA SER H 21 2.29 9.56 21.82
C SER H 21 1.50 10.32 20.76
N CYS H 22 1.69 9.96 19.50
CA CYS H 22 0.99 10.62 18.38
C CYS H 22 -0.04 9.67 17.77
N ALA H 23 -1.31 9.98 17.96
CA ALA H 23 -2.39 9.17 17.42
C ALA H 23 -2.66 9.54 15.97
N ALA H 24 -2.55 8.54 15.09
CA ALA H 24 -2.80 8.73 13.67
C ALA H 24 -4.21 8.23 13.29
N SER H 25 -4.77 8.83 12.25
CA SER H 25 -6.12 8.47 11.80
C SER H 25 -6.39 8.95 10.38
N GLN H 26 -7.43 8.38 9.76
CA GLN H 26 -7.90 8.80 8.43
C GLN H 26 -6.89 8.53 7.31
N PHE H 27 -6.02 7.54 7.50
CA PHE H 27 -5.14 7.08 6.43
C PHE H 27 -4.50 5.74 6.80
N SER H 28 -3.82 5.13 5.84
CA SER H 28 -3.16 3.84 6.06
C SER H 28 -1.84 4.01 6.81
N PHE H 29 -1.88 3.81 8.11
CA PHE H 29 -0.71 4.02 8.97
C PHE H 29 0.42 3.06 8.64
N ASN H 30 0.09 1.79 8.48
CA ASN H 30 1.10 0.75 8.27
C ASN H 30 1.77 0.81 6.89
N ARG H 31 1.45 1.84 6.11
CA ARG H 31 1.99 1.99 4.76
C ARG H 31 3.09 3.06 4.69
N TYR H 32 2.95 4.09 5.52
CA TYR H 32 3.86 5.23 5.48
C TYR H 32 4.82 5.27 6.68
N GLY H 33 5.81 6.14 6.60
CA GLY H 33 6.72 6.38 7.70
C GLY H 33 6.23 7.51 8.58
N MET H 34 6.92 7.74 9.70
CA MET H 34 6.52 8.78 10.65
C MET H 34 7.74 9.50 11.22
N HIS H 35 7.56 10.78 11.56
CA HIS H 35 8.65 11.62 12.04
C HIS H 35 8.25 12.43 13.27
N TRP H 36 9.26 12.83 14.04
CA TRP H 36 9.09 13.76 15.15
C TRP H 36 9.93 15.02 14.90
N VAL H 37 9.26 16.17 14.87
CA VAL H 37 9.93 17.43 14.60
C VAL H 37 9.62 18.45 15.69
N ARG H 38 10.65 18.91 16.38
CA ARG H 38 10.46 19.86 17.48
C ARG H 38 10.75 21.29 17.03
N GLN H 39 10.24 22.25 17.79
CA GLN H 39 10.44 23.66 17.49
C GLN H 39 10.35 24.50 18.76
N ALA H 40 11.50 24.92 19.27
CA ALA H 40 11.54 25.75 20.46
C ALA H 40 10.90 27.10 20.16
N PRO H 41 10.10 27.64 21.09
CA PRO H 41 9.46 28.94 20.87
C PRO H 41 10.44 30.10 21.08
N GLY H 42 10.73 30.96 20.08
CA GLY H 42 10.24 30.87 18.72
C GLY H 42 11.40 30.80 17.76
N LYS H 43 11.96 29.59 17.61
CA LYS H 43 13.11 29.35 16.76
C LYS H 43 12.74 28.43 15.61
N GLY H 44 13.72 28.04 14.81
CA GLY H 44 13.49 27.25 13.62
C GLY H 44 13.08 25.83 13.91
N LEU H 45 12.64 25.12 12.88
CA LEU H 45 12.24 23.72 13.01
C LEU H 45 13.48 22.84 13.19
N GLU H 46 13.27 21.64 13.70
CA GLU H 46 14.37 20.70 13.93
C GLU H 46 13.87 19.26 13.95
N TRP H 47 14.27 18.48 12.94
CA TRP H 47 13.87 17.08 12.86
C TRP H 47 14.54 16.25 13.94
N VAL H 48 13.71 15.58 14.75
CA VAL H 48 14.22 14.79 15.87
C VAL H 48 14.50 13.36 15.44
N ALA H 49 13.46 12.64 15.04
CA ALA H 49 13.60 11.23 14.67
C ALA H 49 12.70 10.85 13.50
N ALA H 50 12.91 9.64 12.98
CA ALA H 50 12.08 9.10 11.91
C ALA H 50 11.98 7.58 12.04
N ILE H 51 10.94 7.01 11.46
CA ILE H 51 10.75 5.56 11.48
C ILE H 51 9.91 5.11 10.28
N SER H 52 10.27 3.96 9.71
CA SER H 52 9.60 3.46 8.52
C SER H 52 8.27 2.79 8.86
N TYR H 53 7.58 2.30 7.84
CA TYR H 53 6.28 1.68 8.01
C TYR H 53 6.37 0.40 8.84
N ASP H 54 7.45 -0.36 8.64
CA ASP H 54 7.62 -1.64 9.32
C ASP H 54 8.39 -1.51 10.63
N GLY H 55 8.98 -0.34 10.85
CA GLY H 55 9.70 -0.08 12.08
C GLY H 55 11.09 -0.71 12.12
N THR H 56 11.59 -1.13 10.96
CA THR H 56 12.92 -1.72 10.86
C THR H 56 13.98 -0.66 10.60
N ASP H 57 13.55 0.51 10.15
CA ASP H 57 14.44 1.65 9.93
C ASP H 57 14.21 2.70 11.01
N LYS H 58 15.30 3.15 11.65
CA LYS H 58 15.22 4.13 12.72
C LYS H 58 16.28 5.21 12.54
N TYR H 59 15.85 6.46 12.56
CA TYR H 59 16.75 7.60 12.39
C TYR H 59 16.59 8.59 13.55
N HIS H 60 17.72 9.12 14.02
CA HIS H 60 17.72 10.07 15.13
C HIS H 60 18.76 11.16 14.92
N ALA H 61 18.52 12.31 15.52
CA ALA H 61 19.47 13.43 15.45
C ALA H 61 20.63 13.18 16.41
N ASP H 62 21.80 13.73 16.07
CA ASP H 62 23.00 13.54 16.88
C ASP H 62 22.86 14.18 18.25
N LYS H 63 22.05 15.24 18.34
CA LYS H 63 21.78 15.90 19.61
C LYS H 63 21.03 14.96 20.55
N VAL H 64 20.37 13.97 19.97
CA VAL H 64 19.51 13.06 20.72
C VAL H 64 20.12 11.67 20.89
N TRP H 65 20.90 11.26 19.89
CA TRP H 65 21.44 9.91 19.79
C TRP H 65 21.89 9.33 21.13
N GLY H 66 21.16 8.33 21.60
CA GLY H 66 21.48 7.64 22.84
C GLY H 66 20.58 8.03 23.99
N ARG H 67 20.06 9.26 23.94
CA ARG H 67 19.28 9.79 25.06
C ARG H 67 17.81 9.40 24.97
N PHE H 68 17.30 9.27 23.75
CA PHE H 68 15.97 8.67 23.56
C PHE H 68 15.72 8.23 22.13
N THR H 69 14.78 7.31 21.97
CA THR H 69 14.60 6.56 20.73
C THR H 69 13.13 6.53 20.27
N ILE H 70 12.94 6.60 18.96
CA ILE H 70 11.60 6.54 18.36
C ILE H 70 11.19 5.09 18.12
N SER H 71 9.88 4.85 18.20
CA SER H 71 9.32 3.53 17.95
C SER H 71 7.86 3.65 17.50
N ARG H 72 7.26 2.54 17.09
CA ARG H 72 5.88 2.55 16.65
C ARG H 72 5.20 1.20 16.87
N ASP H 73 3.90 1.16 16.65
CA ASP H 73 3.12 -0.05 16.81
C ASP H 73 1.94 -0.02 15.84
N ASN H 74 2.09 -0.68 14.69
CA ASN H 74 1.07 -0.69 13.64
C ASN H 74 -0.24 -1.29 14.12
N SER H 75 -0.19 -2.09 15.18
CA SER H 75 -1.39 -2.72 15.72
C SER H 75 -2.14 -1.78 16.66
N LYS H 76 -1.73 -0.51 16.70
CA LYS H 76 -2.40 0.51 17.52
C LYS H 76 -2.54 1.83 16.77
N ASN H 77 -1.94 1.93 15.59
CA ASN H 77 -1.90 3.18 14.83
C ASN H 77 -1.37 4.33 15.67
N THR H 78 -0.43 4.02 16.56
CA THR H 78 0.16 5.00 17.46
C THR H 78 1.68 5.06 17.33
N LEU H 79 2.21 6.27 17.34
CA LEU H 79 3.65 6.49 17.24
C LEU H 79 4.21 6.84 18.61
N TYR H 80 5.33 6.21 18.97
CA TYR H 80 5.95 6.41 20.27
C TYR H 80 7.29 7.13 20.18
N LEU H 81 7.60 7.89 21.23
CA LEU H 81 8.91 8.50 21.39
C LEU H 81 9.25 8.55 22.88
N GLN H 82 9.85 7.46 23.37
CA GLN H 82 10.15 7.32 24.78
C GLN H 82 11.34 8.19 25.14
N MET H 83 11.07 9.36 25.70
CA MET H 83 12.12 10.32 26.03
C MET H 83 12.65 10.10 27.45
N ASN H 84 13.96 10.31 27.61
CA ASN H 84 14.60 10.25 28.92
C ASN H 84 15.90 11.06 28.94
N SER H 85 16.35 11.40 30.14
CA SER H 85 17.52 12.26 30.35
C SER H 85 17.32 13.62 29.69
N LEU H 86 16.15 14.21 29.93
CA LEU H 86 15.81 15.51 29.35
C LEU H 86 16.75 16.61 29.84
N ARG H 87 16.69 17.77 29.19
CA ARG H 87 17.48 18.92 29.60
C ARG H 87 16.86 20.20 29.06
N ALA H 88 17.58 21.32 29.21
CA ALA H 88 17.05 22.63 28.85
C ALA H 88 16.80 22.76 27.36
N GLU H 89 17.67 22.19 26.54
CA GLU H 89 17.57 22.31 25.09
C GLU H 89 16.36 21.56 24.54
N ASP H 90 15.89 20.57 25.28
CA ASP H 90 14.76 19.77 24.84
C ASP H 90 13.44 20.49 25.03
N THR H 91 13.49 21.69 25.59
CA THR H 91 12.29 22.51 25.76
C THR H 91 11.83 23.02 24.40
N ALA H 92 10.72 22.48 23.90
CA ALA H 92 10.22 22.87 22.58
C ALA H 92 8.80 22.38 22.33
N LEU H 93 8.27 22.74 21.17
CA LEU H 93 6.96 22.27 20.73
C LEU H 93 7.15 21.11 19.76
N TYR H 94 6.87 19.90 20.22
CA TYR H 94 7.08 18.70 19.44
C TYR H 94 5.91 18.38 18.53
N TYR H 95 6.20 18.28 17.24
CA TYR H 95 5.19 17.91 16.23
C TYR H 95 5.33 16.46 15.82
N CYS H 96 4.22 15.88 15.38
CA CYS H 96 4.22 14.54 14.78
C CYS H 96 3.84 14.63 13.30
N ALA H 97 4.75 14.21 12.43
CA ALA H 97 4.58 14.38 10.99
C ALA H 97 4.48 13.05 10.23
N LYS H 98 3.57 13.02 9.26
CA LYS H 98 3.40 11.86 8.39
C LYS H 98 4.34 11.96 7.18
N ASP H 99 4.94 10.85 6.79
CA ASP H 99 5.79 10.80 5.61
C ASP H 99 4.93 10.70 4.35
N LEU H 100 5.35 11.37 3.29
CA LEU H 100 4.55 11.44 2.06
C LEU H 100 4.53 10.10 1.32
N ARG H 101 5.69 9.48 1.19
CA ARG H 101 5.83 8.31 0.31
C ARG H 101 5.25 7.03 0.90
N GLU H 102 4.33 6.41 0.17
CA GLU H 102 3.77 5.12 0.54
C GLU H 102 4.85 4.05 0.39
N ASP H 103 5.37 3.58 1.52
CA ASP H 103 6.50 2.66 1.50
C ASP H 103 6.03 1.22 1.26
N GLU H 104 6.75 0.51 0.41
CA GLU H 104 6.47 -0.89 0.13
C GLU H 104 7.77 -1.65 -0.10
N CYS H 105 7.76 -2.95 0.12
CA CYS H 105 8.93 -3.77 -0.13
C CYS H 105 9.13 -3.93 -1.64
N GLU H 106 10.39 -4.06 -2.05
CA GLU H 106 10.74 -4.19 -3.47
C GLU H 106 11.55 -5.46 -3.71
N GLU H 107 12.09 -6.04 -2.65
CA GLU H 107 12.87 -7.26 -2.75
C GLU H 107 12.94 -7.97 -1.41
N TRP H 108 12.53 -9.24 -1.40
CA TRP H 108 12.49 -10.03 -0.17
C TRP H 108 13.70 -10.94 -0.03
N TRP H 109 13.97 -11.37 1.19
CA TRP H 109 15.04 -12.32 1.45
C TRP H 109 14.58 -13.75 1.14
N SER H 110 15.44 -14.50 0.46
CA SER H 110 15.11 -15.88 0.10
C SER H 110 16.34 -16.60 -0.45
N ASP H 111 16.73 -17.69 0.21
CA ASP H 111 17.91 -18.47 -0.18
C ASP H 111 17.54 -19.60 -1.14
N LEU H 119 10.79 -15.07 5.47
CA LEU H 119 11.94 -14.21 5.79
C LEU H 119 11.57 -12.74 5.72
N PRO H 120 12.39 -11.86 6.33
CA PRO H 120 12.11 -10.42 6.32
C PRO H 120 12.38 -9.76 4.96
N CYS H 121 12.26 -8.44 4.91
CA CYS H 121 12.48 -7.69 3.68
C CYS H 121 13.95 -7.33 3.49
N ARG H 122 14.37 -7.17 2.24
CA ARG H 122 15.75 -6.81 1.92
C ARG H 122 15.86 -5.32 1.62
N LYS H 123 15.21 -4.90 0.53
CA LYS H 123 15.23 -3.50 0.11
C LYS H 123 13.82 -2.91 0.08
N SER H 124 13.57 -1.97 0.99
CA SER H 124 12.34 -1.20 0.99
C SER H 124 12.64 0.19 0.45
N ARG H 125 11.61 0.90 0.02
CA ARG H 125 11.78 2.26 -0.47
C ARG H 125 12.27 3.20 0.61
N GLY H 126 11.88 2.92 1.85
CA GLY H 126 12.28 3.73 2.98
C GLY H 126 11.61 5.09 2.97
N VAL H 127 11.78 5.83 4.07
CA VAL H 127 11.19 7.17 4.17
C VAL H 127 11.85 8.13 3.19
N ALA H 128 11.08 9.08 2.68
CA ALA H 128 11.57 10.04 1.71
C ALA H 128 12.02 11.33 2.38
N GLY H 129 11.46 11.62 3.55
CA GLY H 129 11.80 12.82 4.29
C GLY H 129 10.95 14.00 3.87
N ILE H 130 9.68 13.72 3.55
CA ILE H 130 8.74 14.75 3.15
C ILE H 130 7.53 14.73 4.09
N PHE H 131 7.30 15.83 4.78
CA PHE H 131 6.27 15.91 5.80
C PHE H 131 4.99 16.52 5.22
N ASP H 132 4.15 15.68 4.62
CA ASP H 132 2.98 16.17 3.89
C ASP H 132 1.80 16.46 4.81
N LYS H 133 1.79 15.89 6.01
CA LYS H 133 0.72 16.14 6.97
C LYS H 133 1.29 16.31 8.38
N TRP H 134 0.98 17.45 8.99
CA TRP H 134 1.50 17.79 10.32
C TRP H 134 0.42 17.70 11.38
N GLY H 135 0.81 17.31 12.59
CA GLY H 135 -0.07 17.35 13.74
C GLY H 135 -0.01 18.75 14.33
N GLN H 136 -0.87 19.02 15.30
CA GLN H 136 -0.92 20.35 15.91
C GLN H 136 0.16 20.51 16.98
N GLY H 137 0.86 19.41 17.28
CA GLY H 137 1.99 19.45 18.20
C GLY H 137 1.59 19.43 19.65
N THR H 138 2.56 19.09 20.51
CA THR H 138 2.36 19.08 21.95
C THR H 138 3.57 19.71 22.63
N MET H 139 3.32 20.59 23.59
CA MET H 139 4.37 21.38 24.21
C MET H 139 5.09 20.63 25.33
N VAL H 140 6.41 20.54 25.21
CA VAL H 140 7.24 19.90 26.21
C VAL H 140 8.19 20.91 26.85
N ILE H 141 7.99 21.15 28.14
CA ILE H 141 8.77 22.14 28.89
C ILE H 141 9.67 21.43 29.90
N VAL H 142 10.97 21.74 29.83
CA VAL H 142 11.94 21.17 30.75
C VAL H 142 12.77 22.26 31.40
N SER H 143 12.42 22.63 32.63
CA SER H 143 13.12 23.68 33.36
C SER H 143 13.25 23.30 34.83
N SER H 144 14.41 23.60 35.40
CA SER H 144 14.66 23.40 36.83
C SER H 144 14.46 24.71 37.58
N ALA H 145 13.26 25.28 37.44
CA ALA H 145 12.96 26.60 38.00
C ALA H 145 11.83 26.53 39.02
N SER H 146 11.84 27.50 39.94
CA SER H 146 10.76 27.67 40.90
C SER H 146 10.44 29.15 41.03
N THR H 147 9.33 29.46 41.70
CA THR H 147 8.90 30.84 41.84
C THR H 147 9.87 31.63 42.74
N LYS H 148 10.56 32.60 42.15
CA LYS H 148 11.39 33.52 42.93
C LYS H 148 11.25 34.95 42.39
N GLY H 149 11.74 35.91 43.16
CA GLY H 149 11.61 37.31 42.81
C GLY H 149 12.72 37.84 41.92
N PRO H 150 12.52 39.02 41.35
CA PRO H 150 13.47 39.65 40.43
C PRO H 150 14.57 40.44 41.13
N SER H 151 15.81 40.25 40.69
CA SER H 151 16.92 41.05 41.17
C SER H 151 17.11 42.24 40.24
N VAL H 152 16.46 43.35 40.57
CA VAL H 152 16.49 44.55 39.72
C VAL H 152 17.88 45.18 39.69
N PHE H 153 18.23 45.77 38.54
CA PHE H 153 19.49 46.49 38.40
C PHE H 153 19.32 47.79 37.62
N PRO H 154 20.20 48.78 37.89
CA PRO H 154 20.18 50.09 37.21
C PRO H 154 20.79 50.05 35.82
N LEU H 155 20.08 50.62 34.86
CA LEU H 155 20.53 50.67 33.48
C LEU H 155 20.58 52.11 33.01
N ALA H 156 21.78 52.55 32.59
CA ALA H 156 22.05 53.84 31.94
C ALA H 156 22.91 54.76 32.81
N PRO H 157 23.17 55.99 32.32
CA PRO H 157 23.07 56.53 30.97
C PRO H 157 24.36 57.11 30.38
N SER H 158 24.98 58.04 31.10
CA SER H 158 25.99 58.91 30.51
C SER H 158 27.41 58.55 30.96
N SER H 159 28.31 59.52 30.90
CA SER H 159 29.70 59.32 31.29
C SER H 159 30.44 60.64 31.40
N GLY H 164 21.16 70.25 22.89
CA GLY H 164 20.75 69.45 24.04
C GLY H 164 20.73 67.99 23.65
N GLY H 165 19.59 67.34 23.84
CA GLY H 165 19.42 66.01 23.30
C GLY H 165 18.53 65.06 24.08
N THR H 166 19.03 63.84 24.17
CA THR H 166 18.19 62.67 24.43
C THR H 166 18.95 61.63 25.23
N ALA H 167 18.44 61.31 26.41
CA ALA H 167 19.06 60.31 27.27
C ALA H 167 18.31 59.00 27.13
N ALA H 168 18.73 57.99 27.89
CA ALA H 168 18.13 56.66 27.79
C ALA H 168 18.32 55.87 29.08
N LEU H 169 17.42 56.05 30.04
CA LEU H 169 17.49 55.32 31.31
C LEU H 169 16.61 54.09 31.27
N GLY H 170 16.88 53.15 32.18
CA GLY H 170 16.10 51.93 32.25
C GLY H 170 16.49 51.03 33.40
N CYS H 171 15.79 49.91 33.51
CA CYS H 171 16.00 48.95 34.58
C CYS H 171 16.19 47.54 34.02
N LEU H 172 16.93 46.72 34.75
CA LEU H 172 17.14 45.33 34.39
C LEU H 172 16.53 44.41 35.43
N VAL H 173 15.41 43.78 35.08
CA VAL H 173 14.74 42.83 35.96
C VAL H 173 15.23 41.42 35.65
N LYS H 174 16.05 40.87 36.54
CA LYS H 174 16.80 39.64 36.26
C LYS H 174 16.39 38.45 37.12
N ASP H 175 16.37 37.27 36.51
CA ASP H 175 16.13 36.00 37.19
C ASP H 175 14.88 36.00 38.07
N TYR H 176 13.71 36.07 37.43
CA TYR H 176 12.44 35.94 38.13
C TYR H 176 11.58 34.90 37.43
N PHE H 177 10.52 34.46 38.10
CA PHE H 177 9.64 33.45 37.54
C PHE H 177 8.39 33.32 38.41
N PRO H 178 7.20 33.23 37.78
CA PRO H 178 6.85 33.38 36.37
C PRO H 178 6.24 34.74 36.08
N GLU H 179 5.84 34.99 34.84
CA GLU H 179 5.21 36.25 34.48
C GLU H 179 3.90 36.42 35.23
N PRO H 180 3.35 37.65 35.25
CA PRO H 180 3.85 38.87 34.62
C PRO H 180 4.68 39.74 35.55
N VAL H 181 5.25 40.81 34.99
CA VAL H 181 6.01 41.79 35.76
C VAL H 181 5.80 43.19 35.21
N THR H 182 4.89 43.93 35.82
CA THR H 182 4.57 45.27 35.36
C THR H 182 5.61 46.27 35.80
N VAL H 183 5.77 47.35 35.03
CA VAL H 183 6.75 48.39 35.35
C VAL H 183 6.19 49.78 35.05
N SER H 184 6.56 50.75 35.88
CA SER H 184 6.22 52.14 35.66
C SER H 184 7.36 53.02 36.15
N TRP H 185 7.26 54.33 35.91
CA TRP H 185 8.32 55.26 36.31
C TRP H 185 7.80 56.46 37.09
N ASN H 186 8.50 56.80 38.16
CA ASN H 186 8.12 57.90 39.05
C ASN H 186 6.66 57.82 39.45
N SER H 187 6.27 56.66 39.99
CA SER H 187 4.90 56.43 40.45
C SER H 187 3.90 56.59 39.30
N GLY H 188 4.28 56.12 38.11
CA GLY H 188 3.40 56.15 36.96
C GLY H 188 3.17 57.53 36.38
N ALA H 189 3.80 58.54 36.98
CA ALA H 189 3.64 59.92 36.52
C ALA H 189 4.29 60.12 35.16
N LEU H 190 5.50 59.59 35.01
CA LEU H 190 6.25 59.70 33.76
C LEU H 190 5.95 58.51 32.85
N THR H 191 5.11 58.75 31.83
CA THR H 191 4.75 57.72 30.86
C THR H 191 5.22 58.11 29.45
N SER H 192 5.68 59.34 29.30
CA SER H 192 6.14 59.84 28.01
C SER H 192 7.51 59.29 27.64
N GLY H 193 7.63 58.76 26.43
CA GLY H 193 8.90 58.23 25.95
C GLY H 193 9.38 57.06 26.78
N VAL H 194 8.50 56.09 27.00
CA VAL H 194 8.81 54.91 27.79
C VAL H 194 8.51 53.65 26.98
N HIS H 195 9.28 52.59 27.22
CA HIS H 195 9.04 51.32 26.53
C HIS H 195 9.55 50.13 27.34
N THR H 196 8.61 49.27 27.74
CA THR H 196 8.94 48.05 28.47
C THR H 196 8.99 46.87 27.51
N PHE H 197 10.18 46.30 27.33
CA PHE H 197 10.37 45.21 26.38
C PHE H 197 9.81 43.90 26.94
N PRO H 198 9.43 42.97 26.06
CA PRO H 198 8.97 41.65 26.52
C PRO H 198 10.11 40.84 27.14
N ALA H 199 9.78 39.86 27.97
CA ALA H 199 10.79 39.07 28.67
C ALA H 199 11.33 37.95 27.80
N VAL H 200 12.52 37.46 28.15
CA VAL H 200 13.12 36.31 27.47
C VAL H 200 12.93 35.04 28.28
N LEU H 201 13.44 33.93 27.76
CA LEU H 201 13.49 32.67 28.49
C LEU H 201 14.93 32.25 28.65
N GLN H 202 15.51 32.55 29.80
CA GLN H 202 16.90 32.23 30.09
C GLN H 202 17.16 30.72 29.95
N SER H 203 18.44 30.35 29.89
CA SER H 203 18.83 28.95 29.77
C SER H 203 18.24 28.11 30.91
N SER H 204 18.05 28.75 32.06
CA SER H 204 17.46 28.09 33.21
C SER H 204 15.93 28.24 33.21
N GLY H 205 15.38 28.63 32.08
CA GLY H 205 13.94 28.76 31.94
C GLY H 205 13.33 29.82 32.84
N LEU H 206 14.08 30.89 33.08
CA LEU H 206 13.61 32.01 33.90
C LEU H 206 13.34 33.25 33.05
N TYR H 207 12.33 34.00 33.44
CA TYR H 207 11.94 35.22 32.73
C TYR H 207 12.78 36.43 33.19
N SER H 208 12.95 37.39 32.29
CA SER H 208 13.71 38.60 32.59
C SER H 208 13.45 39.66 31.52
N LEU H 209 12.96 40.82 31.95
CA LEU H 209 12.62 41.91 31.04
C LEU H 209 13.43 43.17 31.31
N SER H 210 13.11 44.24 30.59
CA SER H 210 13.77 45.53 30.76
C SER H 210 12.88 46.65 30.26
N SER H 211 12.90 47.78 30.97
CA SER H 211 12.09 48.94 30.63
C SER H 211 12.97 50.16 30.44
N VAL H 212 12.94 50.73 29.23
CA VAL H 212 13.75 51.90 28.92
C VAL H 212 12.90 53.16 28.80
N VAL H 213 13.44 54.26 29.32
CA VAL H 213 12.81 55.57 29.19
C VAL H 213 13.82 56.52 28.57
N THR H 214 13.38 57.28 27.58
CA THR H 214 14.22 58.28 26.92
C THR H 214 13.78 59.65 27.39
N VAL H 215 14.72 60.41 27.94
CA VAL H 215 14.40 61.58 28.75
C VAL H 215 15.25 62.79 28.35
N PRO H 216 14.69 64.01 28.51
CA PRO H 216 15.51 65.22 28.29
C PRO H 216 16.84 65.16 29.02
N SER H 217 17.92 65.14 28.26
CA SER H 217 19.27 65.02 28.81
C SER H 217 19.62 66.18 29.74
N SER H 218 18.79 67.22 29.75
CA SER H 218 19.04 68.40 30.57
C SER H 218 18.67 68.19 32.04
N SER H 219 17.86 67.17 32.32
CA SER H 219 17.32 66.95 33.66
C SER H 219 17.99 65.80 34.41
N LEU H 220 18.99 65.19 33.77
CA LEU H 220 19.67 64.03 34.37
C LEU H 220 20.29 64.36 35.74
N GLY H 221 20.85 65.55 35.88
CA GLY H 221 21.51 65.93 37.12
C GLY H 221 20.55 66.38 38.21
N THR H 222 19.33 66.71 37.81
CA THR H 222 18.32 67.22 38.74
C THR H 222 17.21 66.20 39.00
N GLN H 223 16.40 65.93 37.99
CA GLN H 223 15.27 65.02 38.11
C GLN H 223 15.73 63.59 38.41
N THR H 224 15.19 63.02 39.48
CA THR H 224 15.50 61.64 39.86
C THR H 224 14.47 60.67 39.28
N TYR H 225 14.93 59.50 38.85
CA TYR H 225 14.07 58.52 38.21
C TYR H 225 14.06 57.22 38.98
N ILE H 226 12.85 56.74 39.26
CA ILE H 226 12.65 55.52 40.04
C ILE H 226 11.65 54.60 39.34
N CYS H 227 12.13 53.44 38.91
CA CYS H 227 11.29 52.46 38.23
C CYS H 227 10.55 51.58 39.23
N ASN H 228 9.23 51.50 39.08
CA ASN H 228 8.41 50.72 39.99
C ASN H 228 8.16 49.31 39.48
N VAL H 229 9.06 48.39 39.81
CA VAL H 229 8.93 47.00 39.41
C VAL H 229 7.91 46.29 40.31
N ASN H 230 7.14 45.37 39.72
CA ASN H 230 6.12 44.63 40.46
C ASN H 230 6.02 43.20 39.97
N HIS H 231 6.16 42.25 40.89
CA HIS H 231 6.08 40.83 40.58
C HIS H 231 5.15 40.15 41.58
N LYS H 232 3.90 40.00 41.18
CA LYS H 232 2.83 39.53 42.08
C LYS H 232 2.99 38.06 42.50
N PRO H 233 3.33 37.17 41.56
CA PRO H 233 3.43 35.74 41.93
C PRO H 233 4.45 35.49 43.03
N SER H 234 5.26 36.50 43.36
CA SER H 234 6.26 36.37 44.40
C SER H 234 6.25 37.56 45.37
N ASN H 235 5.16 38.33 45.35
CA ASN H 235 4.92 39.39 46.34
C ASN H 235 5.96 40.52 46.37
N THR H 236 6.88 40.54 45.41
CA THR H 236 8.00 41.48 45.45
C THR H 236 7.72 42.78 44.69
N LYS H 237 7.96 43.90 45.37
CA LYS H 237 7.91 45.23 44.76
C LYS H 237 9.25 45.93 44.97
N VAL H 238 9.75 46.59 43.94
CA VAL H 238 11.03 47.28 44.01
C VAL H 238 10.96 48.65 43.37
N ASP H 239 11.52 49.64 44.05
CA ASP H 239 11.62 51.00 43.52
C ASP H 239 13.08 51.38 43.40
N LYS H 240 13.74 50.88 42.35
CA LYS H 240 15.16 51.13 42.15
C LYS H 240 15.39 52.55 41.66
N ARG H 241 16.22 53.29 42.39
CA ARG H 241 16.60 54.64 42.00
C ARG H 241 17.69 54.59 40.93
N VAL H 242 17.39 55.15 39.76
CA VAL H 242 18.35 55.18 38.64
C VAL H 242 18.94 56.57 38.45
N GLU H 243 20.26 56.66 38.48
CA GLU H 243 20.96 57.93 38.29
C GLU H 243 22.23 57.70 37.47
N PRO H 244 22.80 58.77 36.90
CA PRO H 244 24.00 58.63 36.08
C PRO H 244 25.29 58.44 36.87
N LYS H 245 26.12 57.53 36.39
CA LYS H 245 27.44 57.29 36.97
C LYS H 245 28.46 58.26 36.39
N SER H 246 29.62 58.35 37.05
CA SER H 246 30.70 59.22 36.58
C SER H 246 31.72 58.42 35.76
#